data_1COT
# 
_entry.id   1COT 
# 
_audit_conform.dict_name       mmcif_pdbx.dic 
_audit_conform.dict_version    5.399 
_audit_conform.dict_location   http://mmcif.pdb.org/dictionaries/ascii/mmcif_pdbx.dic 
# 
loop_
_database_2.database_id 
_database_2.database_code 
_database_2.pdbx_database_accession 
_database_2.pdbx_DOI 
PDB   1COT         pdb_00001cot 10.2210/pdb1cot/pdb 
WWPDB D_1000172441 ?            ?                   
# 
loop_
_pdbx_audit_revision_history.ordinal 
_pdbx_audit_revision_history.data_content_type 
_pdbx_audit_revision_history.major_revision 
_pdbx_audit_revision_history.minor_revision 
_pdbx_audit_revision_history.revision_date 
1 'Structure model' 1 0 1994-09-30 
2 'Structure model' 1 1 2008-03-24 
3 'Structure model' 1 2 2011-07-13 
4 'Structure model' 1 3 2017-11-29 
5 'Structure model' 2 0 2021-03-03 
6 'Structure model' 2 1 2024-11-20 
# 
_pdbx_audit_revision_details.ordinal             1 
_pdbx_audit_revision_details.revision_ordinal    1 
_pdbx_audit_revision_details.data_content_type   'Structure model' 
_pdbx_audit_revision_details.provider            repository 
_pdbx_audit_revision_details.type                'Initial release' 
_pdbx_audit_revision_details.description         ? 
_pdbx_audit_revision_details.details             ? 
# 
loop_
_pdbx_audit_revision_group.ordinal 
_pdbx_audit_revision_group.revision_ordinal 
_pdbx_audit_revision_group.data_content_type 
_pdbx_audit_revision_group.group 
1  2 'Structure model' 'Version format compliance' 
2  3 'Structure model' 'Version format compliance' 
3  4 'Structure model' 'Derived calculations'      
4  4 'Structure model' Other                       
5  5 'Structure model' Advisory                    
6  5 'Structure model' 'Atomic model'              
7  5 'Structure model' 'Data collection'           
8  5 'Structure model' 'Derived calculations'      
9  5 'Structure model' 'Non-polymer description'   
10 5 'Structure model' 'Structure summary'         
11 6 'Structure model' 'Data collection'           
12 6 'Structure model' 'Database references'       
13 6 'Structure model' 'Structure summary'         
# 
loop_
_pdbx_audit_revision_category.ordinal 
_pdbx_audit_revision_category.revision_ordinal 
_pdbx_audit_revision_category.data_content_type 
_pdbx_audit_revision_category.category 
1  4 'Structure model' pdbx_database_status        
2  4 'Structure model' struct_conf                 
3  4 'Structure model' struct_conf_type            
4  5 'Structure model' atom_site                   
5  5 'Structure model' chem_comp                   
6  5 'Structure model' entity                      
7  5 'Structure model' pdbx_distant_solvent_atoms  
8  5 'Structure model' pdbx_entity_nonpoly         
9  5 'Structure model' pdbx_nonpoly_scheme         
10 5 'Structure model' pdbx_struct_conn_angle      
11 5 'Structure model' pdbx_validate_close_contact 
12 5 'Structure model' struct_conn                 
13 5 'Structure model' struct_site                 
14 6 'Structure model' chem_comp_atom              
15 6 'Structure model' chem_comp_bond              
16 6 'Structure model' database_2                  
17 6 'Structure model' pdbx_entry_details          
18 6 'Structure model' pdbx_modification_feature   
# 
loop_
_pdbx_audit_revision_item.ordinal 
_pdbx_audit_revision_item.revision_ordinal 
_pdbx_audit_revision_item.data_content_type 
_pdbx_audit_revision_item.item 
1  4 'Structure model' '_pdbx_database_status.process_site'          
2  5 'Structure model' '_atom_site.B_iso_or_equiv'                   
3  5 'Structure model' '_atom_site.Cartn_x'                          
4  5 'Structure model' '_atom_site.Cartn_y'                          
5  5 'Structure model' '_atom_site.Cartn_z'                          
6  5 'Structure model' '_atom_site.auth_atom_id'                     
7  5 'Structure model' '_atom_site.auth_comp_id'                     
8  5 'Structure model' '_atom_site.label_atom_id'                    
9  5 'Structure model' '_atom_site.label_comp_id'                    
10 5 'Structure model' '_atom_site.type_symbol'                      
11 5 'Structure model' '_chem_comp.formula'                          
12 5 'Structure model' '_chem_comp.formula_weight'                   
13 5 'Structure model' '_chem_comp.id'                               
14 5 'Structure model' '_chem_comp.name'                             
15 5 'Structure model' '_chem_comp.pdbx_synonyms'                    
16 5 'Structure model' '_entity.formula_weight'                      
17 5 'Structure model' '_entity.pdbx_description'                    
18 5 'Structure model' '_pdbx_entity_nonpoly.comp_id'                
19 5 'Structure model' '_pdbx_entity_nonpoly.name'                   
20 5 'Structure model' '_pdbx_nonpoly_scheme.mon_id'                 
21 5 'Structure model' '_pdbx_nonpoly_scheme.pdb_mon_id'             
22 5 'Structure model' '_pdbx_struct_conn_angle.ptnr1_auth_comp_id'  
23 5 'Structure model' '_pdbx_struct_conn_angle.ptnr1_label_comp_id' 
24 5 'Structure model' '_pdbx_struct_conn_angle.ptnr2_auth_comp_id'  
25 5 'Structure model' '_pdbx_struct_conn_angle.ptnr2_label_comp_id' 
26 5 'Structure model' '_pdbx_struct_conn_angle.ptnr3_auth_comp_id'  
27 5 'Structure model' '_pdbx_struct_conn_angle.ptnr3_label_comp_id' 
28 5 'Structure model' '_pdbx_validate_close_contact.auth_comp_id_2' 
29 5 'Structure model' '_struct_conn.pdbx_leaving_atom_flag'         
30 5 'Structure model' '_struct_conn.ptnr1_auth_comp_id'             
31 5 'Structure model' '_struct_conn.ptnr1_auth_seq_id'              
32 5 'Structure model' '_struct_conn.ptnr1_label_asym_id'            
33 5 'Structure model' '_struct_conn.ptnr1_label_atom_id'            
34 5 'Structure model' '_struct_conn.ptnr1_label_comp_id'            
35 5 'Structure model' '_struct_conn.ptnr1_label_seq_id'             
36 5 'Structure model' '_struct_conn.ptnr2_auth_comp_id'             
37 5 'Structure model' '_struct_conn.ptnr2_auth_seq_id'              
38 5 'Structure model' '_struct_conn.ptnr2_label_asym_id'            
39 5 'Structure model' '_struct_conn.ptnr2_label_atom_id'            
40 5 'Structure model' '_struct_conn.ptnr2_label_comp_id'            
41 5 'Structure model' '_struct_conn.ptnr2_label_seq_id'             
42 5 'Structure model' '_struct_site.details'                        
43 5 'Structure model' '_struct_site.pdbx_auth_asym_id'              
44 5 'Structure model' '_struct_site.pdbx_auth_comp_id'              
45 5 'Structure model' '_struct_site.pdbx_auth_seq_id'               
46 6 'Structure model' '_database_2.pdbx_DOI'                        
47 6 'Structure model' '_database_2.pdbx_database_accession'         
# 
_pdbx_database_status.status_code                     REL 
_pdbx_database_status.entry_id                        1COT 
_pdbx_database_status.recvd_initial_deposition_date   1994-07-06 
_pdbx_database_status.deposit_site                    ? 
_pdbx_database_status.process_site                    BNL 
_pdbx_database_status.SG_entry                        . 
_pdbx_database_status.pdb_format_compatible           Y 
_pdbx_database_status.status_code_mr                  ? 
_pdbx_database_status.status_code_sf                  ? 
_pdbx_database_status.status_code_cs                  ? 
_pdbx_database_status.methods_development_category    ? 
_pdbx_database_status.status_code_nmr_data            ? 
# 
loop_
_audit_author.name 
_audit_author.pdbx_ordinal 
'Benning, M.M.' 1 
'Meyer, T.E.'   2 
'Holden, H.M.'  3 
# 
_citation.id                        primary 
_citation.title                     
'X-Ray structure of the cytochrome c2 isolated from Paracoccus denitrificans refined to 1.7-A resolution.' 
_citation.journal_abbrev            Arch.Biochem.Biophys. 
_citation.journal_volume            310 
_citation.page_first                460 
_citation.page_last                 466 
_citation.year                      1994 
_citation.journal_id_ASTM           ABBIA4 
_citation.country                   US 
_citation.journal_id_ISSN           0003-9861 
_citation.journal_id_CSD            0158 
_citation.book_publisher            ? 
_citation.pdbx_database_id_PubMed   8179333 
_citation.pdbx_database_id_DOI      10.1006/abbi.1994.1193 
# 
loop_
_citation_author.citation_id 
_citation_author.name 
_citation_author.ordinal 
_citation_author.identifier_ORCID 
primary 'Benning, M.M.' 1 ? 
primary 'Meyer, T.E.'   2 ? 
primary 'Holden, H.M.'  3 ? 
# 
loop_
_entity.id 
_entity.type 
_entity.src_method 
_entity.pdbx_description 
_entity.formula_weight 
_entity.pdbx_number_of_molecules 
_entity.pdbx_ec 
_entity.pdbx_mutation 
_entity.pdbx_fragment 
_entity.details 
1 polymer     man 'CYTOCHROME C2' 13842.557 1   ? ? ? ? 
2 non-polymer syn 'HEME C'        618.503   1   ? ? ? ? 
3 water       nat water           18.015    103 ? ? ? ? 
# 
_entity_poly.entity_id                      1 
_entity_poly.type                           'polypeptide(L)' 
_entity_poly.nstd_linkage                   no 
_entity_poly.nstd_monomer                   no 
_entity_poly.pdbx_seq_one_letter_code       
;QDGDAAKGEKEFNKCKACHMIQAPDGTDIIKGGKTGPNLYGVVGRKIASEEGFKYGEGILEVAEKNPDLTWTEADLIEYV
TDPKPWLVKMTDDKGAKTKMTFKMGKNQADVVAFLAQNSPDAGGDGEAA
;
_entity_poly.pdbx_seq_one_letter_code_can   
;QDGDAAKGEKEFNKCKACHMIQAPDGTDIIKGGKTGPNLYGVVGRKIASEEGFKYGEGILEVAEKNPDLTWTEADLIEYV
TDPKPWLVKMTDDKGAKTKMTFKMGKNQADVVAFLAQNSPDAGGDGEAA
;
_entity_poly.pdbx_strand_id                 A 
_entity_poly.pdbx_target_identifier         ? 
# 
loop_
_pdbx_entity_nonpoly.entity_id 
_pdbx_entity_nonpoly.name 
_pdbx_entity_nonpoly.comp_id 
2 'HEME C' HEC 
3 water    HOH 
# 
loop_
_entity_poly_seq.entity_id 
_entity_poly_seq.num 
_entity_poly_seq.mon_id 
_entity_poly_seq.hetero 
1 1   GLN n 
1 2   ASP n 
1 3   GLY n 
1 4   ASP n 
1 5   ALA n 
1 6   ALA n 
1 7   LYS n 
1 8   GLY n 
1 9   GLU n 
1 10  LYS n 
1 11  GLU n 
1 12  PHE n 
1 13  ASN n 
1 14  LYS n 
1 15  CYS n 
1 16  LYS n 
1 17  ALA n 
1 18  CYS n 
1 19  HIS n 
1 20  MET n 
1 21  ILE n 
1 22  GLN n 
1 23  ALA n 
1 24  PRO n 
1 25  ASP n 
1 26  GLY n 
1 27  THR n 
1 28  ASP n 
1 29  ILE n 
1 30  ILE n 
1 31  LYS n 
1 32  GLY n 
1 33  GLY n 
1 34  LYS n 
1 35  THR n 
1 36  GLY n 
1 37  PRO n 
1 38  ASN n 
1 39  LEU n 
1 40  TYR n 
1 41  GLY n 
1 42  VAL n 
1 43  VAL n 
1 44  GLY n 
1 45  ARG n 
1 46  LYS n 
1 47  ILE n 
1 48  ALA n 
1 49  SER n 
1 50  GLU n 
1 51  GLU n 
1 52  GLY n 
1 53  PHE n 
1 54  LYS n 
1 55  TYR n 
1 56  GLY n 
1 57  GLU n 
1 58  GLY n 
1 59  ILE n 
1 60  LEU n 
1 61  GLU n 
1 62  VAL n 
1 63  ALA n 
1 64  GLU n 
1 65  LYS n 
1 66  ASN n 
1 67  PRO n 
1 68  ASP n 
1 69  LEU n 
1 70  THR n 
1 71  TRP n 
1 72  THR n 
1 73  GLU n 
1 74  ALA n 
1 75  ASP n 
1 76  LEU n 
1 77  ILE n 
1 78  GLU n 
1 79  TYR n 
1 80  VAL n 
1 81  THR n 
1 82  ASP n 
1 83  PRO n 
1 84  LYS n 
1 85  PRO n 
1 86  TRP n 
1 87  LEU n 
1 88  VAL n 
1 89  LYS n 
1 90  MET n 
1 91  THR n 
1 92  ASP n 
1 93  ASP n 
1 94  LYS n 
1 95  GLY n 
1 96  ALA n 
1 97  LYS n 
1 98  THR n 
1 99  LYS n 
1 100 MET n 
1 101 THR n 
1 102 PHE n 
1 103 LYS n 
1 104 MET n 
1 105 GLY n 
1 106 LYS n 
1 107 ASN n 
1 108 GLN n 
1 109 ALA n 
1 110 ASP n 
1 111 VAL n 
1 112 VAL n 
1 113 ALA n 
1 114 PHE n 
1 115 LEU n 
1 116 ALA n 
1 117 GLN n 
1 118 ASN n 
1 119 SER n 
1 120 PRO n 
1 121 ASP n 
1 122 ALA n 
1 123 GLY n 
1 124 GLY n 
1 125 ASP n 
1 126 GLY n 
1 127 GLU n 
1 128 ALA n 
1 129 ALA n 
# 
_entity_src_gen.entity_id                          1 
_entity_src_gen.pdbx_src_id                        1 
_entity_src_gen.pdbx_alt_source_flag               sample 
_entity_src_gen.pdbx_seq_type                      ? 
_entity_src_gen.pdbx_beg_seq_num                   ? 
_entity_src_gen.pdbx_end_seq_num                   ? 
_entity_src_gen.gene_src_common_name               ? 
_entity_src_gen.gene_src_genus                     Paracoccus 
_entity_src_gen.pdbx_gene_src_gene                 ? 
_entity_src_gen.gene_src_species                   ? 
_entity_src_gen.gene_src_strain                    ? 
_entity_src_gen.gene_src_tissue                    ? 
_entity_src_gen.gene_src_tissue_fraction           ? 
_entity_src_gen.gene_src_details                   ? 
_entity_src_gen.pdbx_gene_src_fragment             ? 
_entity_src_gen.pdbx_gene_src_scientific_name      'Paracoccus denitrificans' 
_entity_src_gen.pdbx_gene_src_ncbi_taxonomy_id     266 
_entity_src_gen.pdbx_gene_src_variant              ? 
_entity_src_gen.pdbx_gene_src_cell_line            ? 
_entity_src_gen.pdbx_gene_src_atcc                 ? 
_entity_src_gen.pdbx_gene_src_organ                ? 
_entity_src_gen.pdbx_gene_src_organelle            ? 
_entity_src_gen.pdbx_gene_src_cell                 ? 
_entity_src_gen.pdbx_gene_src_cellular_location    ? 
_entity_src_gen.host_org_common_name               ? 
_entity_src_gen.pdbx_host_org_scientific_name      ? 
_entity_src_gen.pdbx_host_org_ncbi_taxonomy_id     ? 
_entity_src_gen.host_org_genus                     ? 
_entity_src_gen.pdbx_host_org_gene                 ? 
_entity_src_gen.pdbx_host_org_organ                ? 
_entity_src_gen.host_org_species                   ? 
_entity_src_gen.pdbx_host_org_tissue               ? 
_entity_src_gen.pdbx_host_org_tissue_fraction      ? 
_entity_src_gen.pdbx_host_org_strain               ? 
_entity_src_gen.pdbx_host_org_variant              ? 
_entity_src_gen.pdbx_host_org_cell_line            ? 
_entity_src_gen.pdbx_host_org_atcc                 ? 
_entity_src_gen.pdbx_host_org_culture_collection   ? 
_entity_src_gen.pdbx_host_org_cell                 ? 
_entity_src_gen.pdbx_host_org_organelle            ? 
_entity_src_gen.pdbx_host_org_cellular_location    ? 
_entity_src_gen.pdbx_host_org_vector_type          ? 
_entity_src_gen.pdbx_host_org_vector               ? 
_entity_src_gen.host_org_details                   ? 
_entity_src_gen.expression_system_id               ? 
_entity_src_gen.plasmid_name                       ? 
_entity_src_gen.plasmid_details                    ? 
_entity_src_gen.pdbx_description                   ? 
# 
loop_
_chem_comp.id 
_chem_comp.type 
_chem_comp.mon_nstd_flag 
_chem_comp.name 
_chem_comp.pdbx_synonyms 
_chem_comp.formula 
_chem_comp.formula_weight 
ALA 'L-peptide linking' y ALANINE         ? 'C3 H7 N O2'       89.093  
ARG 'L-peptide linking' y ARGININE        ? 'C6 H15 N4 O2 1'   175.209 
ASN 'L-peptide linking' y ASPARAGINE      ? 'C4 H8 N2 O3'      132.118 
ASP 'L-peptide linking' y 'ASPARTIC ACID' ? 'C4 H7 N O4'       133.103 
CYS 'L-peptide linking' y CYSTEINE        ? 'C3 H7 N O2 S'     121.158 
GLN 'L-peptide linking' y GLUTAMINE       ? 'C5 H10 N2 O3'     146.144 
GLU 'L-peptide linking' y 'GLUTAMIC ACID' ? 'C5 H9 N O4'       147.129 
GLY 'peptide linking'   y GLYCINE         ? 'C2 H5 N O2'       75.067  
HEC non-polymer         . 'HEME C'        ? 'C34 H34 Fe N4 O4' 618.503 
HIS 'L-peptide linking' y HISTIDINE       ? 'C6 H10 N3 O2 1'   156.162 
HOH non-polymer         . WATER           ? 'H2 O'             18.015  
ILE 'L-peptide linking' y ISOLEUCINE      ? 'C6 H13 N O2'      131.173 
LEU 'L-peptide linking' y LEUCINE         ? 'C6 H13 N O2'      131.173 
LYS 'L-peptide linking' y LYSINE          ? 'C6 H15 N2 O2 1'   147.195 
MET 'L-peptide linking' y METHIONINE      ? 'C5 H11 N O2 S'    149.211 
PHE 'L-peptide linking' y PHENYLALANINE   ? 'C9 H11 N O2'      165.189 
PRO 'L-peptide linking' y PROLINE         ? 'C5 H9 N O2'       115.130 
SER 'L-peptide linking' y SERINE          ? 'C3 H7 N O3'       105.093 
THR 'L-peptide linking' y THREONINE       ? 'C4 H9 N O3'       119.119 
TRP 'L-peptide linking' y TRYPTOPHAN      ? 'C11 H12 N2 O2'    204.225 
TYR 'L-peptide linking' y TYROSINE        ? 'C9 H11 N O3'      181.189 
VAL 'L-peptide linking' y VALINE          ? 'C5 H11 N O2'      117.146 
# 
loop_
_pdbx_poly_seq_scheme.asym_id 
_pdbx_poly_seq_scheme.entity_id 
_pdbx_poly_seq_scheme.seq_id 
_pdbx_poly_seq_scheme.mon_id 
_pdbx_poly_seq_scheme.ndb_seq_num 
_pdbx_poly_seq_scheme.pdb_seq_num 
_pdbx_poly_seq_scheme.auth_seq_num 
_pdbx_poly_seq_scheme.pdb_mon_id 
_pdbx_poly_seq_scheme.auth_mon_id 
_pdbx_poly_seq_scheme.pdb_strand_id 
_pdbx_poly_seq_scheme.pdb_ins_code 
_pdbx_poly_seq_scheme.hetero 
A 1 1   GLN 1   1   ?   ?   ?   A . n 
A 1 2   ASP 2   2   2   ASP ASP A . n 
A 1 3   GLY 3   3   3   GLY GLY A . n 
A 1 4   ASP 4   4   4   ASP ASP A . n 
A 1 5   ALA 5   5   5   ALA ALA A . n 
A 1 6   ALA 6   6   6   ALA ALA A . n 
A 1 7   LYS 7   7   7   LYS LYS A . n 
A 1 8   GLY 8   8   8   GLY GLY A . n 
A 1 9   GLU 9   9   9   GLU GLU A . n 
A 1 10  LYS 10  10  10  LYS LYS A . n 
A 1 11  GLU 11  11  11  GLU GLU A . n 
A 1 12  PHE 12  12  12  PHE PHE A . n 
A 1 13  ASN 13  13  13  ASN ASN A . n 
A 1 14  LYS 14  14  14  LYS LYS A . n 
A 1 15  CYS 15  15  15  CYS CYS A . n 
A 1 16  LYS 16  16  16  LYS LYS A . n 
A 1 17  ALA 17  17  17  ALA ALA A . n 
A 1 18  CYS 18  18  18  CYS CYS A . n 
A 1 19  HIS 19  19  19  HIS HIS A . n 
A 1 20  MET 20  20  20  MET MET A . n 
A 1 21  ILE 21  21  21  ILE ILE A . n 
A 1 22  GLN 22  22  22  GLN GLN A . n 
A 1 23  ALA 23  23  23  ALA ALA A . n 
A 1 24  PRO 24  24  24  PRO PRO A . n 
A 1 25  ASP 25  25  25  ASP ASP A . n 
A 1 26  GLY 26  26  26  GLY GLY A . n 
A 1 27  THR 27  27  27  THR THR A . n 
A 1 28  ASP 28  28  28  ASP ASP A . n 
A 1 29  ILE 29  29  29  ILE ILE A . n 
A 1 30  ILE 30  30  30  ILE ILE A . n 
A 1 31  LYS 31  31  31  LYS LYS A . n 
A 1 32  GLY 32  32  32  GLY GLY A . n 
A 1 33  GLY 33  33  33  GLY GLY A . n 
A 1 34  LYS 34  34  34  LYS LYS A . n 
A 1 35  THR 35  35  35  THR THR A . n 
A 1 36  GLY 36  36  36  GLY GLY A . n 
A 1 37  PRO 37  37  37  PRO PRO A . n 
A 1 38  ASN 38  38  38  ASN ASN A . n 
A 1 39  LEU 39  39  39  LEU LEU A . n 
A 1 40  TYR 40  40  40  TYR TYR A . n 
A 1 41  GLY 41  41  41  GLY GLY A . n 
A 1 42  VAL 42  42  42  VAL VAL A . n 
A 1 43  VAL 43  43  43  VAL VAL A . n 
A 1 44  GLY 44  44  44  GLY GLY A . n 
A 1 45  ARG 45  45  45  ARG ARG A . n 
A 1 46  LYS 46  46  46  LYS LYS A . n 
A 1 47  ILE 47  47  47  ILE ILE A . n 
A 1 48  ALA 48  48  48  ALA ALA A . n 
A 1 49  SER 49  49  49  SER SER A . n 
A 1 50  GLU 50  50  50  GLU GLU A . n 
A 1 51  GLU 51  51  51  GLU GLU A . n 
A 1 52  GLY 52  52  52  GLY GLY A . n 
A 1 53  PHE 53  53  53  PHE PHE A . n 
A 1 54  LYS 54  54  54  LYS LYS A . n 
A 1 55  TYR 55  55  55  TYR TYR A . n 
A 1 56  GLY 56  56  56  GLY GLY A . n 
A 1 57  GLU 57  57  57  GLU GLU A . n 
A 1 58  GLY 58  58  58  GLY GLY A . n 
A 1 59  ILE 59  59  59  ILE ILE A . n 
A 1 60  LEU 60  60  60  LEU LEU A . n 
A 1 61  GLU 61  61  61  GLU GLU A . n 
A 1 62  VAL 62  62  62  VAL VAL A . n 
A 1 63  ALA 63  63  63  ALA ALA A . n 
A 1 64  GLU 64  64  64  GLU GLU A . n 
A 1 65  LYS 65  65  65  LYS LYS A . n 
A 1 66  ASN 66  66  66  ASN ASN A . n 
A 1 67  PRO 67  67  67  PRO PRO A . n 
A 1 68  ASP 68  68  68  ASP ASP A . n 
A 1 69  LEU 69  69  69  LEU LEU A . n 
A 1 70  THR 70  70  70  THR THR A . n 
A 1 71  TRP 71  71  71  TRP TRP A . n 
A 1 72  THR 72  72  72  THR THR A . n 
A 1 73  GLU 73  73  73  GLU GLU A . n 
A 1 74  ALA 74  74  74  ALA ALA A . n 
A 1 75  ASP 75  75  75  ASP ASP A . n 
A 1 76  LEU 76  76  76  LEU LEU A . n 
A 1 77  ILE 77  77  77  ILE ILE A . n 
A 1 78  GLU 78  78  78  GLU GLU A . n 
A 1 79  TYR 79  79  79  TYR TYR A . n 
A 1 80  VAL 80  80  80  VAL VAL A . n 
A 1 81  THR 81  81  81  THR THR A . n 
A 1 82  ASP 82  82  82  ASP ASP A . n 
A 1 83  PRO 83  83  83  PRO PRO A . n 
A 1 84  LYS 84  84  84  LYS LYS A . n 
A 1 85  PRO 85  85  85  PRO PRO A . n 
A 1 86  TRP 86  86  86  TRP TRP A . n 
A 1 87  LEU 87  87  87  LEU LEU A . n 
A 1 88  VAL 88  88  88  VAL VAL A . n 
A 1 89  LYS 89  89  89  LYS LYS A . n 
A 1 90  MET 90  90  90  MET MET A . n 
A 1 91  THR 91  91  91  THR THR A . n 
A 1 92  ASP 92  92  92  ASP ASP A . n 
A 1 93  ASP 93  93  93  ASP ASP A . n 
A 1 94  LYS 94  94  94  LYS LYS A . n 
A 1 95  GLY 95  95  95  GLY GLY A . n 
A 1 96  ALA 96  96  96  ALA ALA A . n 
A 1 97  LYS 97  97  97  LYS LYS A . n 
A 1 98  THR 98  98  98  THR THR A . n 
A 1 99  LYS 99  99  99  LYS LYS A . n 
A 1 100 MET 100 100 100 MET MET A . n 
A 1 101 THR 101 101 101 THR THR A . n 
A 1 102 PHE 102 102 102 PHE PHE A . n 
A 1 103 LYS 103 103 103 LYS LYS A . n 
A 1 104 MET 104 104 104 MET MET A . n 
A 1 105 GLY 105 105 105 GLY GLY A . n 
A 1 106 LYS 106 106 106 LYS LYS A . n 
A 1 107 ASN 107 107 107 ASN ASN A . n 
A 1 108 GLN 108 108 108 GLN GLN A . n 
A 1 109 ALA 109 109 109 ALA ALA A . n 
A 1 110 ASP 110 110 110 ASP ASP A . n 
A 1 111 VAL 111 111 111 VAL VAL A . n 
A 1 112 VAL 112 112 112 VAL VAL A . n 
A 1 113 ALA 113 113 113 ALA ALA A . n 
A 1 114 PHE 114 114 114 PHE PHE A . n 
A 1 115 LEU 115 115 115 LEU LEU A . n 
A 1 116 ALA 116 116 116 ALA ALA A . n 
A 1 117 GLN 117 117 117 GLN GLN A . n 
A 1 118 ASN 118 118 118 ASN ASN A . n 
A 1 119 SER 119 119 119 SER SER A . n 
A 1 120 PRO 120 120 120 PRO PRO A . n 
A 1 121 ASP 121 121 121 ASP ASP A . n 
A 1 122 ALA 122 122 122 ALA ALA A . n 
A 1 123 GLY 123 123 ?   ?   ?   A . n 
A 1 124 GLY 124 124 ?   ?   ?   A . n 
A 1 125 ASP 125 125 ?   ?   ?   A . n 
A 1 126 GLY 126 126 ?   ?   ?   A . n 
A 1 127 GLU 127 127 ?   ?   ?   A . n 
A 1 128 ALA 128 128 ?   ?   ?   A . n 
A 1 129 ALA 129 129 ?   ?   ?   A . n 
# 
loop_
_pdbx_nonpoly_scheme.asym_id 
_pdbx_nonpoly_scheme.entity_id 
_pdbx_nonpoly_scheme.mon_id 
_pdbx_nonpoly_scheme.ndb_seq_num 
_pdbx_nonpoly_scheme.pdb_seq_num 
_pdbx_nonpoly_scheme.auth_seq_num 
_pdbx_nonpoly_scheme.pdb_mon_id 
_pdbx_nonpoly_scheme.auth_mon_id 
_pdbx_nonpoly_scheme.pdb_strand_id 
_pdbx_nonpoly_scheme.pdb_ins_code 
B 2 HEC 1   130 125 HEC HEM A . 
C 3 HOH 1   131 1   HOH HOH A . 
C 3 HOH 2   132 2   HOH HOH A . 
C 3 HOH 3   133 3   HOH HOH A . 
C 3 HOH 4   134 4   HOH HOH A . 
C 3 HOH 5   135 5   HOH HOH A . 
C 3 HOH 6   136 6   HOH HOH A . 
C 3 HOH 7   137 7   HOH HOH A . 
C 3 HOH 8   138 8   HOH HOH A . 
C 3 HOH 9   139 9   HOH HOH A . 
C 3 HOH 10  140 10  HOH HOH A . 
C 3 HOH 11  141 11  HOH HOH A . 
C 3 HOH 12  142 12  HOH HOH A . 
C 3 HOH 13  143 13  HOH HOH A . 
C 3 HOH 14  144 14  HOH HOH A . 
C 3 HOH 15  145 15  HOH HOH A . 
C 3 HOH 16  146 16  HOH HOH A . 
C 3 HOH 17  147 17  HOH HOH A . 
C 3 HOH 18  148 18  HOH HOH A . 
C 3 HOH 19  149 19  HOH HOH A . 
C 3 HOH 20  150 20  HOH HOH A . 
C 3 HOH 21  151 21  HOH HOH A . 
C 3 HOH 22  152 22  HOH HOH A . 
C 3 HOH 23  153 23  HOH HOH A . 
C 3 HOH 24  154 24  HOH HOH A . 
C 3 HOH 25  155 25  HOH HOH A . 
C 3 HOH 26  156 26  HOH HOH A . 
C 3 HOH 27  157 27  HOH HOH A . 
C 3 HOH 28  158 28  HOH HOH A . 
C 3 HOH 29  159 29  HOH HOH A . 
C 3 HOH 30  160 30  HOH HOH A . 
C 3 HOH 31  161 31  HOH HOH A . 
C 3 HOH 32  162 32  HOH HOH A . 
C 3 HOH 33  163 33  HOH HOH A . 
C 3 HOH 34  164 34  HOH HOH A . 
C 3 HOH 35  165 35  HOH HOH A . 
C 3 HOH 36  166 36  HOH HOH A . 
C 3 HOH 37  167 37  HOH HOH A . 
C 3 HOH 38  168 38  HOH HOH A . 
C 3 HOH 39  169 39  HOH HOH A . 
C 3 HOH 40  170 40  HOH HOH A . 
C 3 HOH 41  171 41  HOH HOH A . 
C 3 HOH 42  172 42  HOH HOH A . 
C 3 HOH 43  173 43  HOH HOH A . 
C 3 HOH 44  174 44  HOH HOH A . 
C 3 HOH 45  175 45  HOH HOH A . 
C 3 HOH 46  176 46  HOH HOH A . 
C 3 HOH 47  177 47  HOH HOH A . 
C 3 HOH 48  178 48  HOH HOH A . 
C 3 HOH 49  179 49  HOH HOH A . 
C 3 HOH 50  180 50  HOH HOH A . 
C 3 HOH 51  181 51  HOH HOH A . 
C 3 HOH 52  182 52  HOH HOH A . 
C 3 HOH 53  183 53  HOH HOH A . 
C 3 HOH 54  184 54  HOH HOH A . 
C 3 HOH 55  185 55  HOH HOH A . 
C 3 HOH 56  186 56  HOH HOH A . 
C 3 HOH 57  187 57  HOH HOH A . 
C 3 HOH 58  188 58  HOH HOH A . 
C 3 HOH 59  189 59  HOH HOH A . 
C 3 HOH 60  190 60  HOH HOH A . 
C 3 HOH 61  191 61  HOH HOH A . 
C 3 HOH 62  192 62  HOH HOH A . 
C 3 HOH 63  193 63  HOH HOH A . 
C 3 HOH 64  194 64  HOH HOH A . 
C 3 HOH 65  195 65  HOH HOH A . 
C 3 HOH 66  196 66  HOH HOH A . 
C 3 HOH 67  197 67  HOH HOH A . 
C 3 HOH 68  198 68  HOH HOH A . 
C 3 HOH 69  199 69  HOH HOH A . 
C 3 HOH 70  200 70  HOH HOH A . 
C 3 HOH 71  201 71  HOH HOH A . 
C 3 HOH 72  202 72  HOH HOH A . 
C 3 HOH 73  203 73  HOH HOH A . 
C 3 HOH 74  204 74  HOH HOH A . 
C 3 HOH 75  205 75  HOH HOH A . 
C 3 HOH 76  206 76  HOH HOH A . 
C 3 HOH 77  207 77  HOH HOH A . 
C 3 HOH 78  208 78  HOH HOH A . 
C 3 HOH 79  209 79  HOH HOH A . 
C 3 HOH 80  210 80  HOH HOH A . 
C 3 HOH 81  211 81  HOH HOH A . 
C 3 HOH 82  212 82  HOH HOH A . 
C 3 HOH 83  213 83  HOH HOH A . 
C 3 HOH 84  214 84  HOH HOH A . 
C 3 HOH 85  215 85  HOH HOH A . 
C 3 HOH 86  216 86  HOH HOH A . 
C 3 HOH 87  217 87  HOH HOH A . 
C 3 HOH 88  218 88  HOH HOH A . 
C 3 HOH 89  219 89  HOH HOH A . 
C 3 HOH 90  220 90  HOH HOH A . 
C 3 HOH 91  221 91  HOH HOH A . 
C 3 HOH 92  222 92  HOH HOH A . 
C 3 HOH 93  223 93  HOH HOH A . 
C 3 HOH 94  224 94  HOH HOH A . 
C 3 HOH 95  225 95  HOH HOH A . 
C 3 HOH 96  226 96  HOH HOH A . 
C 3 HOH 97  227 97  HOH HOH A . 
C 3 HOH 98  228 98  HOH HOH A . 
C 3 HOH 99  229 99  HOH HOH A . 
C 3 HOH 100 230 100 HOH HOH A . 
C 3 HOH 101 231 101 HOH HOH A . 
C 3 HOH 102 232 102 HOH HOH A . 
C 3 HOH 103 233 103 HOH HOH A . 
# 
loop_
_pdbx_unobs_or_zero_occ_atoms.id 
_pdbx_unobs_or_zero_occ_atoms.PDB_model_num 
_pdbx_unobs_or_zero_occ_atoms.polymer_flag 
_pdbx_unobs_or_zero_occ_atoms.occupancy_flag 
_pdbx_unobs_or_zero_occ_atoms.auth_asym_id 
_pdbx_unobs_or_zero_occ_atoms.auth_comp_id 
_pdbx_unobs_or_zero_occ_atoms.auth_seq_id 
_pdbx_unobs_or_zero_occ_atoms.PDB_ins_code 
_pdbx_unobs_or_zero_occ_atoms.auth_atom_id 
_pdbx_unobs_or_zero_occ_atoms.label_alt_id 
_pdbx_unobs_or_zero_occ_atoms.label_asym_id 
_pdbx_unobs_or_zero_occ_atoms.label_comp_id 
_pdbx_unobs_or_zero_occ_atoms.label_seq_id 
_pdbx_unobs_or_zero_occ_atoms.label_atom_id 
1 1 Y 1 A ASP 2 ? CB  ? A ASP 2 CB  
2 1 Y 1 A ASP 2 ? CG  ? A ASP 2 CG  
3 1 Y 1 A ASP 2 ? OD1 ? A ASP 2 OD1 
4 1 Y 1 A ASP 2 ? OD2 ? A ASP 2 OD2 
# 
_software.name             TNT 
_software.classification   refinement 
_software.version          . 
_software.citation_id      ? 
_software.pdbx_ordinal     1 
# 
_cell.entry_id           1COT 
_cell.length_a           31.600 
_cell.length_b           42.100 
_cell.length_c           81.600 
_cell.angle_alpha        90.00 
_cell.angle_beta         90.00 
_cell.angle_gamma        90.00 
_cell.Z_PDB              4 
_cell.pdbx_unique_axis   ? 
# 
_symmetry.entry_id                         1COT 
_symmetry.space_group_name_H-M             'P 21 21 21' 
_symmetry.pdbx_full_space_group_name_H-M   ? 
_symmetry.cell_setting                     ? 
_symmetry.Int_Tables_number                19 
# 
_exptl.entry_id          1COT 
_exptl.method            'X-RAY DIFFRACTION' 
_exptl.crystals_number   ? 
# 
_exptl_crystal.id                    1 
_exptl_crystal.density_meas          ? 
_exptl_crystal.density_Matthews      1.96 
_exptl_crystal.density_percent_sol   37.24 
_exptl_crystal.description           ? 
# 
_diffrn.id                     1 
_diffrn.ambient_temp           ? 
_diffrn.ambient_temp_details   ? 
_diffrn.crystal_id             1 
# 
_diffrn_radiation.diffrn_id                        1 
_diffrn_radiation.wavelength_id                    1 
_diffrn_radiation.pdbx_monochromatic_or_laue_m_l   ? 
_diffrn_radiation.monochromator                    ? 
_diffrn_radiation.pdbx_diffrn_protocol             ? 
_diffrn_radiation.pdbx_scattering_type             x-ray 
# 
_diffrn_radiation_wavelength.id           1 
_diffrn_radiation_wavelength.wavelength   . 
_diffrn_radiation_wavelength.wt           1.0 
# 
_refine.entry_id                                 1COT 
_refine.ls_number_reflns_obs                     12199 
_refine.ls_number_reflns_all                     ? 
_refine.pdbx_ls_sigma_I                          ? 
_refine.pdbx_ls_sigma_F                          ? 
_refine.pdbx_data_cutoff_high_absF               ? 
_refine.pdbx_data_cutoff_low_absF                ? 
_refine.pdbx_data_cutoff_high_rms_absF           ? 
_refine.ls_d_res_low                             30.0 
_refine.ls_d_res_high                            1.7 
_refine.ls_percent_reflns_obs                    ? 
_refine.ls_R_factor_obs                          0.1750000 
_refine.ls_R_factor_all                          ? 
_refine.ls_R_factor_R_work                       ? 
_refine.ls_R_factor_R_free                       ? 
_refine.ls_R_factor_R_free_error                 ? 
_refine.ls_R_factor_R_free_error_details         ? 
_refine.ls_percent_reflns_R_free                 ? 
_refine.ls_number_reflns_R_free                  ? 
_refine.ls_number_parameters                     ? 
_refine.ls_number_restraints                     ? 
_refine.occupancy_min                            ? 
_refine.occupancy_max                            ? 
_refine.B_iso_mean                               ? 
_refine.aniso_B[1][1]                            ? 
_refine.aniso_B[2][2]                            ? 
_refine.aniso_B[3][3]                            ? 
_refine.aniso_B[1][2]                            ? 
_refine.aniso_B[1][3]                            ? 
_refine.aniso_B[2][3]                            ? 
_refine.solvent_model_details                    ? 
_refine.solvent_model_param_ksol                 ? 
_refine.solvent_model_param_bsol                 ? 
_refine.pdbx_ls_cross_valid_method               ? 
_refine.details                                  ? 
_refine.pdbx_starting_model                      ? 
_refine.pdbx_method_to_determine_struct          ? 
_refine.pdbx_isotropic_thermal_model             ? 
_refine.pdbx_stereochemistry_target_values       ? 
_refine.pdbx_stereochem_target_val_spec_case     ? 
_refine.pdbx_R_Free_selection_details            ? 
_refine.pdbx_overall_ESU_R                       ? 
_refine.pdbx_overall_ESU_R_Free                  ? 
_refine.overall_SU_ML                            ? 
_refine.overall_SU_B                             ? 
_refine.pdbx_refine_id                           'X-RAY DIFFRACTION' 
_refine.pdbx_diffrn_id                           1 
_refine.pdbx_TLS_residual_ADP_flag               ? 
_refine.correlation_coeff_Fo_to_Fc               ? 
_refine.correlation_coeff_Fo_to_Fc_free          ? 
_refine.pdbx_solvent_vdw_probe_radii             ? 
_refine.pdbx_solvent_ion_probe_radii             ? 
_refine.pdbx_solvent_shrinkage_radii             ? 
_refine.pdbx_overall_phase_error                 ? 
_refine.overall_SU_R_Cruickshank_DPI             ? 
_refine.pdbx_overall_SU_R_free_Cruickshank_DPI   ? 
_refine.pdbx_overall_SU_R_Blow_DPI               ? 
_refine.pdbx_overall_SU_R_free_Blow_DPI          ? 
# 
_refine_hist.pdbx_refine_id                   'X-RAY DIFFRACTION' 
_refine_hist.cycle_id                         LAST 
_refine_hist.pdbx_number_atoms_protein        917 
_refine_hist.pdbx_number_atoms_nucleic_acid   0 
_refine_hist.pdbx_number_atoms_ligand         43 
_refine_hist.number_atoms_solvent             103 
_refine_hist.number_atoms_total               1063 
_refine_hist.d_res_high                       1.7 
_refine_hist.d_res_low                        30.0 
# 
loop_
_refine_ls_restr.type 
_refine_ls_restr.dev_ideal 
_refine_ls_restr.dev_ideal_target 
_refine_ls_restr.weight 
_refine_ls_restr.number 
_refine_ls_restr.pdbx_refine_id 
_refine_ls_restr.pdbx_restraint_function 
t_bond_d           0.007 ? ? ? 'X-RAY DIFFRACTION' ? 
t_angle_deg        2.26  ? ? ? 'X-RAY DIFFRACTION' ? 
t_dihedral_angle_d ?     ? ? ? 'X-RAY DIFFRACTION' ? 
t_incorr_chiral_ct ?     ? ? ? 'X-RAY DIFFRACTION' ? 
t_pseud_angle      ?     ? ? ? 'X-RAY DIFFRACTION' ? 
t_trig_c_planes    ?     ? ? ? 'X-RAY DIFFRACTION' ? 
t_gen_planes       ?     ? ? ? 'X-RAY DIFFRACTION' ? 
t_it               ?     ? ? ? 'X-RAY DIFFRACTION' ? 
t_nbd              ?     ? ? ? 'X-RAY DIFFRACTION' ? 
# 
_struct.entry_id                  1COT 
_struct.title                     
'X-RAY STRUCTURE OF THE CYTOCHROME C2 ISOLATED FROM PARACOCCUS DENITRIFICANS REFINED TO 1.7 ANGSTROMS RESOLUTION' 
_struct.pdbx_model_details        ? 
_struct.pdbx_CASP_flag            ? 
_struct.pdbx_model_type_details   ? 
# 
_struct_keywords.entry_id        1COT 
_struct_keywords.pdbx_keywords   'ELECTRON TRANSPORT' 
_struct_keywords.text            'ELECTRON TRANSPORT' 
# 
loop_
_struct_asym.id 
_struct_asym.pdbx_blank_PDB_chainid_flag 
_struct_asym.pdbx_modified 
_struct_asym.entity_id 
_struct_asym.details 
A N N 1 ? 
B N N 2 ? 
C N N 3 ? 
# 
_struct_ref.id                         1 
_struct_ref.db_name                    UNP 
_struct_ref.db_code                    CY550_PARDE 
_struct_ref.entity_id                  1 
_struct_ref.pdbx_db_accession          P00096 
_struct_ref.pdbx_align_begin           1 
_struct_ref.pdbx_seq_one_letter_code   
;MKISIYATLAAITLALPAAAQDGDAAKGEKEFNKCKACHMIQAPDGTDIIKGGKTGPNLYGVVGRKIASEEGFKYGEGIL
EVAEKNPDLTWTEADLIEYVTDPKPWLVKMTDDKGAKTKMTFKMGKNQADVVAFLAQNSPDAGGDGEAAAEGESN
;
_struct_ref.pdbx_db_isoform            ? 
# 
_struct_ref_seq.align_id                      1 
_struct_ref_seq.ref_id                        1 
_struct_ref_seq.pdbx_PDB_id_code              1COT 
_struct_ref_seq.pdbx_strand_id                A 
_struct_ref_seq.seq_align_beg                 1 
_struct_ref_seq.pdbx_seq_align_beg_ins_code   ? 
_struct_ref_seq.seq_align_end                 129 
_struct_ref_seq.pdbx_seq_align_end_ins_code   ? 
_struct_ref_seq.pdbx_db_accession             P00096 
_struct_ref_seq.db_align_beg                  21 
_struct_ref_seq.pdbx_db_align_beg_ins_code    ? 
_struct_ref_seq.db_align_end                  149 
_struct_ref_seq.pdbx_db_align_end_ins_code    ? 
_struct_ref_seq.pdbx_auth_seq_align_beg       1 
_struct_ref_seq.pdbx_auth_seq_align_end       129 
# 
_pdbx_struct_assembly.id                   1 
_pdbx_struct_assembly.details              author_defined_assembly 
_pdbx_struct_assembly.method_details       ? 
_pdbx_struct_assembly.oligomeric_details   monomeric 
_pdbx_struct_assembly.oligomeric_count     1 
# 
_pdbx_struct_assembly_gen.assembly_id       1 
_pdbx_struct_assembly_gen.oper_expression   1 
_pdbx_struct_assembly_gen.asym_id_list      A,B,C 
# 
_pdbx_struct_oper_list.id                   1 
_pdbx_struct_oper_list.type                 'identity operation' 
_pdbx_struct_oper_list.name                 1_555 
_pdbx_struct_oper_list.symmetry_operation   x,y,z 
_pdbx_struct_oper_list.matrix[1][1]         1.0000000000 
_pdbx_struct_oper_list.matrix[1][2]         0.0000000000 
_pdbx_struct_oper_list.matrix[1][3]         0.0000000000 
_pdbx_struct_oper_list.vector[1]            0.0000000000 
_pdbx_struct_oper_list.matrix[2][1]         0.0000000000 
_pdbx_struct_oper_list.matrix[2][2]         1.0000000000 
_pdbx_struct_oper_list.matrix[2][3]         0.0000000000 
_pdbx_struct_oper_list.vector[2]            0.0000000000 
_pdbx_struct_oper_list.matrix[3][1]         0.0000000000 
_pdbx_struct_oper_list.matrix[3][2]         0.0000000000 
_pdbx_struct_oper_list.matrix[3][3]         1.0000000000 
_pdbx_struct_oper_list.vector[3]            0.0000000000 
# 
_struct_biol.id   1 
# 
loop_
_struct_conf.conf_type_id 
_struct_conf.id 
_struct_conf.pdbx_PDB_helix_id 
_struct_conf.beg_label_comp_id 
_struct_conf.beg_label_asym_id 
_struct_conf.beg_label_seq_id 
_struct_conf.pdbx_beg_PDB_ins_code 
_struct_conf.end_label_comp_id 
_struct_conf.end_label_asym_id 
_struct_conf.end_label_seq_id 
_struct_conf.pdbx_end_PDB_ins_code 
_struct_conf.beg_auth_comp_id 
_struct_conf.beg_auth_asym_id 
_struct_conf.beg_auth_seq_id 
_struct_conf.end_auth_comp_id 
_struct_conf.end_auth_asym_id 
_struct_conf.end_auth_seq_id 
_struct_conf.pdbx_PDB_helix_class 
_struct_conf.details 
_struct_conf.pdbx_PDB_helix_length 
HELX_P HELX_P1 H1 ALA A 5   ? CYS A 15  ? ALA A 5   CYS A 15  1 ? 11 
HELX_P HELX_P2 H2 GLU A 57  ? LYS A 65  ? GLU A 57  LYS A 65  1 ? 9  
HELX_P HELX_P3 H3 GLU A 73  ? THR A 81  ? GLU A 73  THR A 81  1 ? 9  
HELX_P HELX_P4 H4 PRO A 83  ? THR A 91  ? PRO A 83  THR A 91  1 ? 9  
HELX_P HELX_P5 H5 GLN A 108 ? GLN A 117 ? GLN A 108 GLN A 117 1 ? 10 
# 
_struct_conf_type.id          HELX_P 
_struct_conf_type.criteria    ? 
_struct_conf_type.reference   ? 
# 
loop_
_struct_conn.id 
_struct_conn.conn_type_id 
_struct_conn.pdbx_leaving_atom_flag 
_struct_conn.pdbx_PDB_id 
_struct_conn.ptnr1_label_asym_id 
_struct_conn.ptnr1_label_comp_id 
_struct_conn.ptnr1_label_seq_id 
_struct_conn.ptnr1_label_atom_id 
_struct_conn.pdbx_ptnr1_label_alt_id 
_struct_conn.pdbx_ptnr1_PDB_ins_code 
_struct_conn.pdbx_ptnr1_standard_comp_id 
_struct_conn.ptnr1_symmetry 
_struct_conn.ptnr2_label_asym_id 
_struct_conn.ptnr2_label_comp_id 
_struct_conn.ptnr2_label_seq_id 
_struct_conn.ptnr2_label_atom_id 
_struct_conn.pdbx_ptnr2_label_alt_id 
_struct_conn.pdbx_ptnr2_PDB_ins_code 
_struct_conn.ptnr1_auth_asym_id 
_struct_conn.ptnr1_auth_comp_id 
_struct_conn.ptnr1_auth_seq_id 
_struct_conn.ptnr2_auth_asym_id 
_struct_conn.ptnr2_auth_comp_id 
_struct_conn.ptnr2_auth_seq_id 
_struct_conn.ptnr2_symmetry 
_struct_conn.pdbx_ptnr3_label_atom_id 
_struct_conn.pdbx_ptnr3_label_seq_id 
_struct_conn.pdbx_ptnr3_label_comp_id 
_struct_conn.pdbx_ptnr3_label_asym_id 
_struct_conn.pdbx_ptnr3_label_alt_id 
_struct_conn.pdbx_ptnr3_PDB_ins_code 
_struct_conn.details 
_struct_conn.pdbx_dist_value 
_struct_conn.pdbx_value_order 
_struct_conn.pdbx_role 
covale1 covale none ? A CYS 15  SG  ? ? ? 1_555 B HEC . CAB ? ? A CYS 15  A HEC 130 1_555 ? ? ? ? ? ? ? 1.841 ? ? 
metalc1 metalc ?    ? A HIS 19  NE2 ? ? ? 1_555 B HEC . FE  ? ? A HIS 19  A HEC 130 1_555 ? ? ? ? ? ? ? 1.927 ? ? 
metalc2 metalc ?    ? A MET 100 SD  ? ? ? 1_555 B HEC . FE  ? ? A MET 100 A HEC 130 1_555 ? ? ? ? ? ? ? 2.358 ? ? 
# 
loop_
_struct_conn_type.id 
_struct_conn_type.criteria 
_struct_conn_type.reference 
covale ? ? 
metalc ? ? 
# 
loop_
_pdbx_struct_conn_angle.id 
_pdbx_struct_conn_angle.ptnr1_label_atom_id 
_pdbx_struct_conn_angle.ptnr1_label_alt_id 
_pdbx_struct_conn_angle.ptnr1_label_asym_id 
_pdbx_struct_conn_angle.ptnr1_label_comp_id 
_pdbx_struct_conn_angle.ptnr1_label_seq_id 
_pdbx_struct_conn_angle.ptnr1_auth_atom_id 
_pdbx_struct_conn_angle.ptnr1_auth_asym_id 
_pdbx_struct_conn_angle.ptnr1_auth_comp_id 
_pdbx_struct_conn_angle.ptnr1_auth_seq_id 
_pdbx_struct_conn_angle.ptnr1_PDB_ins_code 
_pdbx_struct_conn_angle.ptnr1_symmetry 
_pdbx_struct_conn_angle.ptnr2_label_atom_id 
_pdbx_struct_conn_angle.ptnr2_label_alt_id 
_pdbx_struct_conn_angle.ptnr2_label_asym_id 
_pdbx_struct_conn_angle.ptnr2_label_comp_id 
_pdbx_struct_conn_angle.ptnr2_label_seq_id 
_pdbx_struct_conn_angle.ptnr2_auth_atom_id 
_pdbx_struct_conn_angle.ptnr2_auth_asym_id 
_pdbx_struct_conn_angle.ptnr2_auth_comp_id 
_pdbx_struct_conn_angle.ptnr2_auth_seq_id 
_pdbx_struct_conn_angle.ptnr2_PDB_ins_code 
_pdbx_struct_conn_angle.ptnr2_symmetry 
_pdbx_struct_conn_angle.ptnr3_label_atom_id 
_pdbx_struct_conn_angle.ptnr3_label_alt_id 
_pdbx_struct_conn_angle.ptnr3_label_asym_id 
_pdbx_struct_conn_angle.ptnr3_label_comp_id 
_pdbx_struct_conn_angle.ptnr3_label_seq_id 
_pdbx_struct_conn_angle.ptnr3_auth_atom_id 
_pdbx_struct_conn_angle.ptnr3_auth_asym_id 
_pdbx_struct_conn_angle.ptnr3_auth_comp_id 
_pdbx_struct_conn_angle.ptnr3_auth_seq_id 
_pdbx_struct_conn_angle.ptnr3_PDB_ins_code 
_pdbx_struct_conn_angle.ptnr3_symmetry 
_pdbx_struct_conn_angle.value 
_pdbx_struct_conn_angle.value_esd 
1  NE2 ? A HIS 19 ? A HIS 19  ? 1_555 FE ? B HEC . ? A HEC 130 ? 1_555 NA ? B HEC .   ? A HEC 130 ? 1_555 91.7  ? 
2  NE2 ? A HIS 19 ? A HIS 19  ? 1_555 FE ? B HEC . ? A HEC 130 ? 1_555 NB ? B HEC .   ? A HEC 130 ? 1_555 90.2  ? 
3  NA  ? B HEC .  ? A HEC 130 ? 1_555 FE ? B HEC . ? A HEC 130 ? 1_555 NB ? B HEC .   ? A HEC 130 ? 1_555 90.4  ? 
4  NE2 ? A HIS 19 ? A HIS 19  ? 1_555 FE ? B HEC . ? A HEC 130 ? 1_555 NC ? B HEC .   ? A HEC 130 ? 1_555 87.9  ? 
5  NA  ? B HEC .  ? A HEC 130 ? 1_555 FE ? B HEC . ? A HEC 130 ? 1_555 NC ? B HEC .   ? A HEC 130 ? 1_555 177.9 ? 
6  NB  ? B HEC .  ? A HEC 130 ? 1_555 FE ? B HEC . ? A HEC 130 ? 1_555 NC ? B HEC .   ? A HEC 130 ? 1_555 87.5  ? 
7  NE2 ? A HIS 19 ? A HIS 19  ? 1_555 FE ? B HEC . ? A HEC 130 ? 1_555 ND ? B HEC .   ? A HEC 130 ? 1_555 89.9  ? 
8  NA  ? B HEC .  ? A HEC 130 ? 1_555 FE ? B HEC . ? A HEC 130 ? 1_555 ND ? B HEC .   ? A HEC 130 ? 1_555 91.5  ? 
9  NB  ? B HEC .  ? A HEC 130 ? 1_555 FE ? B HEC . ? A HEC 130 ? 1_555 ND ? B HEC .   ? A HEC 130 ? 1_555 178.1 ? 
10 NC  ? B HEC .  ? A HEC 130 ? 1_555 FE ? B HEC . ? A HEC 130 ? 1_555 ND ? B HEC .   ? A HEC 130 ? 1_555 90.5  ? 
11 NE2 ? A HIS 19 ? A HIS 19  ? 1_555 FE ? B HEC . ? A HEC 130 ? 1_555 SD ? A MET 100 ? A MET 100 ? 1_555 173.5 ? 
12 NA  ? B HEC .  ? A HEC 130 ? 1_555 FE ? B HEC . ? A HEC 130 ? 1_555 SD ? A MET 100 ? A MET 100 ? 1_555 83.4  ? 
13 NB  ? B HEC .  ? A HEC 130 ? 1_555 FE ? B HEC . ? A HEC 130 ? 1_555 SD ? A MET 100 ? A MET 100 ? 1_555 94.0  ? 
14 NC  ? B HEC .  ? A HEC 130 ? 1_555 FE ? B HEC . ? A HEC 130 ? 1_555 SD ? A MET 100 ? A MET 100 ? 1_555 97.2  ? 
15 ND  ? B HEC .  ? A HEC 130 ? 1_555 FE ? B HEC . ? A HEC 130 ? 1_555 SD ? A MET 100 ? A MET 100 ? 1_555 86.1  ? 
# 
_pdbx_modification_feature.ordinal                            1 
_pdbx_modification_feature.label_comp_id                      HEC 
_pdbx_modification_feature.label_asym_id                      B 
_pdbx_modification_feature.label_seq_id                       . 
_pdbx_modification_feature.label_alt_id                       ? 
_pdbx_modification_feature.modified_residue_label_comp_id     CYS 
_pdbx_modification_feature.modified_residue_label_asym_id     A 
_pdbx_modification_feature.modified_residue_label_seq_id      15 
_pdbx_modification_feature.modified_residue_label_alt_id      ? 
_pdbx_modification_feature.auth_comp_id                       HEC 
_pdbx_modification_feature.auth_asym_id                       A 
_pdbx_modification_feature.auth_seq_id                        130 
_pdbx_modification_feature.PDB_ins_code                       ? 
_pdbx_modification_feature.symmetry                           1_555 
_pdbx_modification_feature.modified_residue_auth_comp_id      CYS 
_pdbx_modification_feature.modified_residue_auth_asym_id      A 
_pdbx_modification_feature.modified_residue_auth_seq_id       15 
_pdbx_modification_feature.modified_residue_PDB_ins_code      ? 
_pdbx_modification_feature.modified_residue_symmetry          1_555 
_pdbx_modification_feature.comp_id_linking_atom               CAB 
_pdbx_modification_feature.modified_residue_id_linking_atom   SG 
_pdbx_modification_feature.modified_residue_id                CYS 
_pdbx_modification_feature.ref_pcm_id                         2 
_pdbx_modification_feature.ref_comp_id                        HEC 
_pdbx_modification_feature.type                               None 
_pdbx_modification_feature.category                           Heme/heme-like 
# 
_struct_sheet.id               BET 
_struct_sheet.type             ? 
_struct_sheet.number_strands   2 
_struct_sheet.details          ? 
# 
_struct_sheet_order.sheet_id     BET 
_struct_sheet_order.range_id_1   1 
_struct_sheet_order.range_id_2   2 
_struct_sheet_order.offset       ? 
_struct_sheet_order.sense        parallel 
# 
loop_
_struct_sheet_range.sheet_id 
_struct_sheet_range.id 
_struct_sheet_range.beg_label_comp_id 
_struct_sheet_range.beg_label_asym_id 
_struct_sheet_range.beg_label_seq_id 
_struct_sheet_range.pdbx_beg_PDB_ins_code 
_struct_sheet_range.end_label_comp_id 
_struct_sheet_range.end_label_asym_id 
_struct_sheet_range.end_label_seq_id 
_struct_sheet_range.pdbx_end_PDB_ins_code 
_struct_sheet_range.beg_auth_comp_id 
_struct_sheet_range.beg_auth_asym_id 
_struct_sheet_range.beg_auth_seq_id 
_struct_sheet_range.end_auth_comp_id 
_struct_sheet_range.end_auth_asym_id 
_struct_sheet_range.end_auth_seq_id 
BET 1 MET A 20 ? GLN A 22 ? MET A 20 GLN A 22 
BET 2 THR A 27 ? ILE A 30 ? THR A 27 ILE A 30 
# 
_struct_site.id                   AC1 
_struct_site.pdbx_evidence_code   Software 
_struct_site.pdbx_auth_asym_id    A 
_struct_site.pdbx_auth_comp_id    HEC 
_struct_site.pdbx_auth_seq_id     130 
_struct_site.pdbx_auth_ins_code   ? 
_struct_site.pdbx_num_residues    22 
_struct_site.details              'BINDING SITE FOR RESIDUE HEC A 130' 
# 
loop_
_struct_site_gen.id 
_struct_site_gen.site_id 
_struct_site_gen.pdbx_num_res 
_struct_site_gen.label_comp_id 
_struct_site_gen.label_asym_id 
_struct_site_gen.label_seq_id 
_struct_site_gen.pdbx_auth_ins_code 
_struct_site_gen.auth_comp_id 
_struct_site_gen.auth_asym_id 
_struct_site_gen.auth_seq_id 
_struct_site_gen.label_atom_id 
_struct_site_gen.label_alt_id 
_struct_site_gen.symmetry 
_struct_site_gen.details 
1  AC1 22 LYS A 14  ? LYS A 14  . ? 1_555 ? 
2  AC1 22 CYS A 15  ? CYS A 15  . ? 1_555 ? 
3  AC1 22 CYS A 18  ? CYS A 18  . ? 1_555 ? 
4  AC1 22 HIS A 19  ? HIS A 19  . ? 1_555 ? 
5  AC1 22 THR A 35  ? THR A 35  . ? 1_555 ? 
6  AC1 22 PRO A 37  ? PRO A 37  . ? 1_555 ? 
7  AC1 22 ARG A 45  ? ARG A 45  . ? 1_555 ? 
8  AC1 22 ALA A 48  ? ALA A 48  . ? 1_555 ? 
9  AC1 22 PHE A 53  ? PHE A 53  . ? 1_555 ? 
10 AC1 22 TYR A 55  ? TYR A 55  . ? 1_555 ? 
11 AC1 22 GLY A 56  ? GLY A 56  . ? 1_555 ? 
12 AC1 22 ILE A 59  ? ILE A 59  . ? 1_555 ? 
13 AC1 22 TRP A 71  ? TRP A 71  . ? 1_555 ? 
14 AC1 22 LEU A 76  ? LEU A 76  . ? 1_555 ? 
15 AC1 22 TYR A 79  ? TYR A 79  . ? 1_555 ? 
16 AC1 22 VAL A 80  ? VAL A 80  . ? 1_555 ? 
17 AC1 22 PRO A 85  ? PRO A 85  . ? 4_456 ? 
18 AC1 22 LYS A 99  ? LYS A 99  . ? 1_555 ? 
19 AC1 22 MET A 100 ? MET A 100 . ? 1_555 ? 
20 AC1 22 HOH C .   ? HOH A 135 . ? 1_555 ? 
21 AC1 22 HOH C .   ? HOH A 136 . ? 1_555 ? 
22 AC1 22 HOH C .   ? HOH A 145 . ? 1_555 ? 
# 
_pdbx_entry_details.entry_id                   1COT 
_pdbx_entry_details.compound_details           ? 
_pdbx_entry_details.source_details             ? 
_pdbx_entry_details.nonpolymer_details         ? 
_pdbx_entry_details.sequence_details           ? 
_pdbx_entry_details.has_ligand_of_interest     ? 
_pdbx_entry_details.has_protein_modification   Y 
# 
_pdbx_validate_close_contact.id               1 
_pdbx_validate_close_contact.PDB_model_num    1 
_pdbx_validate_close_contact.auth_atom_id_1   SG 
_pdbx_validate_close_contact.auth_asym_id_1   A 
_pdbx_validate_close_contact.auth_comp_id_1   CYS 
_pdbx_validate_close_contact.auth_seq_id_1    18 
_pdbx_validate_close_contact.PDB_ins_code_1   ? 
_pdbx_validate_close_contact.label_alt_id_1   ? 
_pdbx_validate_close_contact.auth_atom_id_2   CAC 
_pdbx_validate_close_contact.auth_asym_id_2   A 
_pdbx_validate_close_contact.auth_comp_id_2   HEC 
_pdbx_validate_close_contact.auth_seq_id_2    130 
_pdbx_validate_close_contact.PDB_ins_code_2   ? 
_pdbx_validate_close_contact.label_alt_id_2   ? 
_pdbx_validate_close_contact.dist             2.11 
# 
loop_
_pdbx_validate_rmsd_angle.id 
_pdbx_validate_rmsd_angle.PDB_model_num 
_pdbx_validate_rmsd_angle.auth_atom_id_1 
_pdbx_validate_rmsd_angle.auth_asym_id_1 
_pdbx_validate_rmsd_angle.auth_comp_id_1 
_pdbx_validate_rmsd_angle.auth_seq_id_1 
_pdbx_validate_rmsd_angle.PDB_ins_code_1 
_pdbx_validate_rmsd_angle.label_alt_id_1 
_pdbx_validate_rmsd_angle.auth_atom_id_2 
_pdbx_validate_rmsd_angle.auth_asym_id_2 
_pdbx_validate_rmsd_angle.auth_comp_id_2 
_pdbx_validate_rmsd_angle.auth_seq_id_2 
_pdbx_validate_rmsd_angle.PDB_ins_code_2 
_pdbx_validate_rmsd_angle.label_alt_id_2 
_pdbx_validate_rmsd_angle.auth_atom_id_3 
_pdbx_validate_rmsd_angle.auth_asym_id_3 
_pdbx_validate_rmsd_angle.auth_comp_id_3 
_pdbx_validate_rmsd_angle.auth_seq_id_3 
_pdbx_validate_rmsd_angle.PDB_ins_code_3 
_pdbx_validate_rmsd_angle.label_alt_id_3 
_pdbx_validate_rmsd_angle.angle_value 
_pdbx_validate_rmsd_angle.angle_target_value 
_pdbx_validate_rmsd_angle.angle_deviation 
_pdbx_validate_rmsd_angle.angle_standard_deviation 
_pdbx_validate_rmsd_angle.linker_flag 
1 1 CB A ASP 25 ? ? CG A ASP 25 ? ? OD1 A ASP 25 ? ? 112.52 118.30 -5.78 0.90 N 
2 1 CB A ASP 25 ? ? CG A ASP 25 ? ? OD2 A ASP 25 ? ? 123.90 118.30 5.60  0.90 N 
3 1 CB A ASP 68 ? ? CG A ASP 68 ? ? OD1 A ASP 68 ? ? 124.58 118.30 6.28  0.90 N 
4 1 CB A ASP 68 ? ? CG A ASP 68 ? ? OD2 A ASP 68 ? ? 112.02 118.30 -6.28 0.90 N 
5 1 CB A ASP 75 ? ? CG A ASP 75 ? ? OD1 A ASP 75 ? ? 112.76 118.30 -5.54 0.90 N 
6 1 CB A ASP 92 ? ? CG A ASP 92 ? ? OD2 A ASP 92 ? ? 112.34 118.30 -5.96 0.90 N 
# 
_pdbx_validate_torsion.id              1 
_pdbx_validate_torsion.PDB_model_num   1 
_pdbx_validate_torsion.auth_comp_id    ASP 
_pdbx_validate_torsion.auth_asym_id    A 
_pdbx_validate_torsion.auth_seq_id     82 
_pdbx_validate_torsion.PDB_ins_code    ? 
_pdbx_validate_torsion.label_alt_id    ? 
_pdbx_validate_torsion.phi             -176.94 
_pdbx_validate_torsion.psi             102.31 
# 
loop_
_pdbx_distant_solvent_atoms.id 
_pdbx_distant_solvent_atoms.PDB_model_num 
_pdbx_distant_solvent_atoms.auth_atom_id 
_pdbx_distant_solvent_atoms.label_alt_id 
_pdbx_distant_solvent_atoms.auth_asym_id 
_pdbx_distant_solvent_atoms.auth_comp_id 
_pdbx_distant_solvent_atoms.auth_seq_id 
_pdbx_distant_solvent_atoms.PDB_ins_code 
_pdbx_distant_solvent_atoms.neighbor_macromolecule_distance 
_pdbx_distant_solvent_atoms.neighbor_ligand_distance 
1 1 O ? A HOH 157 ? 6.45 . 
2 1 O ? A HOH 158 ? 6.79 . 
3 1 O ? A HOH 202 ? 6.12 . 
# 
loop_
_pdbx_unobs_or_zero_occ_residues.id 
_pdbx_unobs_or_zero_occ_residues.PDB_model_num 
_pdbx_unobs_or_zero_occ_residues.polymer_flag 
_pdbx_unobs_or_zero_occ_residues.occupancy_flag 
_pdbx_unobs_or_zero_occ_residues.auth_asym_id 
_pdbx_unobs_or_zero_occ_residues.auth_comp_id 
_pdbx_unobs_or_zero_occ_residues.auth_seq_id 
_pdbx_unobs_or_zero_occ_residues.PDB_ins_code 
_pdbx_unobs_or_zero_occ_residues.label_asym_id 
_pdbx_unobs_or_zero_occ_residues.label_comp_id 
_pdbx_unobs_or_zero_occ_residues.label_seq_id 
1 1 Y 1 A GLN 1   ? A GLN 1   
2 1 Y 1 A GLY 123 ? A GLY 123 
3 1 Y 1 A GLY 124 ? A GLY 124 
4 1 Y 1 A ASP 125 ? A ASP 125 
5 1 Y 1 A GLY 126 ? A GLY 126 
6 1 Y 1 A GLU 127 ? A GLU 127 
7 1 Y 1 A ALA 128 ? A ALA 128 
8 1 Y 1 A ALA 129 ? A ALA 129 
# 
loop_
_chem_comp_atom.comp_id 
_chem_comp_atom.atom_id 
_chem_comp_atom.type_symbol 
_chem_comp_atom.pdbx_aromatic_flag 
_chem_comp_atom.pdbx_stereo_config 
_chem_comp_atom.pdbx_ordinal 
ALA N    N  N N 1   
ALA CA   C  N S 2   
ALA C    C  N N 3   
ALA O    O  N N 4   
ALA CB   C  N N 5   
ALA OXT  O  N N 6   
ALA H    H  N N 7   
ALA H2   H  N N 8   
ALA HA   H  N N 9   
ALA HB1  H  N N 10  
ALA HB2  H  N N 11  
ALA HB3  H  N N 12  
ALA HXT  H  N N 13  
ARG N    N  N N 14  
ARG CA   C  N S 15  
ARG C    C  N N 16  
ARG O    O  N N 17  
ARG CB   C  N N 18  
ARG CG   C  N N 19  
ARG CD   C  N N 20  
ARG NE   N  N N 21  
ARG CZ   C  N N 22  
ARG NH1  N  N N 23  
ARG NH2  N  N N 24  
ARG OXT  O  N N 25  
ARG H    H  N N 26  
ARG H2   H  N N 27  
ARG HA   H  N N 28  
ARG HB2  H  N N 29  
ARG HB3  H  N N 30  
ARG HG2  H  N N 31  
ARG HG3  H  N N 32  
ARG HD2  H  N N 33  
ARG HD3  H  N N 34  
ARG HE   H  N N 35  
ARG HH11 H  N N 36  
ARG HH12 H  N N 37  
ARG HH21 H  N N 38  
ARG HH22 H  N N 39  
ARG HXT  H  N N 40  
ASN N    N  N N 41  
ASN CA   C  N S 42  
ASN C    C  N N 43  
ASN O    O  N N 44  
ASN CB   C  N N 45  
ASN CG   C  N N 46  
ASN OD1  O  N N 47  
ASN ND2  N  N N 48  
ASN OXT  O  N N 49  
ASN H    H  N N 50  
ASN H2   H  N N 51  
ASN HA   H  N N 52  
ASN HB2  H  N N 53  
ASN HB3  H  N N 54  
ASN HD21 H  N N 55  
ASN HD22 H  N N 56  
ASN HXT  H  N N 57  
ASP N    N  N N 58  
ASP CA   C  N S 59  
ASP C    C  N N 60  
ASP O    O  N N 61  
ASP CB   C  N N 62  
ASP CG   C  N N 63  
ASP OD1  O  N N 64  
ASP OD2  O  N N 65  
ASP OXT  O  N N 66  
ASP H    H  N N 67  
ASP H2   H  N N 68  
ASP HA   H  N N 69  
ASP HB2  H  N N 70  
ASP HB3  H  N N 71  
ASP HD2  H  N N 72  
ASP HXT  H  N N 73  
CYS N    N  N N 74  
CYS CA   C  N R 75  
CYS C    C  N N 76  
CYS O    O  N N 77  
CYS CB   C  N N 78  
CYS SG   S  N N 79  
CYS OXT  O  N N 80  
CYS H    H  N N 81  
CYS H2   H  N N 82  
CYS HA   H  N N 83  
CYS HB2  H  N N 84  
CYS HB3  H  N N 85  
CYS HG   H  N N 86  
CYS HXT  H  N N 87  
GLN N    N  N N 88  
GLN CA   C  N S 89  
GLN C    C  N N 90  
GLN O    O  N N 91  
GLN CB   C  N N 92  
GLN CG   C  N N 93  
GLN CD   C  N N 94  
GLN OE1  O  N N 95  
GLN NE2  N  N N 96  
GLN OXT  O  N N 97  
GLN H    H  N N 98  
GLN H2   H  N N 99  
GLN HA   H  N N 100 
GLN HB2  H  N N 101 
GLN HB3  H  N N 102 
GLN HG2  H  N N 103 
GLN HG3  H  N N 104 
GLN HE21 H  N N 105 
GLN HE22 H  N N 106 
GLN HXT  H  N N 107 
GLU N    N  N N 108 
GLU CA   C  N S 109 
GLU C    C  N N 110 
GLU O    O  N N 111 
GLU CB   C  N N 112 
GLU CG   C  N N 113 
GLU CD   C  N N 114 
GLU OE1  O  N N 115 
GLU OE2  O  N N 116 
GLU OXT  O  N N 117 
GLU H    H  N N 118 
GLU H2   H  N N 119 
GLU HA   H  N N 120 
GLU HB2  H  N N 121 
GLU HB3  H  N N 122 
GLU HG2  H  N N 123 
GLU HG3  H  N N 124 
GLU HE2  H  N N 125 
GLU HXT  H  N N 126 
GLY N    N  N N 127 
GLY CA   C  N N 128 
GLY C    C  N N 129 
GLY O    O  N N 130 
GLY OXT  O  N N 131 
GLY H    H  N N 132 
GLY H2   H  N N 133 
GLY HA2  H  N N 134 
GLY HA3  H  N N 135 
GLY HXT  H  N N 136 
HEC FE   FE N N 137 
HEC CHA  C  N N 138 
HEC CHB  C  N N 139 
HEC CHC  C  N N 140 
HEC CHD  C  N N 141 
HEC NA   N  Y N 142 
HEC C1A  C  Y N 143 
HEC C2A  C  Y N 144 
HEC C3A  C  Y N 145 
HEC C4A  C  Y N 146 
HEC CMA  C  N N 147 
HEC CAA  C  N N 148 
HEC CBA  C  N N 149 
HEC CGA  C  N N 150 
HEC O1A  O  N N 151 
HEC O2A  O  N N 152 
HEC NB   N  Y N 153 
HEC C1B  C  Y N 154 
HEC C2B  C  Y N 155 
HEC C3B  C  Y N 156 
HEC C4B  C  Y N 157 
HEC CMB  C  N N 158 
HEC CAB  C  N N 159 
HEC CBB  C  N N 160 
HEC NC   N  Y N 161 
HEC C1C  C  Y N 162 
HEC C2C  C  Y N 163 
HEC C3C  C  Y N 164 
HEC C4C  C  Y N 165 
HEC CMC  C  N N 166 
HEC CAC  C  N N 167 
HEC CBC  C  N N 168 
HEC ND   N  Y N 169 
HEC C1D  C  Y N 170 
HEC C2D  C  Y N 171 
HEC C3D  C  Y N 172 
HEC C4D  C  Y N 173 
HEC CMD  C  N N 174 
HEC CAD  C  N N 175 
HEC CBD  C  N N 176 
HEC CGD  C  N N 177 
HEC O1D  O  N N 178 
HEC O2D  O  N N 179 
HEC HHA  H  N N 180 
HEC HHB  H  N N 181 
HEC HHC  H  N N 182 
HEC HHD  H  N N 183 
HEC HMA1 H  N N 184 
HEC HMA2 H  N N 185 
HEC HMA3 H  N N 186 
HEC HAA1 H  N N 187 
HEC HAA2 H  N N 188 
HEC HBA1 H  N N 189 
HEC HBA2 H  N N 190 
HEC H2A  H  N N 191 
HEC HMB1 H  N N 192 
HEC HMB2 H  N N 193 
HEC HMB3 H  N N 194 
HEC HAB  H  N N 195 
HEC HBB1 H  N N 196 
HEC HBB2 H  N N 197 
HEC HBB3 H  N N 198 
HEC HMC1 H  N N 199 
HEC HMC2 H  N N 200 
HEC HMC3 H  N N 201 
HEC HAC  H  N N 202 
HEC HBC1 H  N N 203 
HEC HBC2 H  N N 204 
HEC HBC3 H  N N 205 
HEC HMD1 H  N N 206 
HEC HMD2 H  N N 207 
HEC HMD3 H  N N 208 
HEC HAD1 H  N N 209 
HEC HAD2 H  N N 210 
HEC HBD1 H  N N 211 
HEC HBD2 H  N N 212 
HEC H2D  H  N N 213 
HIS N    N  N N 214 
HIS CA   C  N S 215 
HIS C    C  N N 216 
HIS O    O  N N 217 
HIS CB   C  N N 218 
HIS CG   C  Y N 219 
HIS ND1  N  Y N 220 
HIS CD2  C  Y N 221 
HIS CE1  C  Y N 222 
HIS NE2  N  Y N 223 
HIS OXT  O  N N 224 
HIS H    H  N N 225 
HIS H2   H  N N 226 
HIS HA   H  N N 227 
HIS HB2  H  N N 228 
HIS HB3  H  N N 229 
HIS HD1  H  N N 230 
HIS HD2  H  N N 231 
HIS HE1  H  N N 232 
HIS HE2  H  N N 233 
HIS HXT  H  N N 234 
HOH O    O  N N 235 
HOH H1   H  N N 236 
HOH H2   H  N N 237 
ILE N    N  N N 238 
ILE CA   C  N S 239 
ILE C    C  N N 240 
ILE O    O  N N 241 
ILE CB   C  N S 242 
ILE CG1  C  N N 243 
ILE CG2  C  N N 244 
ILE CD1  C  N N 245 
ILE OXT  O  N N 246 
ILE H    H  N N 247 
ILE H2   H  N N 248 
ILE HA   H  N N 249 
ILE HB   H  N N 250 
ILE HG12 H  N N 251 
ILE HG13 H  N N 252 
ILE HG21 H  N N 253 
ILE HG22 H  N N 254 
ILE HG23 H  N N 255 
ILE HD11 H  N N 256 
ILE HD12 H  N N 257 
ILE HD13 H  N N 258 
ILE HXT  H  N N 259 
LEU N    N  N N 260 
LEU CA   C  N S 261 
LEU C    C  N N 262 
LEU O    O  N N 263 
LEU CB   C  N N 264 
LEU CG   C  N N 265 
LEU CD1  C  N N 266 
LEU CD2  C  N N 267 
LEU OXT  O  N N 268 
LEU H    H  N N 269 
LEU H2   H  N N 270 
LEU HA   H  N N 271 
LEU HB2  H  N N 272 
LEU HB3  H  N N 273 
LEU HG   H  N N 274 
LEU HD11 H  N N 275 
LEU HD12 H  N N 276 
LEU HD13 H  N N 277 
LEU HD21 H  N N 278 
LEU HD22 H  N N 279 
LEU HD23 H  N N 280 
LEU HXT  H  N N 281 
LYS N    N  N N 282 
LYS CA   C  N S 283 
LYS C    C  N N 284 
LYS O    O  N N 285 
LYS CB   C  N N 286 
LYS CG   C  N N 287 
LYS CD   C  N N 288 
LYS CE   C  N N 289 
LYS NZ   N  N N 290 
LYS OXT  O  N N 291 
LYS H    H  N N 292 
LYS H2   H  N N 293 
LYS HA   H  N N 294 
LYS HB2  H  N N 295 
LYS HB3  H  N N 296 
LYS HG2  H  N N 297 
LYS HG3  H  N N 298 
LYS HD2  H  N N 299 
LYS HD3  H  N N 300 
LYS HE2  H  N N 301 
LYS HE3  H  N N 302 
LYS HZ1  H  N N 303 
LYS HZ2  H  N N 304 
LYS HZ3  H  N N 305 
LYS HXT  H  N N 306 
MET N    N  N N 307 
MET CA   C  N S 308 
MET C    C  N N 309 
MET O    O  N N 310 
MET CB   C  N N 311 
MET CG   C  N N 312 
MET SD   S  N N 313 
MET CE   C  N N 314 
MET OXT  O  N N 315 
MET H    H  N N 316 
MET H2   H  N N 317 
MET HA   H  N N 318 
MET HB2  H  N N 319 
MET HB3  H  N N 320 
MET HG2  H  N N 321 
MET HG3  H  N N 322 
MET HE1  H  N N 323 
MET HE2  H  N N 324 
MET HE3  H  N N 325 
MET HXT  H  N N 326 
PHE N    N  N N 327 
PHE CA   C  N S 328 
PHE C    C  N N 329 
PHE O    O  N N 330 
PHE CB   C  N N 331 
PHE CG   C  Y N 332 
PHE CD1  C  Y N 333 
PHE CD2  C  Y N 334 
PHE CE1  C  Y N 335 
PHE CE2  C  Y N 336 
PHE CZ   C  Y N 337 
PHE OXT  O  N N 338 
PHE H    H  N N 339 
PHE H2   H  N N 340 
PHE HA   H  N N 341 
PHE HB2  H  N N 342 
PHE HB3  H  N N 343 
PHE HD1  H  N N 344 
PHE HD2  H  N N 345 
PHE HE1  H  N N 346 
PHE HE2  H  N N 347 
PHE HZ   H  N N 348 
PHE HXT  H  N N 349 
PRO N    N  N N 350 
PRO CA   C  N S 351 
PRO C    C  N N 352 
PRO O    O  N N 353 
PRO CB   C  N N 354 
PRO CG   C  N N 355 
PRO CD   C  N N 356 
PRO OXT  O  N N 357 
PRO H    H  N N 358 
PRO HA   H  N N 359 
PRO HB2  H  N N 360 
PRO HB3  H  N N 361 
PRO HG2  H  N N 362 
PRO HG3  H  N N 363 
PRO HD2  H  N N 364 
PRO HD3  H  N N 365 
PRO HXT  H  N N 366 
SER N    N  N N 367 
SER CA   C  N S 368 
SER C    C  N N 369 
SER O    O  N N 370 
SER CB   C  N N 371 
SER OG   O  N N 372 
SER OXT  O  N N 373 
SER H    H  N N 374 
SER H2   H  N N 375 
SER HA   H  N N 376 
SER HB2  H  N N 377 
SER HB3  H  N N 378 
SER HG   H  N N 379 
SER HXT  H  N N 380 
THR N    N  N N 381 
THR CA   C  N S 382 
THR C    C  N N 383 
THR O    O  N N 384 
THR CB   C  N R 385 
THR OG1  O  N N 386 
THR CG2  C  N N 387 
THR OXT  O  N N 388 
THR H    H  N N 389 
THR H2   H  N N 390 
THR HA   H  N N 391 
THR HB   H  N N 392 
THR HG1  H  N N 393 
THR HG21 H  N N 394 
THR HG22 H  N N 395 
THR HG23 H  N N 396 
THR HXT  H  N N 397 
TRP N    N  N N 398 
TRP CA   C  N S 399 
TRP C    C  N N 400 
TRP O    O  N N 401 
TRP CB   C  N N 402 
TRP CG   C  Y N 403 
TRP CD1  C  Y N 404 
TRP CD2  C  Y N 405 
TRP NE1  N  Y N 406 
TRP CE2  C  Y N 407 
TRP CE3  C  Y N 408 
TRP CZ2  C  Y N 409 
TRP CZ3  C  Y N 410 
TRP CH2  C  Y N 411 
TRP OXT  O  N N 412 
TRP H    H  N N 413 
TRP H2   H  N N 414 
TRP HA   H  N N 415 
TRP HB2  H  N N 416 
TRP HB3  H  N N 417 
TRP HD1  H  N N 418 
TRP HE1  H  N N 419 
TRP HE3  H  N N 420 
TRP HZ2  H  N N 421 
TRP HZ3  H  N N 422 
TRP HH2  H  N N 423 
TRP HXT  H  N N 424 
TYR N    N  N N 425 
TYR CA   C  N S 426 
TYR C    C  N N 427 
TYR O    O  N N 428 
TYR CB   C  N N 429 
TYR CG   C  Y N 430 
TYR CD1  C  Y N 431 
TYR CD2  C  Y N 432 
TYR CE1  C  Y N 433 
TYR CE2  C  Y N 434 
TYR CZ   C  Y N 435 
TYR OH   O  N N 436 
TYR OXT  O  N N 437 
TYR H    H  N N 438 
TYR H2   H  N N 439 
TYR HA   H  N N 440 
TYR HB2  H  N N 441 
TYR HB3  H  N N 442 
TYR HD1  H  N N 443 
TYR HD2  H  N N 444 
TYR HE1  H  N N 445 
TYR HE2  H  N N 446 
TYR HH   H  N N 447 
TYR HXT  H  N N 448 
VAL N    N  N N 449 
VAL CA   C  N S 450 
VAL C    C  N N 451 
VAL O    O  N N 452 
VAL CB   C  N N 453 
VAL CG1  C  N N 454 
VAL CG2  C  N N 455 
VAL OXT  O  N N 456 
VAL H    H  N N 457 
VAL H2   H  N N 458 
VAL HA   H  N N 459 
VAL HB   H  N N 460 
VAL HG11 H  N N 461 
VAL HG12 H  N N 462 
VAL HG13 H  N N 463 
VAL HG21 H  N N 464 
VAL HG22 H  N N 465 
VAL HG23 H  N N 466 
VAL HXT  H  N N 467 
# 
loop_
_chem_comp_bond.comp_id 
_chem_comp_bond.atom_id_1 
_chem_comp_bond.atom_id_2 
_chem_comp_bond.value_order 
_chem_comp_bond.pdbx_aromatic_flag 
_chem_comp_bond.pdbx_stereo_config 
_chem_comp_bond.pdbx_ordinal 
ALA N   CA   sing N N 1   
ALA N   H    sing N N 2   
ALA N   H2   sing N N 3   
ALA CA  C    sing N N 4   
ALA CA  CB   sing N N 5   
ALA CA  HA   sing N N 6   
ALA C   O    doub N N 7   
ALA C   OXT  sing N N 8   
ALA CB  HB1  sing N N 9   
ALA CB  HB2  sing N N 10  
ALA CB  HB3  sing N N 11  
ALA OXT HXT  sing N N 12  
ARG N   CA   sing N N 13  
ARG N   H    sing N N 14  
ARG N   H2   sing N N 15  
ARG CA  C    sing N N 16  
ARG CA  CB   sing N N 17  
ARG CA  HA   sing N N 18  
ARG C   O    doub N N 19  
ARG C   OXT  sing N N 20  
ARG CB  CG   sing N N 21  
ARG CB  HB2  sing N N 22  
ARG CB  HB3  sing N N 23  
ARG CG  CD   sing N N 24  
ARG CG  HG2  sing N N 25  
ARG CG  HG3  sing N N 26  
ARG CD  NE   sing N N 27  
ARG CD  HD2  sing N N 28  
ARG CD  HD3  sing N N 29  
ARG NE  CZ   sing N N 30  
ARG NE  HE   sing N N 31  
ARG CZ  NH1  sing N N 32  
ARG CZ  NH2  doub N N 33  
ARG NH1 HH11 sing N N 34  
ARG NH1 HH12 sing N N 35  
ARG NH2 HH21 sing N N 36  
ARG NH2 HH22 sing N N 37  
ARG OXT HXT  sing N N 38  
ASN N   CA   sing N N 39  
ASN N   H    sing N N 40  
ASN N   H2   sing N N 41  
ASN CA  C    sing N N 42  
ASN CA  CB   sing N N 43  
ASN CA  HA   sing N N 44  
ASN C   O    doub N N 45  
ASN C   OXT  sing N N 46  
ASN CB  CG   sing N N 47  
ASN CB  HB2  sing N N 48  
ASN CB  HB3  sing N N 49  
ASN CG  OD1  doub N N 50  
ASN CG  ND2  sing N N 51  
ASN ND2 HD21 sing N N 52  
ASN ND2 HD22 sing N N 53  
ASN OXT HXT  sing N N 54  
ASP N   CA   sing N N 55  
ASP N   H    sing N N 56  
ASP N   H2   sing N N 57  
ASP CA  C    sing N N 58  
ASP CA  CB   sing N N 59  
ASP CA  HA   sing N N 60  
ASP C   O    doub N N 61  
ASP C   OXT  sing N N 62  
ASP CB  CG   sing N N 63  
ASP CB  HB2  sing N N 64  
ASP CB  HB3  sing N N 65  
ASP CG  OD1  doub N N 66  
ASP CG  OD2  sing N N 67  
ASP OD2 HD2  sing N N 68  
ASP OXT HXT  sing N N 69  
CYS N   CA   sing N N 70  
CYS N   H    sing N N 71  
CYS N   H2   sing N N 72  
CYS CA  C    sing N N 73  
CYS CA  CB   sing N N 74  
CYS CA  HA   sing N N 75  
CYS C   O    doub N N 76  
CYS C   OXT  sing N N 77  
CYS CB  SG   sing N N 78  
CYS CB  HB2  sing N N 79  
CYS CB  HB3  sing N N 80  
CYS SG  HG   sing N N 81  
CYS OXT HXT  sing N N 82  
GLN N   CA   sing N N 83  
GLN N   H    sing N N 84  
GLN N   H2   sing N N 85  
GLN CA  C    sing N N 86  
GLN CA  CB   sing N N 87  
GLN CA  HA   sing N N 88  
GLN C   O    doub N N 89  
GLN C   OXT  sing N N 90  
GLN CB  CG   sing N N 91  
GLN CB  HB2  sing N N 92  
GLN CB  HB3  sing N N 93  
GLN CG  CD   sing N N 94  
GLN CG  HG2  sing N N 95  
GLN CG  HG3  sing N N 96  
GLN CD  OE1  doub N N 97  
GLN CD  NE2  sing N N 98  
GLN NE2 HE21 sing N N 99  
GLN NE2 HE22 sing N N 100 
GLN OXT HXT  sing N N 101 
GLU N   CA   sing N N 102 
GLU N   H    sing N N 103 
GLU N   H2   sing N N 104 
GLU CA  C    sing N N 105 
GLU CA  CB   sing N N 106 
GLU CA  HA   sing N N 107 
GLU C   O    doub N N 108 
GLU C   OXT  sing N N 109 
GLU CB  CG   sing N N 110 
GLU CB  HB2  sing N N 111 
GLU CB  HB3  sing N N 112 
GLU CG  CD   sing N N 113 
GLU CG  HG2  sing N N 114 
GLU CG  HG3  sing N N 115 
GLU CD  OE1  doub N N 116 
GLU CD  OE2  sing N N 117 
GLU OE2 HE2  sing N N 118 
GLU OXT HXT  sing N N 119 
GLY N   CA   sing N N 120 
GLY N   H    sing N N 121 
GLY N   H2   sing N N 122 
GLY CA  C    sing N N 123 
GLY CA  HA2  sing N N 124 
GLY CA  HA3  sing N N 125 
GLY C   O    doub N N 126 
GLY C   OXT  sing N N 127 
GLY OXT HXT  sing N N 128 
HEC FE  NA   sing N N 129 
HEC FE  NB   sing N N 130 
HEC FE  NC   sing N N 131 
HEC FE  ND   sing N N 132 
HEC CHA C1A  doub N N 133 
HEC CHA C4D  sing N N 134 
HEC CHA HHA  sing N N 135 
HEC CHB C4A  doub N N 136 
HEC CHB C1B  sing N N 137 
HEC CHB HHB  sing N N 138 
HEC CHC C4B  doub N N 139 
HEC CHC C1C  sing N N 140 
HEC CHC HHC  sing N N 141 
HEC CHD C4C  doub N N 142 
HEC CHD C1D  sing N N 143 
HEC CHD HHD  sing N N 144 
HEC NA  C1A  sing Y N 145 
HEC NA  C4A  sing Y N 146 
HEC C1A C2A  sing Y N 147 
HEC C2A C3A  doub Y N 148 
HEC C2A CAA  sing N N 149 
HEC C3A C4A  sing Y N 150 
HEC C3A CMA  sing N N 151 
HEC CMA HMA1 sing N N 152 
HEC CMA HMA2 sing N N 153 
HEC CMA HMA3 sing N N 154 
HEC CAA CBA  sing N N 155 
HEC CAA HAA1 sing N N 156 
HEC CAA HAA2 sing N N 157 
HEC CBA CGA  sing N N 158 
HEC CBA HBA1 sing N N 159 
HEC CBA HBA2 sing N N 160 
HEC CGA O1A  doub N N 161 
HEC CGA O2A  sing N N 162 
HEC O2A H2A  sing N N 163 
HEC NB  C1B  sing Y N 164 
HEC NB  C4B  sing Y N 165 
HEC C1B C2B  doub Y N 166 
HEC C2B C3B  sing Y N 167 
HEC C2B CMB  sing N N 168 
HEC C3B C4B  sing Y N 169 
HEC C3B CAB  doub N E 170 
HEC CMB HMB1 sing N N 171 
HEC CMB HMB2 sing N N 172 
HEC CMB HMB3 sing N N 173 
HEC CAB CBB  sing N N 174 
HEC CAB HAB  sing N N 175 
HEC CBB HBB1 sing N N 176 
HEC CBB HBB2 sing N N 177 
HEC CBB HBB3 sing N N 178 
HEC NC  C1C  sing Y N 179 
HEC NC  C4C  sing Y N 180 
HEC C1C C2C  doub Y N 181 
HEC C2C C3C  sing Y N 182 
HEC C2C CMC  sing N N 183 
HEC C3C C4C  sing Y N 184 
HEC C3C CAC  doub N E 185 
HEC CMC HMC1 sing N N 186 
HEC CMC HMC2 sing N N 187 
HEC CMC HMC3 sing N N 188 
HEC CAC CBC  sing N N 189 
HEC CAC HAC  sing N N 190 
HEC CBC HBC1 sing N N 191 
HEC CBC HBC2 sing N N 192 
HEC CBC HBC3 sing N N 193 
HEC ND  C1D  sing Y N 194 
HEC ND  C4D  sing Y N 195 
HEC C1D C2D  doub Y N 196 
HEC C2D C3D  sing Y N 197 
HEC C2D CMD  sing N N 198 
HEC C3D C4D  doub Y N 199 
HEC C3D CAD  sing N N 200 
HEC CMD HMD1 sing N N 201 
HEC CMD HMD2 sing N N 202 
HEC CMD HMD3 sing N N 203 
HEC CAD CBD  sing N N 204 
HEC CAD HAD1 sing N N 205 
HEC CAD HAD2 sing N N 206 
HEC CBD CGD  sing N N 207 
HEC CBD HBD1 sing N N 208 
HEC CBD HBD2 sing N N 209 
HEC CGD O1D  doub N N 210 
HEC CGD O2D  sing N N 211 
HEC O2D H2D  sing N N 212 
HIS N   CA   sing N N 213 
HIS N   H    sing N N 214 
HIS N   H2   sing N N 215 
HIS CA  C    sing N N 216 
HIS CA  CB   sing N N 217 
HIS CA  HA   sing N N 218 
HIS C   O    doub N N 219 
HIS C   OXT  sing N N 220 
HIS CB  CG   sing N N 221 
HIS CB  HB2  sing N N 222 
HIS CB  HB3  sing N N 223 
HIS CG  ND1  sing Y N 224 
HIS CG  CD2  doub Y N 225 
HIS ND1 CE1  doub Y N 226 
HIS ND1 HD1  sing N N 227 
HIS CD2 NE2  sing Y N 228 
HIS CD2 HD2  sing N N 229 
HIS CE1 NE2  sing Y N 230 
HIS CE1 HE1  sing N N 231 
HIS NE2 HE2  sing N N 232 
HIS OXT HXT  sing N N 233 
HOH O   H1   sing N N 234 
HOH O   H2   sing N N 235 
ILE N   CA   sing N N 236 
ILE N   H    sing N N 237 
ILE N   H2   sing N N 238 
ILE CA  C    sing N N 239 
ILE CA  CB   sing N N 240 
ILE CA  HA   sing N N 241 
ILE C   O    doub N N 242 
ILE C   OXT  sing N N 243 
ILE CB  CG1  sing N N 244 
ILE CB  CG2  sing N N 245 
ILE CB  HB   sing N N 246 
ILE CG1 CD1  sing N N 247 
ILE CG1 HG12 sing N N 248 
ILE CG1 HG13 sing N N 249 
ILE CG2 HG21 sing N N 250 
ILE CG2 HG22 sing N N 251 
ILE CG2 HG23 sing N N 252 
ILE CD1 HD11 sing N N 253 
ILE CD1 HD12 sing N N 254 
ILE CD1 HD13 sing N N 255 
ILE OXT HXT  sing N N 256 
LEU N   CA   sing N N 257 
LEU N   H    sing N N 258 
LEU N   H2   sing N N 259 
LEU CA  C    sing N N 260 
LEU CA  CB   sing N N 261 
LEU CA  HA   sing N N 262 
LEU C   O    doub N N 263 
LEU C   OXT  sing N N 264 
LEU CB  CG   sing N N 265 
LEU CB  HB2  sing N N 266 
LEU CB  HB3  sing N N 267 
LEU CG  CD1  sing N N 268 
LEU CG  CD2  sing N N 269 
LEU CG  HG   sing N N 270 
LEU CD1 HD11 sing N N 271 
LEU CD1 HD12 sing N N 272 
LEU CD1 HD13 sing N N 273 
LEU CD2 HD21 sing N N 274 
LEU CD2 HD22 sing N N 275 
LEU CD2 HD23 sing N N 276 
LEU OXT HXT  sing N N 277 
LYS N   CA   sing N N 278 
LYS N   H    sing N N 279 
LYS N   H2   sing N N 280 
LYS CA  C    sing N N 281 
LYS CA  CB   sing N N 282 
LYS CA  HA   sing N N 283 
LYS C   O    doub N N 284 
LYS C   OXT  sing N N 285 
LYS CB  CG   sing N N 286 
LYS CB  HB2  sing N N 287 
LYS CB  HB3  sing N N 288 
LYS CG  CD   sing N N 289 
LYS CG  HG2  sing N N 290 
LYS CG  HG3  sing N N 291 
LYS CD  CE   sing N N 292 
LYS CD  HD2  sing N N 293 
LYS CD  HD3  sing N N 294 
LYS CE  NZ   sing N N 295 
LYS CE  HE2  sing N N 296 
LYS CE  HE3  sing N N 297 
LYS NZ  HZ1  sing N N 298 
LYS NZ  HZ2  sing N N 299 
LYS NZ  HZ3  sing N N 300 
LYS OXT HXT  sing N N 301 
MET N   CA   sing N N 302 
MET N   H    sing N N 303 
MET N   H2   sing N N 304 
MET CA  C    sing N N 305 
MET CA  CB   sing N N 306 
MET CA  HA   sing N N 307 
MET C   O    doub N N 308 
MET C   OXT  sing N N 309 
MET CB  CG   sing N N 310 
MET CB  HB2  sing N N 311 
MET CB  HB3  sing N N 312 
MET CG  SD   sing N N 313 
MET CG  HG2  sing N N 314 
MET CG  HG3  sing N N 315 
MET SD  CE   sing N N 316 
MET CE  HE1  sing N N 317 
MET CE  HE2  sing N N 318 
MET CE  HE3  sing N N 319 
MET OXT HXT  sing N N 320 
PHE N   CA   sing N N 321 
PHE N   H    sing N N 322 
PHE N   H2   sing N N 323 
PHE CA  C    sing N N 324 
PHE CA  CB   sing N N 325 
PHE CA  HA   sing N N 326 
PHE C   O    doub N N 327 
PHE C   OXT  sing N N 328 
PHE CB  CG   sing N N 329 
PHE CB  HB2  sing N N 330 
PHE CB  HB3  sing N N 331 
PHE CG  CD1  doub Y N 332 
PHE CG  CD2  sing Y N 333 
PHE CD1 CE1  sing Y N 334 
PHE CD1 HD1  sing N N 335 
PHE CD2 CE2  doub Y N 336 
PHE CD2 HD2  sing N N 337 
PHE CE1 CZ   doub Y N 338 
PHE CE1 HE1  sing N N 339 
PHE CE2 CZ   sing Y N 340 
PHE CE2 HE2  sing N N 341 
PHE CZ  HZ   sing N N 342 
PHE OXT HXT  sing N N 343 
PRO N   CA   sing N N 344 
PRO N   CD   sing N N 345 
PRO N   H    sing N N 346 
PRO CA  C    sing N N 347 
PRO CA  CB   sing N N 348 
PRO CA  HA   sing N N 349 
PRO C   O    doub N N 350 
PRO C   OXT  sing N N 351 
PRO CB  CG   sing N N 352 
PRO CB  HB2  sing N N 353 
PRO CB  HB3  sing N N 354 
PRO CG  CD   sing N N 355 
PRO CG  HG2  sing N N 356 
PRO CG  HG3  sing N N 357 
PRO CD  HD2  sing N N 358 
PRO CD  HD3  sing N N 359 
PRO OXT HXT  sing N N 360 
SER N   CA   sing N N 361 
SER N   H    sing N N 362 
SER N   H2   sing N N 363 
SER CA  C    sing N N 364 
SER CA  CB   sing N N 365 
SER CA  HA   sing N N 366 
SER C   O    doub N N 367 
SER C   OXT  sing N N 368 
SER CB  OG   sing N N 369 
SER CB  HB2  sing N N 370 
SER CB  HB3  sing N N 371 
SER OG  HG   sing N N 372 
SER OXT HXT  sing N N 373 
THR N   CA   sing N N 374 
THR N   H    sing N N 375 
THR N   H2   sing N N 376 
THR CA  C    sing N N 377 
THR CA  CB   sing N N 378 
THR CA  HA   sing N N 379 
THR C   O    doub N N 380 
THR C   OXT  sing N N 381 
THR CB  OG1  sing N N 382 
THR CB  CG2  sing N N 383 
THR CB  HB   sing N N 384 
THR OG1 HG1  sing N N 385 
THR CG2 HG21 sing N N 386 
THR CG2 HG22 sing N N 387 
THR CG2 HG23 sing N N 388 
THR OXT HXT  sing N N 389 
TRP N   CA   sing N N 390 
TRP N   H    sing N N 391 
TRP N   H2   sing N N 392 
TRP CA  C    sing N N 393 
TRP CA  CB   sing N N 394 
TRP CA  HA   sing N N 395 
TRP C   O    doub N N 396 
TRP C   OXT  sing N N 397 
TRP CB  CG   sing N N 398 
TRP CB  HB2  sing N N 399 
TRP CB  HB3  sing N N 400 
TRP CG  CD1  doub Y N 401 
TRP CG  CD2  sing Y N 402 
TRP CD1 NE1  sing Y N 403 
TRP CD1 HD1  sing N N 404 
TRP CD2 CE2  doub Y N 405 
TRP CD2 CE3  sing Y N 406 
TRP NE1 CE2  sing Y N 407 
TRP NE1 HE1  sing N N 408 
TRP CE2 CZ2  sing Y N 409 
TRP CE3 CZ3  doub Y N 410 
TRP CE3 HE3  sing N N 411 
TRP CZ2 CH2  doub Y N 412 
TRP CZ2 HZ2  sing N N 413 
TRP CZ3 CH2  sing Y N 414 
TRP CZ3 HZ3  sing N N 415 
TRP CH2 HH2  sing N N 416 
TRP OXT HXT  sing N N 417 
TYR N   CA   sing N N 418 
TYR N   H    sing N N 419 
TYR N   H2   sing N N 420 
TYR CA  C    sing N N 421 
TYR CA  CB   sing N N 422 
TYR CA  HA   sing N N 423 
TYR C   O    doub N N 424 
TYR C   OXT  sing N N 425 
TYR CB  CG   sing N N 426 
TYR CB  HB2  sing N N 427 
TYR CB  HB3  sing N N 428 
TYR CG  CD1  doub Y N 429 
TYR CG  CD2  sing Y N 430 
TYR CD1 CE1  sing Y N 431 
TYR CD1 HD1  sing N N 432 
TYR CD2 CE2  doub Y N 433 
TYR CD2 HD2  sing N N 434 
TYR CE1 CZ   doub Y N 435 
TYR CE1 HE1  sing N N 436 
TYR CE2 CZ   sing Y N 437 
TYR CE2 HE2  sing N N 438 
TYR CZ  OH   sing N N 439 
TYR OH  HH   sing N N 440 
TYR OXT HXT  sing N N 441 
VAL N   CA   sing N N 442 
VAL N   H    sing N N 443 
VAL N   H2   sing N N 444 
VAL CA  C    sing N N 445 
VAL CA  CB   sing N N 446 
VAL CA  HA   sing N N 447 
VAL C   O    doub N N 448 
VAL C   OXT  sing N N 449 
VAL CB  CG1  sing N N 450 
VAL CB  CG2  sing N N 451 
VAL CB  HB   sing N N 452 
VAL CG1 HG11 sing N N 453 
VAL CG1 HG12 sing N N 454 
VAL CG1 HG13 sing N N 455 
VAL CG2 HG21 sing N N 456 
VAL CG2 HG22 sing N N 457 
VAL CG2 HG23 sing N N 458 
VAL OXT HXT  sing N N 459 
# 
_atom_sites.entry_id                    1COT 
_atom_sites.fract_transf_matrix[1][1]   0.01162662 
_atom_sites.fract_transf_matrix[1][2]   0.02564497 
_atom_sites.fract_transf_matrix[1][3]   0.01444391 
_atom_sites.fract_transf_matrix[2][1]   0.01825380 
_atom_sites.fract_transf_matrix[2][2]   -0.01284854 
_atom_sites.fract_transf_matrix[2][3]   0.00811904 
_atom_sites.fract_transf_matrix[3][1]   0.00642018 
_atom_sites.fract_transf_matrix[3][2]   0.00275949 
_atom_sites.fract_transf_matrix[3][3]   -0.01006735 
_atom_sites.fract_transf_vector[1]      0.425414 
_atom_sites.fract_transf_vector[2]      0.308914 
_atom_sites.fract_transf_vector[3]      0.371610 
# 
loop_
_atom_type.symbol 
C  
FE 
N  
O  
S  
# 
loop_
_atom_site.group_PDB 
_atom_site.id 
_atom_site.type_symbol 
_atom_site.label_atom_id 
_atom_site.label_alt_id 
_atom_site.label_comp_id 
_atom_site.label_asym_id 
_atom_site.label_entity_id 
_atom_site.label_seq_id 
_atom_site.pdbx_PDB_ins_code 
_atom_site.Cartn_x 
_atom_site.Cartn_y 
_atom_site.Cartn_z 
_atom_site.occupancy 
_atom_site.B_iso_or_equiv 
_atom_site.pdbx_formal_charge 
_atom_site.auth_seq_id 
_atom_site.auth_comp_id 
_atom_site.auth_asym_id 
_atom_site.auth_atom_id 
_atom_site.pdbx_PDB_model_num 
ATOM   1    N  N   . ASP A 1 2   ? -6.079  16.308  2.126   1.00 100.00 ? 2   ASP A N   1 
ATOM   2    C  CA  . ASP A 1 2   ? -7.452  16.625  1.813   1.00 100.00 ? 2   ASP A CA  1 
ATOM   3    C  C   . ASP A 1 2   ? -8.058  15.680  0.788   1.00 100.00 ? 2   ASP A C   1 
ATOM   4    O  O   . ASP A 1 2   ? -8.801  16.094  -0.119  1.00 40.63  ? 2   ASP A O   1 
ATOM   5    N  N   . GLY A 1 3   ? -7.711  14.408  0.934   1.00 25.60  ? 3   GLY A N   1 
ATOM   6    C  CA  . GLY A 1 3   ? -8.236  13.405  0.038   1.00 12.36  ? 3   GLY A CA  1 
ATOM   7    C  C   . GLY A 1 3   ? -9.629  13.141  0.554   1.00 15.33  ? 3   GLY A C   1 
ATOM   8    O  O   . GLY A 1 3   ? -9.958  13.359  1.719   1.00 21.07  ? 3   GLY A O   1 
ATOM   9    N  N   . ASP A 1 4   ? -10.440 12.671  -0.361  1.00 16.65  ? 4   ASP A N   1 
ATOM   10   C  CA  . ASP A 1 4   ? -11.817 12.346  -0.130  1.00 12.58  ? 4   ASP A CA  1 
ATOM   11   C  C   . ASP A 1 4   ? -11.972 10.828  -0.142  1.00 13.57  ? 4   ASP A C   1 
ATOM   12   O  O   . ASP A 1 4   ? -11.850 10.195  -1.188  1.00 12.81  ? 4   ASP A O   1 
ATOM   13   C  CB  . ASP A 1 4   ? -12.619 13.014  -1.266  1.00 15.30  ? 4   ASP A CB  1 
ATOM   14   C  CG  . ASP A 1 4   ? -14.101 12.838  -1.175  1.00 27.21  ? 4   ASP A CG  1 
ATOM   15   O  OD1 . ASP A 1 4   ? -14.612 11.864  -0.662  1.00 19.19  ? 4   ASP A OD1 1 
ATOM   16   O  OD2 . ASP A 1 4   ? -14.773 13.826  -1.711  1.00 21.37  ? 4   ASP A OD2 1 
ATOM   17   N  N   . ALA A 1 5   ? -12.227 10.229  1.022   1.00 13.41  ? 5   ALA A N   1 
ATOM   18   C  CA  . ALA A 1 5   ? -12.373 8.783   1.118   1.00 12.44  ? 5   ALA A CA  1 
ATOM   19   C  C   . ALA A 1 5   ? -13.516 8.219   0.268   1.00 13.80  ? 5   ALA A C   1 
ATOM   20   O  O   . ALA A 1 5   ? -13.460 7.069   -0.173  1.00 14.79  ? 5   ALA A O   1 
ATOM   21   C  CB  . ALA A 1 5   ? -12.476 8.329   2.561   1.00 13.26  ? 5   ALA A CB  1 
ATOM   22   N  N   . ALA A 1 6   ? -14.559 9.021   0.022   1.00 10.80  ? 6   ALA A N   1 
ATOM   23   C  CA  . ALA A 1 6   ? -15.664 8.550   -0.793  1.00 14.71  ? 6   ALA A CA  1 
ATOM   24   C  C   . ALA A 1 6   ? -15.203 8.349   -2.232  1.00 14.27  ? 6   ALA A C   1 
ATOM   25   O  O   . ALA A 1 6   ? -15.479 7.316   -2.854  1.00 14.82  ? 6   ALA A O   1 
ATOM   26   C  CB  . ALA A 1 6   ? -16.877 9.463   -0.679  1.00 12.38  ? 6   ALA A CB  1 
ATOM   27   N  N   . LYS A 1 7   ? -14.447 9.320   -2.735  1.00 12.42  ? 7   LYS A N   1 
ATOM   28   C  CA  . LYS A 1 7   ? -13.900 9.254   -4.073  1.00 13.31  ? 7   LYS A CA  1 
ATOM   29   C  C   . LYS A 1 7   ? -12.853 8.157   -4.069  1.00 14.05  ? 7   LYS A C   1 
ATOM   30   O  O   . LYS A 1 7   ? -12.692 7.413   -5.035  1.00 14.71  ? 7   LYS A O   1 
ATOM   31   C  CB  . LYS A 1 7   ? -13.226 10.573  -4.401  1.00 12.28  ? 7   LYS A CB  1 
ATOM   32   C  CG  . LYS A 1 7   ? -14.252 11.572  -4.911  1.00 24.11  ? 7   LYS A CG  1 
ATOM   33   C  CD  . LYS A 1 7   ? -13.632 12.859  -5.409  1.00 24.80  ? 7   LYS A CD  1 
ATOM   34   C  CE  . LYS A 1 7   ? -14.652 13.976  -5.566  1.00 100.00 ? 7   LYS A CE  1 
ATOM   35   N  NZ  . LYS A 1 7   ? -14.326 15.163  -4.759  1.00 96.06  ? 7   LYS A NZ  1 
ATOM   36   N  N   . GLY A 1 8   ? -12.156 8.054   -2.942  1.00 12.41  ? 8   GLY A N   1 
ATOM   37   C  CA  . GLY A 1 8   ? -11.128 7.040   -2.791  1.00 13.89  ? 8   GLY A CA  1 
ATOM   38   C  C   . GLY A 1 8   ? -11.689 5.631   -2.942  1.00 13.70  ? 8   GLY A C   1 
ATOM   39   O  O   . GLY A 1 8   ? -11.034 4.746   -3.490  1.00 11.15  ? 8   GLY A O   1 
ATOM   40   N  N   . GLU A 1 9   ? -12.910 5.395   -2.475  1.00 9.79   ? 9   GLU A N   1 
ATOM   41   C  CA  . GLU A 1 9   ? -13.482 4.073   -2.607  1.00 12.32  ? 9   GLU A CA  1 
ATOM   42   C  C   . GLU A 1 9   ? -13.662 3.705   -4.076  1.00 12.80  ? 9   GLU A C   1 
ATOM   43   O  O   . GLU A 1 9   ? -13.485 2.567   -4.500  1.00 12.77  ? 9   GLU A O   1 
ATOM   44   C  CB  . GLU A 1 9   ? -14.806 3.974   -1.856  1.00 14.68  ? 9   GLU A CB  1 
ATOM   45   C  CG  . GLU A 1 9   ? -15.515 2.662   -2.227  1.00 12.16  ? 9   GLU A CG  1 
ATOM   46   C  CD  . GLU A 1 9   ? -16.630 2.323   -1.286  1.00 33.28  ? 9   GLU A CD  1 
ATOM   47   O  OE1 . GLU A 1 9   ? -17.038 3.352   -0.581  1.00 23.36  ? 9   GLU A OE1 1 
ATOM   48   O  OE2 . GLU A 1 9   ? -17.094 1.201   -1.178  1.00 42.91  ? 9   GLU A OE2 1 
ATOM   49   N  N   . LYS A 1 10  ? -14.011 4.697   -4.883  1.00 13.43  ? 10  LYS A N   1 
ATOM   50   C  CA  . LYS A 1 10  ? -14.188 4.462   -6.302  1.00 17.76  ? 10  LYS A CA  1 
ATOM   51   C  C   . LYS A 1 10  ? -12.814 4.257   -6.928  1.00 12.89  ? 10  LYS A C   1 
ATOM   52   O  O   . LYS A 1 10  ? -12.618 3.401   -7.789  1.00 13.78  ? 10  LYS A O   1 
ATOM   53   C  CB  . LYS A 1 10  ? -14.786 5.673   -6.990  1.00 14.94  ? 10  LYS A CB  1 
ATOM   54   C  CG  . LYS A 1 10  ? -16.222 5.967   -6.627  1.00 40.68  ? 10  LYS A CG  1 
ATOM   55   C  CD  . LYS A 1 10  ? -16.734 7.114   -7.471  1.00 100.00 ? 10  LYS A CD  1 
ATOM   56   C  CE  . LYS A 1 10  ? -17.240 8.281   -6.643  1.00 53.56  ? 10  LYS A CE  1 
ATOM   57   N  NZ  . LYS A 1 10  ? -18.612 8.673   -6.999  1.00 94.25  ? 10  LYS A NZ  1 
ATOM   58   N  N   . GLU A 1 11  ? -11.840 5.057   -6.505  1.00 10.48  ? 11  GLU A N   1 
ATOM   59   C  CA  . GLU A 1 11  ? -10.493 4.925   -7.046  1.00 16.62  ? 11  GLU A CA  1 
ATOM   60   C  C   . GLU A 1 11  ? -9.930  3.528   -6.801  1.00 15.55  ? 11  GLU A C   1 
ATOM   61   O  O   . GLU A 1 11  ? -9.148  2.985   -7.583  1.00 14.71  ? 11  GLU A O   1 
ATOM   62   C  CB  . GLU A 1 11  ? -9.507  5.933   -6.398  1.00 13.87  ? 11  GLU A CB  1 
ATOM   63   C  CG  . GLU A 1 11  ? -9.706  7.422   -6.734  1.00 13.74  ? 11  GLU A CG  1 
ATOM   64   C  CD  . GLU A 1 11  ? -9.674  7.781   -8.191  1.00 29.40  ? 11  GLU A CD  1 
ATOM   65   O  OE1 . GLU A 1 11  ? -9.241  6.832   -8.988  1.00 23.48  ? 11  GLU A OE1 1 
ATOM   66   O  OE2 . GLU A 1 11  ? -10.011 8.881   -8.607  1.00 46.34  ? 11  GLU A OE2 1 
ATOM   67   N  N   . PHE A 1 12  ? -10.353 2.940   -5.682  1.00 13.30  ? 12  PHE A N   1 
ATOM   68   C  CA  . PHE A 1 12  ? -9.938  1.613   -5.262  1.00 14.70  ? 12  PHE A CA  1 
ATOM   69   C  C   . PHE A 1 12  ? -10.279 0.551   -6.284  1.00 13.33  ? 12  PHE A C   1 
ATOM   70   O  O   . PHE A 1 12  ? -9.715  -0.547  -6.283  1.00 13.98  ? 12  PHE A O   1 
ATOM   71   C  CB  . PHE A 1 12  ? -10.473 1.262   -3.865  1.00 11.22  ? 12  PHE A CB  1 
ATOM   72   C  CG  . PHE A 1 12  ? -9.628  0.166   -3.289  1.00 13.24  ? 12  PHE A CG  1 
ATOM   73   C  CD1 . PHE A 1 12  ? -8.384  0.463   -2.743  1.00 11.89  ? 12  PHE A CD1 1 
ATOM   74   C  CD2 . PHE A 1 12  ? -10.075 -1.154  -3.323  1.00 13.85  ? 12  PHE A CD2 1 
ATOM   75   C  CE1 . PHE A 1 12  ? -7.607  -0.574  -2.228  1.00 16.43  ? 12  PHE A CE1 1 
ATOM   76   C  CE2 . PHE A 1 12  ? -9.300  -2.188  -2.800  1.00 12.27  ? 12  PHE A CE2 1 
ATOM   77   C  CZ  . PHE A 1 12  ? -8.052  -1.896  -2.247  1.00 13.17  ? 12  PHE A CZ  1 
ATOM   78   N  N   . ASN A 1 13  ? -11.208 0.868   -7.194  1.00 11.36  ? 13  ASN A N   1 
ATOM   79   C  CA  . ASN A 1 13  ? -11.538 -0.101  -8.206  1.00 11.57  ? 13  ASN A CA  1 
ATOM   80   C  C   . ASN A 1 13  ? -10.307 -0.392  -9.049  1.00 14.26  ? 13  ASN A C   1 
ATOM   81   O  O   . ASN A 1 13  ? -10.225 -1.436  -9.697  1.00 16.52  ? 13  ASN A O   1 
ATOM   82   C  CB  . ASN A 1 13  ? -12.694 0.321   -9.105  1.00 20.92  ? 13  ASN A CB  1 
ATOM   83   C  CG  . ASN A 1 13  ? -14.004 0.247   -8.347  1.00 26.05  ? 13  ASN A CG  1 
ATOM   84   O  OD1 . ASN A 1 13  ? -14.209 -0.654  -7.516  1.00 29.76  ? 13  ASN A OD1 1 
ATOM   85   N  ND2 . ASN A 1 13  ? -14.874 1.213   -8.611  1.00 26.05  ? 13  ASN A ND2 1 
ATOM   86   N  N   . LYS A 1 14  ? -9.338  0.519   -9.044  1.00 14.10  ? 14  LYS A N   1 
ATOM   87   C  CA  . LYS A 1 14  ? -8.117  0.307   -9.810  1.00 14.77  ? 14  LYS A CA  1 
ATOM   88   C  C   . LYS A 1 14  ? -7.190  -0.631  -9.072  1.00 21.67  ? 14  LYS A C   1 
ATOM   89   O  O   . LYS A 1 14  ? -6.271  -1.216  -9.663  1.00 24.00  ? 14  LYS A O   1 
ATOM   90   C  CB  . LYS A 1 14  ? -7.326  1.606   -9.931  1.00 17.34  ? 14  LYS A CB  1 
ATOM   91   C  CG  . LYS A 1 14  ? -7.763  2.385   -11.140 1.00 27.89  ? 14  LYS A CG  1 
ATOM   92   C  CD  . LYS A 1 14  ? -8.414  3.680   -10.726 1.00 26.19  ? 14  LYS A CD  1 
ATOM   93   C  CE  . LYS A 1 14  ? -8.974  4.380   -11.942 1.00 34.55  ? 14  LYS A CE  1 
ATOM   94   N  NZ  . LYS A 1 14  ? -9.898  5.445   -11.557 1.00 31.42  ? 14  LYS A NZ  1 
ATOM   95   N  N   . CYS A 1 15  ? -7.401  -0.767  -7.769  1.00 11.98  ? 15  CYS A N   1 
ATOM   96   C  CA  . CYS A 1 15  ? -6.536  -1.605  -6.951  1.00 12.39  ? 15  CYS A CA  1 
ATOM   97   C  C   . CYS A 1 15  ? -7.056  -2.977  -6.638  1.00 17.31  ? 15  CYS A C   1 
ATOM   98   O  O   . CYS A 1 15  ? -6.298  -3.913  -6.378  1.00 11.82  ? 15  CYS A O   1 
ATOM   99   C  CB  . CYS A 1 15  ? -6.395  -0.954  -5.568  1.00 8.29   ? 15  CYS A CB  1 
ATOM   100  S  SG  . CYS A 1 15  ? -6.044  0.822   -5.688  1.00 13.59  ? 15  CYS A SG  1 
ATOM   101  N  N   . LYS A 1 16  ? -8.371  -3.066  -6.647  1.00 15.10  ? 16  LYS A N   1 
ATOM   102  C  CA  . LYS A 1 16  ? -9.030  -4.292  -6.307  1.00 15.46  ? 16  LYS A CA  1 
ATOM   103  C  C   . LYS A 1 16  ? -8.680  -5.591  -6.998  1.00 15.33  ? 16  LYS A C   1 
ATOM   104  O  O   . LYS A 1 16  ? -8.863  -6.675  -6.439  1.00 17.07  ? 16  LYS A O   1 
ATOM   105  C  CB  . LYS A 1 16  ? -10.437 -4.093  -5.838  1.00 20.25  ? 16  LYS A CB  1 
ATOM   106  C  CG  . LYS A 1 16  ? -11.433 -4.109  -6.980  1.00 31.52  ? 16  LYS A CG  1 
ATOM   107  C  CD  . LYS A 1 16  ? -12.799 -3.766  -6.448  1.00 56.98  ? 16  LYS A CD  1 
ATOM   108  C  CE  . LYS A 1 16  ? -13.905 -4.189  -7.385  1.00 100.00 ? 16  LYS A CE  1 
ATOM   109  N  NZ  . LYS A 1 16  ? -15.240 -3.794  -6.918  1.00 93.44  ? 16  LYS A NZ  1 
ATOM   110  N  N   . ALA A 1 17  ? -8.174  -5.470  -8.211  1.00 11.38  ? 17  ALA A N   1 
ATOM   111  C  CA  . ALA A 1 17  ? -7.783  -6.637  -8.968  1.00 13.40  ? 17  ALA A CA  1 
ATOM   112  C  C   . ALA A 1 17  ? -6.682  -7.395  -8.222  1.00 15.65  ? 17  ALA A C   1 
ATOM   113  O  O   . ALA A 1 17  ? -6.537  -8.606  -8.377  1.00 15.10  ? 17  ALA A O   1 
ATOM   114  C  CB  . ALA A 1 17  ? -7.302  -6.237  -10.355 1.00 14.72  ? 17  ALA A CB  1 
ATOM   115  N  N   . CYS A 1 18  ? -5.862  -6.690  -7.438  1.00 13.60  ? 18  CYS A N   1 
ATOM   116  C  CA  . CYS A 1 18  ? -4.760  -7.313  -6.710  1.00 9.30   ? 18  CYS A CA  1 
ATOM   117  C  C   . CYS A 1 18  ? -4.811  -7.191  -5.207  1.00 10.64  ? 18  CYS A C   1 
ATOM   118  O  O   . CYS A 1 18  ? -4.040  -7.842  -4.519  1.00 17.57  ? 18  CYS A O   1 
ATOM   119  C  CB  . CYS A 1 18  ? -3.475  -6.590  -7.122  1.00 13.25  ? 18  CYS A CB  1 
ATOM   120  S  SG  . CYS A 1 18  ? -3.304  -6.646  -8.920  1.00 13.28  ? 18  CYS A SG  1 
ATOM   121  N  N   . HIS A 1 19  ? -5.685  -6.326  -4.708  1.00 11.40  ? 19  HIS A N   1 
ATOM   122  C  CA  . HIS A 1 19  ? -5.769  -6.116  -3.278  1.00 12.75  ? 19  HIS A CA  1 
ATOM   123  C  C   . HIS A 1 19  ? -7.187  -6.133  -2.733  1.00 18.12  ? 19  HIS A C   1 
ATOM   124  O  O   . HIS A 1 19  ? -8.076  -5.493  -3.277  1.00 14.52  ? 19  HIS A O   1 
ATOM   125  C  CB  . HIS A 1 19  ? -5.243  -4.677  -3.008  1.00 9.08   ? 19  HIS A CB  1 
ATOM   126  C  CG  . HIS A 1 19  ? -3.788  -4.405  -3.250  1.00 9.11   ? 19  HIS A CG  1 
ATOM   127  N  ND1 . HIS A 1 19  ? -2.807  -4.917  -2.419  1.00 8.70   ? 19  HIS A ND1 1 
ATOM   128  C  CD2 . HIS A 1 19  ? -3.163  -3.661  -4.205  1.00 9.14   ? 19  HIS A CD2 1 
ATOM   129  C  CE1 . HIS A 1 19  ? -1.634  -4.489  -2.867  1.00 10.36  ? 19  HIS A CE1 1 
ATOM   130  N  NE2 . HIS A 1 19  ? -1.814  -3.739  -3.944  1.00 9.66   ? 19  HIS A NE2 1 
ATOM   131  N  N   . MET A 1 20  ? -7.354  -6.775  -1.594  1.00 16.74  ? 20  MET A N   1 
ATOM   132  C  CA  . MET A 1 20  ? -8.645  -6.783  -0.959  1.00 12.44  ? 20  MET A CA  1 
ATOM   133  C  C   . MET A 1 20  ? -8.476  -5.938  0.302   1.00 15.52  ? 20  MET A C   1 
ATOM   134  O  O   . MET A 1 20  ? -7.368  -5.523  0.645   1.00 12.26  ? 20  MET A O   1 
ATOM   135  C  CB  . MET A 1 20  ? -8.997  -8.226  -0.561  1.00 16.04  ? 20  MET A CB  1 
ATOM   136  C  CG  . MET A 1 20  ? -8.136  -8.722  0.600   1.00 16.52  ? 20  MET A CG  1 
ATOM   137  S  SD  . MET A 1 20  ? -8.517  -10.406 1.155   1.00 22.96  ? 20  MET A SD  1 
ATOM   138  C  CE  . MET A 1 20  ? -7.923  -11.363 -0.262  1.00 35.16  ? 20  MET A CE  1 
ATOM   139  N  N   . ILE A 1 21  ? -9.571  -5.689  0.994   1.00 10.88  ? 21  ILE A N   1 
ATOM   140  C  CA  . ILE A 1 21  ? -9.571  -4.958  2.250   1.00 10.08  ? 21  ILE A CA  1 
ATOM   141  C  C   . ILE A 1 21  ? -10.385 -5.907  3.136   1.00 10.67  ? 21  ILE A C   1 
ATOM   142  O  O   . ILE A 1 21  ? -11.605 -5.962  3.001   1.00 13.44  ? 21  ILE A O   1 
ATOM   143  C  CB  . ILE A 1 21  ? -10.168 -3.543  2.192   1.00 15.04  ? 21  ILE A CB  1 
ATOM   144  C  CG1 . ILE A 1 21  ? -9.266  -2.681  1.298   1.00 11.39  ? 21  ILE A CG1 1 
ATOM   145  C  CG2 . ILE A 1 21  ? -10.209 -2.944  3.597   1.00 10.62  ? 21  ILE A CG2 1 
ATOM   146  C  CD1 . ILE A 1 21  ? -9.719  -1.223  1.247   1.00 13.41  ? 21  ILE A CD1 1 
ATOM   147  N  N   . GLN A 1 22  ? -9.748  -6.699  3.996   1.00 9.28   ? 22  GLN A N   1 
ATOM   148  C  CA  . GLN A 1 22  ? -10.457 -7.644  4.850   1.00 12.87  ? 22  GLN A CA  1 
ATOM   149  C  C   . GLN A 1 22  ? -10.016 -7.505  6.291   1.00 16.01  ? 22  GLN A C   1 
ATOM   150  O  O   . GLN A 1 22  ? -8.820  -7.514  6.596   1.00 13.24  ? 22  GLN A O   1 
ATOM   151  C  CB  . GLN A 1 22  ? -10.202 -9.078  4.370   1.00 15.84  ? 22  GLN A CB  1 
ATOM   152  C  CG  . GLN A 1 22  ? -11.014 -10.167 5.096   1.00 16.93  ? 22  GLN A CG  1 
ATOM   153  C  CD  . GLN A 1 22  ? -10.510 -11.513 4.617   1.00 17.42  ? 22  GLN A CD  1 
ATOM   154  O  OE1 . GLN A 1 22  ? -9.502  -12.023 5.121   1.00 25.06  ? 22  GLN A OE1 1 
ATOM   155  N  NE2 . GLN A 1 22  ? -11.186 -12.073 3.616   1.00 20.82  ? 22  GLN A NE2 1 
ATOM   156  N  N   . ALA A 1 23  ? -11.016 -7.354  7.154   1.00 13.36  ? 23  ALA A N   1 
ATOM   157  C  CA  . ALA A 1 23  ? -10.805 -7.188  8.571   1.00 14.75  ? 23  ALA A CA  1 
ATOM   158  C  C   . ALA A 1 23  ? -10.197 -8.446  9.142   1.00 10.80  ? 23  ALA A C   1 
ATOM   159  O  O   . ALA A 1 23  ? -10.329 -9.536  8.585   1.00 14.57  ? 23  ALA A O   1 
ATOM   160  C  CB  . ALA A 1 23  ? -12.096 -6.788  9.261   1.00 15.27  ? 23  ALA A CB  1 
ATOM   161  N  N   . PRO A 1 24  ? -9.517  -8.253  10.260  1.00 16.65  ? 24  PRO A N   1 
ATOM   162  C  CA  . PRO A 1 24  ? -8.854  -9.343  10.935  1.00 24.53  ? 24  PRO A CA  1 
ATOM   163  C  C   . PRO A 1 24  ? -9.771  -10.500 11.265  1.00 32.03  ? 24  PRO A C   1 
ATOM   164  O  O   . PRO A 1 24  ? -9.338  -11.653 11.300  1.00 26.90  ? 24  PRO A O   1 
ATOM   165  C  CB  . PRO A 1 24  ? -8.073  -8.759  12.115  1.00 25.58  ? 24  PRO A CB  1 
ATOM   166  C  CG  . PRO A 1 24  ? -8.096  -7.250  11.912  1.00 25.29  ? 24  PRO A CG  1 
ATOM   167  C  CD  . PRO A 1 24  ? -9.189  -6.947  10.889  1.00 20.81  ? 24  PRO A CD  1 
ATOM   168  N  N   . ASP A 1 25  ? -11.048 -10.187 11.471  1.00 20.09  ? 25  ASP A N   1 
ATOM   169  C  CA  . ASP A 1 25  ? -12.049 -11.186 11.775  1.00 24.98  ? 25  ASP A CA  1 
ATOM   170  C  C   . ASP A 1 25  ? -12.455 -11.931 10.511  1.00 31.01  ? 25  ASP A C   1 
ATOM   171  O  O   . ASP A 1 25  ? -13.308 -12.820 10.561  1.00 44.51  ? 25  ASP A O   1 
ATOM   172  C  CB  . ASP A 1 25  ? -13.298 -10.556 12.439  1.00 30.75  ? 25  ASP A CB  1 
ATOM   173  C  CG  . ASP A 1 25  ? -14.239 -9.838  11.503  1.00 28.66  ? 25  ASP A CG  1 
ATOM   174  O  OD1 . ASP A 1 25  ? -13.640 -9.409  10.422  1.00 33.26  ? 25  ASP A OD1 1 
ATOM   175  O  OD2 . ASP A 1 25  ? -15.419 -9.658  11.733  1.00 74.73  ? 25  ASP A OD2 1 
ATOM   176  N  N   . GLY A 1 26  ? -11.895 -11.557 9.360   1.00 23.11  ? 26  GLY A N   1 
ATOM   177  C  CA  . GLY A 1 26  ? -12.257 -12.213 8.113   1.00 19.95  ? 26  GLY A CA  1 
ATOM   178  C  C   . GLY A 1 26  ? -13.373 -11.478 7.374   1.00 19.66  ? 26  GLY A C   1 
ATOM   179  O  O   . GLY A 1 26  ? -13.757 -11.886 6.282   1.00 20.96  ? 26  GLY A O   1 
ATOM   180  N  N   . THR A 1 27  ? -13.906 -10.387 7.935   1.00 17.49  ? 27  THR A N   1 
ATOM   181  C  CA  . THR A 1 27  ? -14.970 -9.651  7.251   1.00 14.47  ? 27  THR A CA  1 
ATOM   182  C  C   . THR A 1 27  ? -14.466 -8.932  6.019   1.00 12.35  ? 27  THR A C   1 
ATOM   183  O  O   . THR A 1 27  ? -13.545 -8.122  6.093   1.00 15.84  ? 27  THR A O   1 
ATOM   184  C  CB  . THR A 1 27  ? -15.665 -8.590  8.137   1.00 25.40  ? 27  THR A CB  1 
ATOM   185  O  OG1 . THR A 1 27  ? -16.129 -9.189  9.326   1.00 30.25  ? 27  THR A OG1 1 
ATOM   186  C  CG2 . THR A 1 27  ? -16.841 -7.949  7.405   1.00 22.58  ? 27  THR A CG2 1 
ATOM   187  N  N   . ASP A 1 28  ? -15.084 -9.206  4.885   1.00 16.37  ? 28  ASP A N   1 
ATOM   188  C  CA  . ASP A 1 28  ? -14.679 -8.543  3.670   1.00 20.59  ? 28  ASP A CA  1 
ATOM   189  C  C   . ASP A 1 28  ? -15.250 -7.138  3.633   1.00 22.64  ? 28  ASP A C   1 
ATOM   190  O  O   . ASP A 1 28  ? -16.450 -6.952  3.808   1.00 24.07  ? 28  ASP A O   1 
ATOM   191  C  CB  . ASP A 1 28  ? -15.202 -9.256  2.405   1.00 22.94  ? 28  ASP A CB  1 
ATOM   192  C  CG  . ASP A 1 28  ? -14.374 -10.441 1.981   1.00 28.96  ? 28  ASP A CG  1 
ATOM   193  O  OD1 . ASP A 1 28  ? -13.110 -10.342 2.304   1.00 32.13  ? 28  ASP A OD1 1 
ATOM   194  O  OD2 . ASP A 1 28  ? -14.842 -11.384 1.376   1.00 61.19  ? 28  ASP A OD2 1 
ATOM   195  N  N   . ILE A 1 29  ? -14.382 -6.158  3.429   1.00 14.62  ? 29  ILE A N   1 
ATOM   196  C  CA  . ILE A 1 29  ? -14.792 -4.773  3.328   1.00 12.90  ? 29  ILE A CA  1 
ATOM   197  C  C   . ILE A 1 29  ? -14.893 -4.562  1.825   1.00 16.41  ? 29  ILE A C   1 
ATOM   198  O  O   . ILE A 1 29  ? -15.933 -4.192  1.297   1.00 21.99  ? 29  ILE A O   1 
ATOM   199  C  CB  . ILE A 1 29  ? -13.919 -3.790  4.075   1.00 15.63  ? 29  ILE A CB  1 
ATOM   200  C  CG1 . ILE A 1 29  ? -14.165 -4.081  5.549   1.00 18.22  ? 29  ILE A CG1 1 
ATOM   201  C  CG2 . ILE A 1 29  ? -14.415 -2.392  3.741   1.00 17.59  ? 29  ILE A CG2 1 
ATOM   202  C  CD1 . ILE A 1 29  ? -13.025 -3.622  6.449   1.00 23.65  ? 29  ILE A CD1 1 
ATOM   203  N  N   . ILE A 1 30  ? -13.799 -4.842  1.120   1.00 11.07  ? 30  ILE A N   1 
ATOM   204  C  CA  . ILE A 1 30  ? -13.736 -4.763  -0.327  1.00 14.73  ? 30  ILE A CA  1 
ATOM   205  C  C   . ILE A 1 30  ? -13.175 -6.102  -0.751  1.00 16.82  ? 30  ILE A C   1 
ATOM   206  O  O   . ILE A 1 30  ? -12.038 -6.437  -0.400  1.00 17.63  ? 30  ILE A O   1 
ATOM   207  C  CB  . ILE A 1 30  ? -12.857 -3.691  -0.978  1.00 24.84  ? 30  ILE A CB  1 
ATOM   208  C  CG1 . ILE A 1 30  ? -13.315 -2.271  -0.645  1.00 27.45  ? 30  ILE A CG1 1 
ATOM   209  C  CG2 . ILE A 1 30  ? -12.757 -3.898  -2.488  1.00 19.46  ? 30  ILE A CG2 1 
ATOM   210  C  CD1 . ILE A 1 30  ? -14.770 -1.993  -1.012  1.00 27.56  ? 30  ILE A CD1 1 
ATOM   211  N  N   . LYS A 1 31  ? -13.966 -6.872  -1.481  1.00 13.21  ? 31  LYS A N   1 
ATOM   212  C  CA  . LYS A 1 31  ? -13.450 -8.153  -1.910  1.00 17.20  ? 31  LYS A CA  1 
ATOM   213  C  C   . LYS A 1 31  ? -12.487 -7.875  -3.054  1.00 15.57  ? 31  LYS A C   1 
ATOM   214  O  O   . LYS A 1 31  ? -12.764 -7.072  -3.920  1.00 19.45  ? 31  LYS A O   1 
ATOM   215  C  CB  . LYS A 1 31  ? -14.527 -9.157  -2.276  1.00 24.64  ? 31  LYS A CB  1 
ATOM   216  C  CG  . LYS A 1 31  ? -14.388 -10.456 -1.486  1.00 62.50  ? 31  LYS A CG  1 
ATOM   217  C  CD  . LYS A 1 31  ? -15.326 -11.556 -1.960  1.00 100.00 ? 31  LYS A CD  1 
ATOM   218  C  CE  . LYS A 1 31  ? -14.632 -12.787 -2.522  1.00 100.00 ? 31  LYS A CE  1 
ATOM   219  N  NZ  . LYS A 1 31  ? -15.425 -14.013 -2.380  1.00 100.00 ? 31  LYS A NZ  1 
ATOM   220  N  N   . GLY A 1 32  ? -11.332 -8.516  -3.044  1.00 17.78  ? 32  GLY A N   1 
ATOM   221  C  CA  . GLY A 1 32  ? -10.379 -8.214  -4.095  1.00 17.51  ? 32  GLY A CA  1 
ATOM   222  C  C   . GLY A 1 32  ? -9.446  -9.384  -4.270  1.00 20.60  ? 32  GLY A C   1 
ATOM   223  O  O   . GLY A 1 32  ? -9.569  -10.381 -3.564  1.00 18.91  ? 32  GLY A O   1 
ATOM   224  N  N   . GLY A 1 33  ? -8.510  -9.252  -5.205  1.00 15.18  ? 33  GLY A N   1 
ATOM   225  C  CA  . GLY A 1 33  ? -7.566  -10.312 -5.475  1.00 14.97  ? 33  GLY A CA  1 
ATOM   226  C  C   . GLY A 1 33  ? -6.542  -10.453 -4.370  1.00 15.89  ? 33  GLY A C   1 
ATOM   227  O  O   . GLY A 1 33  ? -6.507  -9.731  -3.365  1.00 18.92  ? 33  GLY A O   1 
ATOM   228  N  N   . LYS A 1 34  ? -5.698  -11.437 -4.622  1.00 14.74  ? 34  LYS A N   1 
ATOM   229  C  CA  . LYS A 1 34  ? -4.645  -11.762 -3.705  1.00 22.41  ? 34  LYS A CA  1 
ATOM   230  C  C   . LYS A 1 34  ? -3.226  -11.591 -4.239  1.00 20.92  ? 34  LYS A C   1 
ATOM   231  O  O   . LYS A 1 34  ? -2.267  -11.967 -3.572  1.00 15.64  ? 34  LYS A O   1 
ATOM   232  C  CB  . LYS A 1 34  ? -4.906  -13.096 -3.040  1.00 43.26  ? 34  LYS A CB  1 
ATOM   233  C  CG  . LYS A 1 34  ? -5.615  -14.088 -3.947  1.00 100.00 ? 34  LYS A CG  1 
ATOM   234  C  CD  . LYS A 1 34  ? -5.764  -15.441 -3.274  1.00 100.00 ? 34  LYS A CD  1 
ATOM   235  C  CE  . LYS A 1 34  ? -7.043  -15.568 -2.451  1.00 100.00 ? 34  LYS A CE  1 
ATOM   236  N  NZ  . LYS A 1 34  ? -6.846  -15.688 -0.987  1.00 100.00 ? 34  LYS A NZ  1 
ATOM   237  N  N   . THR A 1 35  ? -3.083  -10.999 -5.423  1.00 16.79  ? 35  THR A N   1 
ATOM   238  C  CA  . THR A 1 35  ? -1.773  -10.775 -6.000  1.00 18.49  ? 35  THR A CA  1 
ATOM   239  C  C   . THR A 1 35  ? -0.969  -9.878  -5.070  1.00 15.70  ? 35  THR A C   1 
ATOM   240  O  O   . THR A 1 35  ? 0.245   -10.018 -4.934  1.00 14.40  ? 35  THR A O   1 
ATOM   241  C  CB  . THR A 1 35  ? -1.965  -10.013 -7.318  1.00 18.05  ? 35  THR A CB  1 
ATOM   242  O  OG1 . THR A 1 35  ? -2.821  -10.752 -8.176  1.00 37.28  ? 35  THR A OG1 1 
ATOM   243  C  CG2 . THR A 1 35  ? -0.633  -9.711  -7.995  1.00 20.27  ? 35  THR A CG2 1 
ATOM   244  N  N   . GLY A 1 36  ? -1.674  -8.940  -4.443  1.00 10.78  ? 36  GLY A N   1 
ATOM   245  C  CA  . GLY A 1 36  ? -1.049  -8.018  -3.523  1.00 11.56  ? 36  GLY A CA  1 
ATOM   246  C  C   . GLY A 1 36  ? -1.588  -8.310  -2.126  1.00 12.51  ? 36  GLY A C   1 
ATOM   247  O  O   . GLY A 1 36  ? -2.548  -9.058  -1.957  1.00 14.04  ? 36  GLY A O   1 
ATOM   248  N  N   . PRO A 1 37  ? -0.954  -7.702  -1.138  1.00 13.13  ? 37  PRO A N   1 
ATOM   249  C  CA  . PRO A 1 37  ? -1.355  -7.882  0.253   1.00 14.95  ? 37  PRO A CA  1 
ATOM   250  C  C   . PRO A 1 37  ? -2.681  -7.224  0.594   1.00 12.30  ? 37  PRO A C   1 
ATOM   251  O  O   . PRO A 1 37  ? -3.135  -6.295  -0.087  1.00 10.13  ? 37  PRO A O   1 
ATOM   252  C  CB  . PRO A 1 37  ? -0.300  -7.141  1.096   1.00 17.67  ? 37  PRO A CB  1 
ATOM   253  C  CG  . PRO A 1 37  ? 0.779   -6.630  0.152   1.00 22.36  ? 37  PRO A CG  1 
ATOM   254  C  CD  . PRO A 1 37  ? 0.328   -6.955  -1.262  1.00 12.39  ? 37  PRO A CD  1 
ATOM   255  N  N   . ASN A 1 38  ? -3.301  -7.701  1.677   1.00 12.28  ? 38  ASN A N   1 
ATOM   256  C  CA  . ASN A 1 38  ? -4.555  -7.156  2.168   1.00 10.54  ? 38  ASN A CA  1 
ATOM   257  C  C   . ASN A 1 38  ? -4.223  -5.731  2.622   1.00 10.35  ? 38  ASN A C   1 
ATOM   258  O  O   . ASN A 1 38  ? -3.223  -5.521  3.309   1.00 11.92  ? 38  ASN A O   1 
ATOM   259  C  CB  . ASN A 1 38  ? -4.962  -8.016  3.371   1.00 11.02  ? 38  ASN A CB  1 
ATOM   260  C  CG  . ASN A 1 38  ? -6.245  -7.597  4.040   1.00 10.88  ? 38  ASN A CG  1 
ATOM   261  O  OD1 . ASN A 1 38  ? -6.896  -6.608  3.677   1.00 10.95  ? 38  ASN A OD1 1 
ATOM   262  N  ND2 . ASN A 1 38  ? -6.608  -8.376  5.047   1.00 16.99  ? 38  ASN A ND2 1 
ATOM   263  N  N   . LEU A 1 39  ? -5.047  -4.752  2.242   1.00 7.90   ? 39  LEU A N   1 
ATOM   264  C  CA  . LEU A 1 39  ? -4.837  -3.353  2.598   1.00 10.72  ? 39  LEU A CA  1 
ATOM   265  C  C   . LEU A 1 39  ? -5.560  -2.870  3.835   1.00 12.53  ? 39  LEU A C   1 
ATOM   266  O  O   . LEU A 1 39  ? -5.403  -1.714  4.221   1.00 12.70  ? 39  LEU A O   1 
ATOM   267  C  CB  . LEU A 1 39  ? -4.909  -2.388  1.394   1.00 14.98  ? 39  LEU A CB  1 
ATOM   268  C  CG  . LEU A 1 39  ? -3.912  -2.765  0.294   1.00 13.51  ? 39  LEU A CG  1 
ATOM   269  C  CD1 . LEU A 1 39  ? -4.107  -1.861  -0.922  1.00 14.07  ? 39  LEU A CD1 1 
ATOM   270  C  CD2 . LEU A 1 39  ? -2.484  -2.637  0.809   1.00 13.15  ? 39  LEU A CD2 1 
ATOM   271  N  N   . TYR A 1 40  ? -6.337  -3.748  4.457   1.00 12.77  ? 40  TYR A N   1 
ATOM   272  C  CA  . TYR A 1 40  ? -7.025  -3.329  5.658   1.00 10.70  ? 40  TYR A CA  1 
ATOM   273  C  C   . TYR A 1 40  ? -5.911  -2.986  6.640   1.00 10.49  ? 40  TYR A C   1 
ATOM   274  O  O   . TYR A 1 40  ? -4.930  -3.723  6.757   1.00 10.04  ? 40  TYR A O   1 
ATOM   275  C  CB  . TYR A 1 40  ? -7.779  -4.518  6.274   1.00 12.52  ? 40  TYR A CB  1 
ATOM   276  C  CG  . TYR A 1 40  ? -8.278  -4.112  7.637   1.00 9.65   ? 40  TYR A CG  1 
ATOM   277  C  CD1 . TYR A 1 40  ? -7.512  -4.265  8.796   1.00 15.60  ? 40  TYR A CD1 1 
ATOM   278  C  CD2 . TYR A 1 40  ? -9.549  -3.553  7.766   1.00 13.56  ? 40  TYR A CD2 1 
ATOM   279  C  CE1 . TYR A 1 40  ? -7.926  -3.868  10.067  1.00 14.24  ? 40  TYR A CE1 1 
ATOM   280  C  CE2 . TYR A 1 40  ? -9.992  -3.161  9.025   1.00 17.85  ? 40  TYR A CE2 1 
ATOM   281  C  CZ  . TYR A 1 40  ? -9.202  -3.318  10.162  1.00 14.23  ? 40  TYR A CZ  1 
ATOM   282  O  OH  . TYR A 1 40  ? -9.681  -2.923  11.386  1.00 17.26  ? 40  TYR A OH  1 
ATOM   283  N  N   . GLY A 1 41  ? -6.081  -1.859  7.335   1.00 9.02   ? 41  GLY A N   1 
ATOM   284  C  CA  . GLY A 1 41  ? -5.135  -1.377  8.323   1.00 8.26   ? 41  GLY A CA  1 
ATOM   285  C  C   . GLY A 1 41  ? -3.751  -1.065  7.780   1.00 15.16  ? 41  GLY A C   1 
ATOM   286  O  O   . GLY A 1 41  ? -2.773  -1.102  8.531   1.00 11.50  ? 41  GLY A O   1 
ATOM   287  N  N   . VAL A 1 42  ? -3.633  -0.748  6.488   1.00 8.62   ? 42  VAL A N   1 
ATOM   288  C  CA  . VAL A 1 42  ? -2.307  -0.452  5.944   1.00 10.24  ? 42  VAL A CA  1 
ATOM   289  C  C   . VAL A 1 42  ? -1.699  0.817   6.508   1.00 10.26  ? 42  VAL A C   1 
ATOM   290  O  O   . VAL A 1 42  ? -0.488  0.911   6.701   1.00 14.33  ? 42  VAL A O   1 
ATOM   291  C  CB  . VAL A 1 42  ? -2.223  -0.480  4.410   1.00 17.85  ? 42  VAL A CB  1 
ATOM   292  C  CG1 . VAL A 1 42  ? -3.077  0.639   3.805   1.00 10.54  ? 42  VAL A CG1 1 
ATOM   293  C  CG2 . VAL A 1 42  ? -0.790  -0.396  3.919   1.00 12.35  ? 42  VAL A CG2 1 
ATOM   294  N  N   . VAL A 1 43  ? -2.540  1.811   6.787   1.00 10.18  ? 43  VAL A N   1 
ATOM   295  C  CA  . VAL A 1 43  ? -1.984  3.037   7.336   1.00 11.38  ? 43  VAL A CA  1 
ATOM   296  C  C   . VAL A 1 43  ? -1.537  2.770   8.757   1.00 16.93  ? 43  VAL A C   1 
ATOM   297  O  O   . VAL A 1 43  ? -2.321  2.304   9.588   1.00 14.89  ? 43  VAL A O   1 
ATOM   298  C  CB  . VAL A 1 43  ? -2.978  4.193   7.289   1.00 10.64  ? 43  VAL A CB  1 
ATOM   299  C  CG1 . VAL A 1 43  ? -2.319  5.492   7.740   1.00 11.68  ? 43  VAL A CG1 1 
ATOM   300  C  CG2 . VAL A 1 43  ? -3.557  4.336   5.885   1.00 14.30  ? 43  VAL A CG2 1 
ATOM   301  N  N   . GLY A 1 44  ? -0.276  3.071   9.045   1.00 10.25  ? 44  GLY A N   1 
ATOM   302  C  CA  . GLY A 1 44  ? 0.286   2.856   10.357  1.00 10.73  ? 44  GLY A CA  1 
ATOM   303  C  C   . GLY A 1 44  ? 0.914   1.476   10.472  1.00 16.38  ? 44  GLY A C   1 
ATOM   304  O  O   . GLY A 1 44  ? 1.587   1.170   11.461  1.00 16.73  ? 44  GLY A O   1 
ATOM   305  N  N   . ARG A 1 45  ? 0.731   0.642   9.458   1.00 13.01  ? 45  ARG A N   1 
ATOM   306  C  CA  . ARG A 1 45  ? 1.316   -0.689  9.507   1.00 14.94  ? 45  ARG A CA  1 
ATOM   307  C  C   . ARG A 1 45  ? 2.772   -0.676  9.052   1.00 18.69  ? 45  ARG A C   1 
ATOM   308  O  O   . ARG A 1 45  ? 3.125   0.067   8.139   1.00 14.96  ? 45  ARG A O   1 
ATOM   309  C  CB  . ARG A 1 45  ? 0.509   -1.532  8.549   1.00 13.38  ? 45  ARG A CB  1 
ATOM   310  C  CG  . ARG A 1 45  ? 0.946   -2.960  8.412   1.00 15.65  ? 45  ARG A CG  1 
ATOM   311  C  CD  . ARG A 1 45  ? -0.161  -3.708  7.686   1.00 18.14  ? 45  ARG A CD  1 
ATOM   312  N  NE  . ARG A 1 45  ? 0.099   -3.891  6.268   1.00 14.80  ? 45  ARG A NE  1 
ATOM   313  C  CZ  . ARG A 1 45  ? -0.859  -4.235  5.403   1.00 17.10  ? 45  ARG A CZ  1 
ATOM   314  N  NH1 . ARG A 1 45  ? -2.119  -4.428  5.792   1.00 12.60  ? 45  ARG A NH1 1 
ATOM   315  N  NH2 . ARG A 1 45  ? -0.542  -4.392  4.125   1.00 15.45  ? 45  ARG A NH2 1 
ATOM   316  N  N   . LYS A 1 46  ? 3.619   -1.515  9.657   1.00 9.55   ? 46  LYS A N   1 
ATOM   317  C  CA  . LYS A 1 46  ? 5.017   -1.588  9.256   1.00 12.40  ? 46  LYS A CA  1 
ATOM   318  C  C   . LYS A 1 46  ? 5.093   -2.010  7.792   1.00 8.31   ? 46  LYS A C   1 
ATOM   319  O  O   . LYS A 1 46  ? 4.334   -2.864  7.337   1.00 10.50  ? 46  LYS A O   1 
ATOM   320  C  CB  . LYS A 1 46  ? 5.729   -2.664  10.070  1.00 14.24  ? 46  LYS A CB  1 
ATOM   321  C  CG  . LYS A 1 46  ? 7.237   -2.698  9.885   1.00 16.90  ? 46  LYS A CG  1 
ATOM   322  C  CD  . LYS A 1 46  ? 7.935   -3.776  10.715  1.00 26.30  ? 46  LYS A CD  1 
ATOM   323  C  CE  . LYS A 1 46  ? 9.440   -3.622  10.767  1.00 20.16  ? 46  LYS A CE  1 
ATOM   324  N  NZ  . LYS A 1 46  ? 10.052  -3.678  9.432   1.00 19.97  ? 46  LYS A NZ  1 
ATOM   325  N  N   . ILE A 1 47  ? 5.995   -1.403  7.035   1.00 11.35  ? 47  ILE A N   1 
ATOM   326  C  CA  . ILE A 1 47  ? 6.144   -1.747  5.623   1.00 12.54  ? 47  ILE A CA  1 
ATOM   327  C  C   . ILE A 1 47  ? 6.380   -3.242  5.443   1.00 11.89  ? 47  ILE A C   1 
ATOM   328  O  O   . ILE A 1 47  ? 7.100   -3.839  6.243   1.00 14.02  ? 47  ILE A O   1 
ATOM   329  C  CB  . ILE A 1 47  ? 7.427   -1.083  5.104   1.00 18.34  ? 47  ILE A CB  1 
ATOM   330  C  CG1 . ILE A 1 47  ? 7.477   0.405   5.441   1.00 27.19  ? 47  ILE A CG1 1 
ATOM   331  C  CG2 . ILE A 1 47  ? 7.626   -1.324  3.616   1.00 23.81  ? 47  ILE A CG2 1 
ATOM   332  C  CD1 . ILE A 1 47  ? 6.386   1.223   4.752   1.00 19.05  ? 47  ILE A CD1 1 
ATOM   333  N  N   . ALA A 1 48  ? 5.808   -3.824  4.386   1.00 10.29  ? 48  ALA A N   1 
ATOM   334  C  CA  . ALA A 1 48  ? 5.961   -5.236  4.040   1.00 12.90  ? 48  ALA A CA  1 
ATOM   335  C  C   . ALA A 1 48  ? 5.853   -6.124  5.259   1.00 17.10  ? 48  ALA A C   1 
ATOM   336  O  O   . ALA A 1 48  ? 6.754   -6.916  5.534   1.00 13.92  ? 48  ALA A O   1 
ATOM   337  C  CB  . ALA A 1 48  ? 7.310   -5.452  3.364   1.00 11.43  ? 48  ALA A CB  1 
ATOM   338  N  N   . SER A 1 49  ? 4.754   -5.994  5.992   1.00 12.06  ? 49  SER A N   1 
ATOM   339  C  CA  . SER A 1 49  ? 4.618   -6.811  7.180   1.00 14.31  ? 49  SER A CA  1 
ATOM   340  C  C   . SER A 1 49  ? 3.457   -7.781  7.133   1.00 32.63  ? 49  SER A C   1 
ATOM   341  O  O   . SER A 1 49  ? 3.177   -8.434  8.140   1.00 18.84  ? 49  SER A O   1 
ATOM   342  C  CB  . SER A 1 49  ? 4.619   -5.990  8.457   1.00 10.83  ? 49  SER A CB  1 
ATOM   343  O  OG  . SER A 1 49  ? 3.472   -5.171  8.482   1.00 13.96  ? 49  SER A OG  1 
ATOM   344  N  N   . GLU A 1 50  ? 2.771   -7.892  5.982   1.00 19.03  ? 50  GLU A N   1 
ATOM   345  C  CA  . GLU A 1 50  ? 1.644   -8.817  5.868   1.00 22.56  ? 50  GLU A CA  1 
ATOM   346  C  C   . GLU A 1 50  ? 2.165   -10.247 5.985   1.00 25.24  ? 50  GLU A C   1 
ATOM   347  O  O   . GLU A 1 50  ? 3.090   -10.675 5.294   1.00 25.60  ? 50  GLU A O   1 
ATOM   348  C  CB  . GLU A 1 50  ? 0.680   -8.648  4.672   1.00 18.94  ? 50  GLU A CB  1 
ATOM   349  C  CG  . GLU A 1 50  ? 0.009   -9.968  4.229   1.00 29.13  ? 50  GLU A CG  1 
ATOM   350  C  CD  . GLU A 1 50  ? -1.308  -9.811  3.515   1.00 27.03  ? 50  GLU A CD  1 
ATOM   351  O  OE1 . GLU A 1 50  ? -1.966  -8.760  3.931   1.00 52.75  ? 50  GLU A OE1 1 
ATOM   352  O  OE2 . GLU A 1 50  ? -1.720  -10.570 2.654   1.00 40.68  ? 50  GLU A OE2 1 
ATOM   353  N  N   . GLU A 1 51  ? 1.551   -10.974 6.903   1.00 39.98  ? 51  GLU A N   1 
ATOM   354  C  CA  . GLU A 1 51  ? 1.900   -12.350 7.174   1.00 33.66  ? 51  GLU A CA  1 
ATOM   355  C  C   . GLU A 1 51  ? 1.534   -13.257 6.012   1.00 15.50  ? 51  GLU A C   1 
ATOM   356  O  O   . GLU A 1 51  ? 0.425   -13.183 5.484   1.00 28.85  ? 51  GLU A O   1 
ATOM   357  C  CB  . GLU A 1 51  ? 1.149   -12.750 8.460   1.00 52.42  ? 51  GLU A CB  1 
ATOM   358  C  CG  . GLU A 1 51  ? 1.582   -14.077 9.096   1.00 100.00 ? 51  GLU A CG  1 
ATOM   359  C  CD  . GLU A 1 51  ? 0.642   -14.460 10.208  1.00 100.00 ? 51  GLU A CD  1 
ATOM   360  O  OE1 . GLU A 1 51  ? -0.311  -13.780 10.539  1.00 100.00 ? 51  GLU A OE1 1 
ATOM   361  O  OE2 . GLU A 1 51  ? 0.972   -15.591 10.776  1.00 100.00 ? 51  GLU A OE2 1 
ATOM   362  N  N   . GLY A 1 52  ? 2.479   -14.112 5.640   1.00 20.18  ? 52  GLY A N   1 
ATOM   363  C  CA  . GLY A 1 52  ? 2.265   -15.037 4.549   1.00 39.91  ? 52  GLY A CA  1 
ATOM   364  C  C   . GLY A 1 52  ? 2.395   -14.391 3.179   1.00 35.30  ? 52  GLY A C   1 
ATOM   365  O  O   . GLY A 1 52  ? 2.385   -15.098 2.166   1.00 44.95  ? 52  GLY A O   1 
ATOM   366  N  N   . PHE A 1 53  ? 2.513   -13.061 3.123   1.00 27.19  ? 53  PHE A N   1 
ATOM   367  C  CA  . PHE A 1 53  ? 2.650   -12.406 1.834   1.00 17.09  ? 53  PHE A CA  1 
ATOM   368  C  C   . PHE A 1 53  ? 4.098   -12.471 1.397   1.00 18.02  ? 53  PHE A C   1 
ATOM   369  O  O   . PHE A 1 53  ? 5.009   -12.147 2.156   1.00 23.48  ? 53  PHE A O   1 
ATOM   370  C  CB  . PHE A 1 53  ? 2.106   -10.967 1.778   1.00 12.51  ? 53  PHE A CB  1 
ATOM   371  C  CG  . PHE A 1 53  ? 2.085   -10.536 0.334   1.00 14.52  ? 53  PHE A CG  1 
ATOM   372  C  CD1 . PHE A 1 53  ? 1.002   -10.895 -0.469  1.00 14.68  ? 53  PHE A CD1 1 
ATOM   373  C  CD2 . PHE A 1 53  ? 3.159   -9.818  -0.195  1.00 19.01  ? 53  PHE A CD2 1 
ATOM   374  C  CE1 . PHE A 1 53  ? 1.002   -10.514 -1.811  1.00 15.65  ? 53  PHE A CE1 1 
ATOM   375  C  CE2 . PHE A 1 53  ? 3.175   -9.420  -1.531  1.00 12.62  ? 53  PHE A CE2 1 
ATOM   376  C  CZ  . PHE A 1 53  ? 2.085   -9.794  -2.320  1.00 10.17  ? 53  PHE A CZ  1 
ATOM   377  N  N   . LYS A 1 54  ? 4.311   -12.895 0.154   1.00 17.41  ? 54  LYS A N   1 
ATOM   378  C  CA  . LYS A 1 54  ? 5.657   -12.998 -0.387  1.00 22.79  ? 54  LYS A CA  1 
ATOM   379  C  C   . LYS A 1 54  ? 5.994   -11.698 -1.099  1.00 17.41  ? 54  LYS A C   1 
ATOM   380  O  O   . LYS A 1 54  ? 5.715   -11.517 -2.284  1.00 19.41  ? 54  LYS A O   1 
ATOM   381  C  CB  . LYS A 1 54  ? 5.819   -14.173 -1.353  1.00 31.36  ? 54  LYS A CB  1 
ATOM   382  C  CG  . LYS A 1 54  ? 6.504   -15.401 -0.770  1.00 100.00 ? 54  LYS A CG  1 
ATOM   383  C  CD  . LYS A 1 54  ? 6.018   -16.702 -1.400  1.00 100.00 ? 54  LYS A CD  1 
ATOM   384  C  CE  . LYS A 1 54  ? 4.528   -16.936 -1.208  1.00 100.00 ? 54  LYS A CE  1 
ATOM   385  N  NZ  . LYS A 1 54  ? 4.132   -18.339 -1.375  1.00 100.00 ? 54  LYS A NZ  1 
ATOM   386  N  N   . TYR A 1 55  ? 6.600   -10.797 -0.359  1.00 14.66  ? 55  TYR A N   1 
ATOM   387  C  CA  . TYR A 1 55  ? 6.973   -9.515  -0.901  1.00 15.56  ? 55  TYR A CA  1 
ATOM   388  C  C   . TYR A 1 55  ? 8.187   -9.576  -1.805  1.00 19.75  ? 55  TYR A C   1 
ATOM   389  O  O   . TYR A 1 55  ? 8.983   -10.512 -1.730  1.00 17.54  ? 55  TYR A O   1 
ATOM   390  C  CB  . TYR A 1 55  ? 7.356   -8.647  0.299   1.00 15.48  ? 55  TYR A CB  1 
ATOM   391  C  CG  . TYR A 1 55  ? 6.157   -8.177  1.083   1.00 16.53  ? 55  TYR A CG  1 
ATOM   392  C  CD1 . TYR A 1 55  ? 5.381   -7.123  0.595   1.00 13.29  ? 55  TYR A CD1 1 
ATOM   393  C  CD2 . TYR A 1 55  ? 5.810   -8.764  2.301   1.00 22.65  ? 55  TYR A CD2 1 
ATOM   394  C  CE1 . TYR A 1 55  ? 4.279   -6.669  1.315   1.00 11.55  ? 55  TYR A CE1 1 
ATOM   395  C  CE2 . TYR A 1 55  ? 4.714   -8.322  3.042   1.00 13.71  ? 55  TYR A CE2 1 
ATOM   396  C  CZ  . TYR A 1 55  ? 3.953   -7.268  2.536   1.00 14.30  ? 55  TYR A CZ  1 
ATOM   397  O  OH  . TYR A 1 55  ? 2.873   -6.816  3.236   1.00 15.06  ? 55  TYR A OH  1 
ATOM   398  N  N   . GLY A 1 56  ? 8.344   -8.558  -2.638  1.00 13.61  ? 56  GLY A N   1 
ATOM   399  C  CA  . GLY A 1 56  ? 9.481   -8.499  -3.524  1.00 16.69  ? 56  GLY A CA  1 
ATOM   400  C  C   . GLY A 1 56  ? 10.720  -8.087  -2.732  1.00 20.48  ? 56  GLY A C   1 
ATOM   401  O  O   . GLY A 1 56  ? 10.640  -7.611  -1.600  1.00 16.44  ? 56  GLY A O   1 
ATOM   402  N  N   . GLU A 1 57  ? 11.862  -8.265  -3.368  1.00 21.83  ? 57  GLU A N   1 
ATOM   403  C  CA  . GLU A 1 57  ? 13.137  -7.954  -2.766  1.00 19.71  ? 57  GLU A CA  1 
ATOM   404  C  C   . GLU A 1 57  ? 13.347  -6.494  -2.387  1.00 15.96  ? 57  GLU A C   1 
ATOM   405  O  O   . GLU A 1 57  ? 13.878  -6.151  -1.321  1.00 16.48  ? 57  GLU A O   1 
ATOM   406  C  CB  . GLU A 1 57  ? 14.283  -8.615  -3.557  1.00 21.39  ? 57  GLU A CB  1 
ATOM   407  C  CG  . GLU A 1 57  ? 14.408  -10.164 -3.354  1.00 100.00 ? 57  GLU A CG  1 
ATOM   408  C  CD  . GLU A 1 57  ? 14.579  -10.647 -1.924  1.00 100.00 ? 57  GLU A CD  1 
ATOM   409  O  OE1 . GLU A 1 57  ? 15.422  -9.940  -1.225  1.00 100.00 ? 57  GLU A OE1 1 
ATOM   410  O  OE2 . GLU A 1 57  ? 13.983  -11.614 -1.481  1.00 100.00 ? 57  GLU A OE2 1 
ATOM   411  N  N   . GLY A 1 58  ? 12.910  -5.617  -3.269  1.00 13.19  ? 58  GLY A N   1 
ATOM   412  C  CA  . GLY A 1 58  ? 13.069  -4.211  -3.004  1.00 10.51  ? 58  GLY A CA  1 
ATOM   413  C  C   . GLY A 1 58  ? 12.368  -3.715  -1.743  1.00 13.01  ? 58  GLY A C   1 
ATOM   414  O  O   . GLY A 1 58  ? 12.968  -3.008  -0.924  1.00 14.91  ? 58  GLY A O   1 
ATOM   415  N  N   . ILE A 1 59  ? 11.090  -4.045  -1.595  1.00 12.27  ? 59  ILE A N   1 
ATOM   416  C  CA  . ILE A 1 59  ? 10.352  -3.576  -0.439  1.00 11.87  ? 59  ILE A CA  1 
ATOM   417  C  C   . ILE A 1 59  ? 10.837  -4.219  0.852   1.00 10.22  ? 59  ILE A C   1 
ATOM   418  O  O   . ILE A 1 59  ? 10.817  -3.595  1.918   1.00 14.29  ? 59  ILE A O   1 
ATOM   419  C  CB  . ILE A 1 59  ? 8.850   -3.650  -0.705  1.00 10.46  ? 59  ILE A CB  1 
ATOM   420  C  CG1 . ILE A 1 59  ? 8.097   -2.665  0.189   1.00 16.91  ? 59  ILE A CG1 1 
ATOM   421  C  CG2 . ILE A 1 59  ? 8.339   -5.078  -0.558  1.00 13.12  ? 59  ILE A CG2 1 
ATOM   422  C  CD1 . ILE A 1 59  ? 6.603   -2.613  -0.101  1.00 19.26  ? 59  ILE A CD1 1 
ATOM   423  N  N   . LEU A 1 60  ? 11.300  -5.462  0.758   1.00 13.51  ? 60  LEU A N   1 
ATOM   424  C  CA  . LEU A 1 60  ? 11.824  -6.137  1.929   1.00 17.86  ? 60  LEU A CA  1 
ATOM   425  C  C   . LEU A 1 60  ? 13.088  -5.409  2.332   1.00 17.85  ? 60  LEU A C   1 
ATOM   426  O  O   . LEU A 1 60  ? 13.384  -5.241  3.515   1.00 14.98  ? 60  LEU A O   1 
ATOM   427  C  CB  . LEU A 1 60  ? 12.130  -7.599  1.614   1.00 15.69  ? 60  LEU A CB  1 
ATOM   428  C  CG  . LEU A 1 60  ? 10.830  -8.369  1.472   1.00 15.98  ? 60  LEU A CG  1 
ATOM   429  C  CD1 . LEU A 1 60  ? 11.156  -9.793  1.037   1.00 20.70  ? 60  LEU A CD1 1 
ATOM   430  C  CD2 . LEU A 1 60  ? 10.089  -8.358  2.805   1.00 18.84  ? 60  LEU A CD2 1 
ATOM   431  N  N   . GLU A 1 61  ? 13.846  -4.944  1.343   1.00 12.79  ? 61  GLU A N   1 
ATOM   432  C  CA  . GLU A 1 61  ? 15.064  -4.217  1.663   1.00 13.05  ? 61  GLU A CA  1 
ATOM   433  C  C   . GLU A 1 61  ? 14.712  -2.893  2.329   1.00 17.08  ? 61  GLU A C   1 
ATOM   434  O  O   . GLU A 1 61  ? 15.379  -2.463  3.264   1.00 15.73  ? 61  GLU A O   1 
ATOM   435  C  CB  . GLU A 1 61  ? 15.955  -3.962  0.436   1.00 13.38  ? 61  GLU A CB  1 
ATOM   436  C  CG  . GLU A 1 61  ? 17.255  -3.225  0.802   1.00 20.54  ? 61  GLU A CG  1 
ATOM   437  C  CD  . GLU A 1 61  ? 18.225  -3.248  -0.351  1.00 44.11  ? 61  GLU A CD  1 
ATOM   438  O  OE1 . GLU A 1 61  ? 18.023  -4.267  -1.147  1.00 49.16  ? 61  GLU A OE1 1 
ATOM   439  O  OE2 . GLU A 1 61  ? 19.081  -2.408  -0.534  1.00 49.30  ? 61  GLU A OE2 1 
ATOM   440  N  N   . VAL A 1 62  ? 13.658  -2.225  1.863   1.00 11.47  ? 62  VAL A N   1 
ATOM   441  C  CA  . VAL A 1 62  ? 13.292  -0.976  2.495   1.00 13.65  ? 62  VAL A CA  1 
ATOM   442  C  C   . VAL A 1 62  ? 12.961  -1.245  3.973   1.00 17.36  ? 62  VAL A C   1 
ATOM   443  O  O   . VAL A 1 62  ? 13.420  -0.506  4.839   1.00 14.84  ? 62  VAL A O   1 
ATOM   444  C  CB  . VAL A 1 62  ? 12.065  -0.364  1.835   1.00 19.68  ? 62  VAL A CB  1 
ATOM   445  C  CG1 . VAL A 1 62  ? 11.562  0.824   2.643   1.00 14.35  ? 62  VAL A CG1 1 
ATOM   446  C  CG2 . VAL A 1 62  ? 12.368  0.042   0.397   1.00 15.68  ? 62  VAL A CG2 1 
ATOM   447  N  N   . ALA A 1 63  ? 12.183  -2.308  4.284   1.00 13.73  ? 63  ALA A N   1 
ATOM   448  C  CA  . ALA A 1 63  ? 11.814  -2.646  5.670   1.00 14.07  ? 63  ALA A CA  1 
ATOM   449  C  C   . ALA A 1 63  ? 13.036  -2.912  6.539   1.00 15.94  ? 63  ALA A C   1 
ATOM   450  O  O   . ALA A 1 63  ? 13.142  -2.446  7.675   1.00 14.28  ? 63  ALA A O   1 
ATOM   451  C  CB  . ALA A 1 63  ? 10.811  -3.792  5.715   1.00 13.63  ? 63  ALA A CB  1 
ATOM   452  N  N   . GLU A 1 64  ? 13.965  -3.663  5.982   1.00 19.05  ? 64  GLU A N   1 
ATOM   453  C  CA  . GLU A 1 64  ? 15.186  -4.020  6.653   1.00 13.44  ? 64  GLU A CA  1 
ATOM   454  C  C   . GLU A 1 64  ? 16.056  -2.817  6.980   1.00 13.75  ? 64  GLU A C   1 
ATOM   455  O  O   . GLU A 1 64  ? 16.571  -2.646  8.089   1.00 20.17  ? 64  GLU A O   1 
ATOM   456  C  CB  . GLU A 1 64  ? 15.847  -5.023  5.736   1.00 19.31  ? 64  GLU A CB  1 
ATOM   457  C  CG  . GLU A 1 64  ? 17.058  -5.593  6.447   1.00 40.72  ? 64  GLU A CG  1 
ATOM   458  C  CD  . GLU A 1 64  ? 17.638  -6.582  5.521   1.00 100.00 ? 64  GLU A CD  1 
ATOM   459  O  OE1 . GLU A 1 64  ? 16.886  -6.796  4.473   1.00 99.15  ? 64  GLU A OE1 1 
ATOM   460  O  OE2 . GLU A 1 64  ? 18.711  -7.114  5.724   1.00 100.00 ? 64  GLU A OE2 1 
ATOM   461  N  N   . LYS A 1 65  ? 16.189  -1.958  5.991   1.00 13.54  ? 65  LYS A N   1 
ATOM   462  C  CA  . LYS A 1 65  ? 16.950  -0.760  6.142   1.00 14.03  ? 65  LYS A CA  1 
ATOM   463  C  C   . LYS A 1 65  ? 16.238  0.286   7.003   1.00 22.81  ? 65  LYS A C   1 
ATOM   464  O  O   . LYS A 1 65  ? 16.933  1.142   7.526   1.00 21.89  ? 65  LYS A O   1 
ATOM   465  C  CB  . LYS A 1 65  ? 17.244  -0.155  4.786   1.00 19.78  ? 65  LYS A CB  1 
ATOM   466  C  CG  . LYS A 1 65  ? 18.314  -0.879  3.994   1.00 26.42  ? 65  LYS A CG  1 
ATOM   467  C  CD  . LYS A 1 65  ? 18.662  -0.048  2.767   1.00 88.55  ? 65  LYS A CD  1 
ATOM   468  C  CE  . LYS A 1 65  ? 19.787  -0.568  1.875   1.00 100.00 ? 65  LYS A CE  1 
ATOM   469  N  NZ  . LYS A 1 65  ? 20.482  0.502   1.148   1.00 100.00 ? 65  LYS A NZ  1 
ATOM   470  N  N   . ASN A 1 66  ? 14.916  0.281   7.159   1.00 14.10  ? 66  ASN A N   1 
ATOM   471  C  CA  . ASN A 1 66  ? 14.211  1.286   7.959   1.00 13.61  ? 66  ASN A CA  1 
ATOM   472  C  C   . ASN A 1 66  ? 13.212  0.533   8.829   1.00 19.84  ? 66  ASN A C   1 
ATOM   473  O  O   . ASN A 1 66  ? 12.021  0.480   8.540   1.00 17.58  ? 66  ASN A O   1 
ATOM   474  C  CB  . ASN A 1 66  ? 13.426  2.121   6.938   1.00 15.48  ? 66  ASN A CB  1 
ATOM   475  C  CG  . ASN A 1 66  ? 14.299  2.783   5.887   1.00 36.00  ? 66  ASN A CG  1 
ATOM   476  O  OD1 . ASN A 1 66  ? 14.817  3.874   6.142   1.00 27.01  ? 66  ASN A OD1 1 
ATOM   477  N  ND2 . ASN A 1 66  ? 14.465  2.170   4.715   1.00 21.30  ? 66  ASN A ND2 1 
ATOM   478  N  N   . PRO A 1 67  ? 13.702  -0.081  9.887   1.00 17.70  ? 67  PRO A N   1 
ATOM   479  C  CA  . PRO A 1 67  ? 12.875  -0.885  10.748  1.00 17.37  ? 67  PRO A CA  1 
ATOM   480  C  C   . PRO A 1 67  ? 11.699  -0.236  11.423  1.00 15.39  ? 67  PRO A C   1 
ATOM   481  O  O   . PRO A 1 67  ? 10.694  -0.876  11.728  1.00 19.86  ? 67  PRO A O   1 
ATOM   482  C  CB  . PRO A 1 67  ? 13.799  -1.559  11.753  1.00 16.52  ? 67  PRO A CB  1 
ATOM   483  C  CG  . PRO A 1 67  ? 15.195  -1.004  11.511  1.00 21.49  ? 67  PRO A CG  1 
ATOM   484  C  CD  . PRO A 1 67  ? 15.101  0.009   10.387  1.00 21.80  ? 67  PRO A CD  1 
ATOM   485  N  N   . ASP A 1 68  ? 11.847  1.035   11.648  1.00 14.67  ? 68  ASP A N   1 
ATOM   486  C  CA  . ASP A 1 68  ? 10.779  1.715   12.293  1.00 15.17  ? 68  ASP A CA  1 
ATOM   487  C  C   . ASP A 1 68  ? 9.791   2.305   11.302  1.00 29.17  ? 68  ASP A C   1 
ATOM   488  O  O   . ASP A 1 68  ? 8.841   2.981   11.692  1.00 22.37  ? 68  ASP A O   1 
ATOM   489  C  CB  . ASP A 1 68  ? 11.401  2.858   13.101  1.00 20.35  ? 68  ASP A CB  1 
ATOM   490  C  CG  . ASP A 1 68  ? 12.317  3.728   12.282  1.00 31.68  ? 68  ASP A CG  1 
ATOM   491  O  OD1 . ASP A 1 68  ? 12.767  3.425   11.196  1.00 29.68  ? 68  ASP A OD1 1 
ATOM   492  O  OD2 . ASP A 1 68  ? 12.575  4.864   12.876  1.00 47.96  ? 68  ASP A OD2 1 
ATOM   493  N  N   . LEU A 1 69  ? 9.999   2.067   10.021  1.00 17.27  ? 69  LEU A N   1 
ATOM   494  C  CA  . LEU A 1 69  ? 9.103   2.617   9.033   1.00 20.13  ? 69  LEU A CA  1 
ATOM   495  C  C   . LEU A 1 69  ? 7.770   1.913   8.920   1.00 12.82  ? 69  LEU A C   1 
ATOM   496  O  O   . LEU A 1 69  ? 7.665   0.706   8.713   1.00 14.29  ? 69  LEU A O   1 
ATOM   497  C  CB  . LEU A 1 69  ? 9.778   2.670   7.649   1.00 19.79  ? 69  LEU A CB  1 
ATOM   498  C  CG  . LEU A 1 69  ? 8.990   3.467   6.610   1.00 21.42  ? 69  LEU A CG  1 
ATOM   499  C  CD1 . LEU A 1 69  ? 8.796   4.899   7.111   1.00 18.21  ? 69  LEU A CD1 1 
ATOM   500  C  CD2 . LEU A 1 69  ? 9.761   3.477   5.305   1.00 22.09  ? 69  LEU A CD2 1 
ATOM   501  N  N   . THR A 1 70  ? 6.746   2.731   9.069   1.00 16.10  ? 70  THR A N   1 
ATOM   502  C  CA  . THR A 1 70  ? 5.378   2.288   8.968   1.00 20.70  ? 70  THR A CA  1 
ATOM   503  C  C   . THR A 1 70  ? 4.777   3.180   7.910   1.00 17.62  ? 70  THR A C   1 
ATOM   504  O  O   . THR A 1 70  ? 5.241   4.293   7.698   1.00 19.58  ? 70  THR A O   1 
ATOM   505  C  CB  . THR A 1 70  ? 4.602   2.382   10.289  1.00 17.36  ? 70  THR A CB  1 
ATOM   506  O  OG1 . THR A 1 70  ? 4.515   3.740   10.679  1.00 19.87  ? 70  THR A OG1 1 
ATOM   507  C  CG2 . THR A 1 70  ? 5.300   1.551   11.359  1.00 17.09  ? 70  THR A CG2 1 
ATOM   508  N  N   . TRP A 1 71  ? 3.763   2.702   7.239   1.00 11.18  ? 71  TRP A N   1 
ATOM   509  C  CA  . TRP A 1 71  ? 3.182   3.541   6.223   1.00 15.91  ? 71  TRP A CA  1 
ATOM   510  C  C   . TRP A 1 71  ? 2.398   4.731   6.726   1.00 24.87  ? 71  TRP A C   1 
ATOM   511  O  O   . TRP A 1 71  ? 1.484   4.602   7.541   1.00 19.55  ? 71  TRP A O   1 
ATOM   512  C  CB  . TRP A 1 71  ? 2.119   2.720   5.492   1.00 9.89   ? 71  TRP A CB  1 
ATOM   513  C  CG  . TRP A 1 71  ? 2.693   1.751   4.531   1.00 10.17  ? 71  TRP A CG  1 
ATOM   514  C  CD1 . TRP A 1 71  ? 2.555   0.407   4.593   1.00 13.98  ? 71  TRP A CD1 1 
ATOM   515  C  CD2 . TRP A 1 71  ? 3.455   2.056   3.363   1.00 10.98  ? 71  TRP A CD2 1 
ATOM   516  N  NE1 . TRP A 1 71  ? 3.189   -0.168  3.520   1.00 12.81  ? 71  TRP A NE1 1 
ATOM   517  C  CE2 . TRP A 1 71  ? 3.751   0.822   2.753   1.00 18.46  ? 71  TRP A CE2 1 
ATOM   518  C  CE3 . TRP A 1 71  ? 3.899   3.253   2.791   1.00 11.56  ? 71  TRP A CE3 1 
ATOM   519  C  CZ2 . TRP A 1 71  ? 4.503   0.772   1.571   1.00 16.25  ? 71  TRP A CZ2 1 
ATOM   520  C  CZ3 . TRP A 1 71  ? 4.648   3.195   1.631   1.00 12.89  ? 71  TRP A CZ3 1 
ATOM   521  C  CH2 . TRP A 1 71  ? 4.939   1.965   1.028   1.00 11.71  ? 71  TRP A CH2 1 
ATOM   522  N  N   . THR A 1 72  ? 2.744   5.903   6.227   1.00 15.00  ? 72  THR A N   1 
ATOM   523  C  CA  . THR A 1 72  ? 2.053   7.124   6.577   1.00 15.82  ? 72  THR A CA  1 
ATOM   524  C  C   . THR A 1 72  ? 1.257   7.480   5.334   1.00 18.82  ? 72  THR A C   1 
ATOM   525  O  O   . THR A 1 72  ? 1.571   6.977   4.256   1.00 12.17  ? 72  THR A O   1 
ATOM   526  C  CB  . THR A 1 72  ? 3.011   8.292   6.863   1.00 18.05  ? 72  THR A CB  1 
ATOM   527  O  OG1 . THR A 1 72  ? 3.800   8.542   5.717   1.00 17.71  ? 72  THR A OG1 1 
ATOM   528  C  CG2 . THR A 1 72  ? 3.884   7.940   8.054   1.00 18.81  ? 72  THR A CG2 1 
ATOM   529  N  N   . GLU A 1 73  ? 0.241   8.329   5.461   1.00 12.27  ? 73  GLU A N   1 
ATOM   530  C  CA  . GLU A 1 73  ? -0.525  8.698   4.283   1.00 15.32  ? 73  GLU A CA  1 
ATOM   531  C  C   . GLU A 1 73  ? 0.374   9.349   3.225   1.00 14.21  ? 73  GLU A C   1 
ATOM   532  O  O   . GLU A 1 73  ? 0.263   9.078   2.029   1.00 13.43  ? 73  GLU A O   1 
ATOM   533  C  CB  . GLU A 1 73  ? -1.715  9.615   4.639   1.00 23.43  ? 73  GLU A CB  1 
ATOM   534  C  CG  . GLU A 1 73  ? -2.921  8.847   5.197   1.00 28.49  ? 73  GLU A CG  1 
ATOM   535  C  CD  . GLU A 1 73  ? -4.043  9.750   5.638   1.00 100.00 ? 73  GLU A CD  1 
ATOM   536  O  OE1 . GLU A 1 73  ? -4.907  10.163  4.885   1.00 45.22  ? 73  GLU A OE1 1 
ATOM   537  O  OE2 . GLU A 1 73  ? -3.982  10.038  6.915   1.00 52.47  ? 73  GLU A OE2 1 
ATOM   538  N  N   . ALA A 1 74  ? 1.288   10.214  3.663   1.00 14.14  ? 74  ALA A N   1 
ATOM   539  C  CA  . ALA A 1 74  ? 2.183   10.867  2.722   1.00 13.56  ? 74  ALA A CA  1 
ATOM   540  C  C   . ALA A 1 74  ? 3.049   9.882   1.952   1.00 13.28  ? 74  ALA A C   1 
ATOM   541  O  O   . ALA A 1 74  ? 3.207   9.976   0.737   1.00 15.98  ? 74  ALA A O   1 
ATOM   542  C  CB  . ALA A 1 74  ? 3.064   11.867  3.448   1.00 15.35  ? 74  ALA A CB  1 
ATOM   543  N  N   . ASP A 1 75  ? 3.608   8.916   2.672   1.00 14.43  ? 75  ASP A N   1 
ATOM   544  C  CA  . ASP A 1 75  ? 4.447   7.920   2.047   1.00 11.20  ? 75  ASP A CA  1 
ATOM   545  C  C   . ASP A 1 75  ? 3.628   7.076   1.095   1.00 12.37  ? 75  ASP A C   1 
ATOM   546  O  O   . ASP A 1 75  ? 4.087   6.694   0.024   1.00 11.52  ? 75  ASP A O   1 
ATOM   547  C  CB  . ASP A 1 75  ? 5.026   7.022   3.141   1.00 18.11  ? 75  ASP A CB  1 
ATOM   548  C  CG  . ASP A 1 75  ? 6.257   7.607   3.751   1.00 37.07  ? 75  ASP A CG  1 
ATOM   549  O  OD1 . ASP A 1 75  ? 6.483   8.833   3.358   1.00 31.35  ? 75  ASP A OD1 1 
ATOM   550  O  OD2 . ASP A 1 75  ? 6.977   7.006   4.510   1.00 39.32  ? 75  ASP A OD2 1 
ATOM   551  N  N   . LEU A 1 76  ? 2.404   6.771   1.515   1.00 8.60   ? 76  LEU A N   1 
ATOM   552  C  CA  . LEU A 1 76  ? 1.543   5.964   0.679   1.00 9.73   ? 76  LEU A CA  1 
ATOM   553  C  C   . LEU A 1 76  ? 1.251   6.691   -0.627  1.00 11.48  ? 76  LEU A C   1 
ATOM   554  O  O   . LEU A 1 76  ? 1.274   6.086   -1.702  1.00 10.96  ? 76  LEU A O   1 
ATOM   555  C  CB  . LEU A 1 76  ? 0.241   5.518   1.371   1.00 13.68  ? 76  LEU A CB  1 
ATOM   556  C  CG  . LEU A 1 76  ? 0.382   4.407   2.418   1.00 12.27  ? 76  LEU A CG  1 
ATOM   557  C  CD1 . LEU A 1 76  ? -0.821  4.438   3.354   1.00 9.18   ? 76  LEU A CD1 1 
ATOM   558  C  CD2 . LEU A 1 76  ? 0.460   3.042   1.729   1.00 12.53  ? 76  LEU A CD2 1 
ATOM   559  N  N   . ILE A 1 77  ? 0.986   7.992   -0.546  1.00 9.97   ? 77  ILE A N   1 
ATOM   560  C  CA  . ILE A 1 77  ? 0.711   8.759   -1.737  1.00 9.94   ? 77  ILE A CA  1 
ATOM   561  C  C   . ILE A 1 77  ? 1.921   8.711   -2.651  1.00 10.28  ? 77  ILE A C   1 
ATOM   562  O  O   . ILE A 1 77  ? 1.804   8.511   -3.862  1.00 11.52  ? 77  ILE A O   1 
ATOM   563  C  CB  . ILE A 1 77  ? 0.429   10.185  -1.299  1.00 12.65  ? 77  ILE A CB  1 
ATOM   564  C  CG1 . ILE A 1 77  ? -1.010  10.248  -0.794  1.00 11.45  ? 77  ILE A CG1 1 
ATOM   565  C  CG2 . ILE A 1 77  ? 0.636   11.150  -2.457  1.00 13.24  ? 77  ILE A CG2 1 
ATOM   566  C  CD1 . ILE A 1 77  ? -1.299  11.559  -0.065  1.00 12.86  ? 77  ILE A CD1 1 
ATOM   567  N  N   . GLU A 1 78  ? 3.102   8.886   -2.066  1.00 9.60   ? 78  GLU A N   1 
ATOM   568  C  CA  . GLU A 1 78  ? 4.301   8.858   -2.869  1.00 11.54  ? 78  GLU A CA  1 
ATOM   569  C  C   . GLU A 1 78  ? 4.533   7.513   -3.546  1.00 18.95  ? 78  GLU A C   1 
ATOM   570  O  O   . GLU A 1 78  ? 4.757   7.426   -4.756  1.00 12.27  ? 78  GLU A O   1 
ATOM   571  C  CB  . GLU A 1 78  ? 5.496   9.338   -2.050  1.00 11.88  ? 78  GLU A CB  1 
ATOM   572  C  CG  . GLU A 1 78  ? 6.725   9.668   -2.908  1.00 19.04  ? 78  GLU A CG  1 
ATOM   573  C  CD  . GLU A 1 78  ? 7.854   10.062  -2.004  1.00 16.66  ? 78  GLU A CD  1 
ATOM   574  O  OE1 . GLU A 1 78  ? 7.711   10.254  -0.806  1.00 22.06  ? 78  GLU A OE1 1 
ATOM   575  O  OE2 . GLU A 1 78  ? 9.006   10.172  -2.619  1.00 18.95  ? 78  GLU A OE2 1 
ATOM   576  N  N   . TYR A 1 79  ? 4.444   6.452   -2.763  1.00 11.87  ? 79  TYR A N   1 
ATOM   577  C  CA  . TYR A 1 79  ? 4.633   5.109   -3.274  1.00 11.70  ? 79  TYR A CA  1 
ATOM   578  C  C   . TYR A 1 79  ? 3.659   4.711   -4.385  1.00 14.24  ? 79  TYR A C   1 
ATOM   579  O  O   . TYR A 1 79  ? 4.079   4.165   -5.414  1.00 12.56  ? 79  TYR A O   1 
ATOM   580  C  CB  . TYR A 1 79  ? 4.499   4.150   -2.092  1.00 12.72  ? 79  TYR A CB  1 
ATOM   581  C  CG  . TYR A 1 79  ? 4.532   2.696   -2.477  1.00 11.56  ? 79  TYR A CG  1 
ATOM   582  C  CD1 . TYR A 1 79  ? 5.757   2.066   -2.684  1.00 9.61   ? 79  TYR A CD1 1 
ATOM   583  C  CD2 . TYR A 1 79  ? 3.347   1.964   -2.605  1.00 12.33  ? 79  TYR A CD2 1 
ATOM   584  C  CE1 . TYR A 1 79  ? 5.762   0.712   -3.032  1.00 13.43  ? 79  TYR A CE1 1 
ATOM   585  C  CE2 . TYR A 1 79  ? 3.331   0.609   -2.952  1.00 9.03   ? 79  TYR A CE2 1 
ATOM   586  C  CZ  . TYR A 1 79  ? 4.568   -0.004  -3.157  1.00 12.83  ? 79  TYR A CZ  1 
ATOM   587  O  OH  . TYR A 1 79  ? 4.596   -1.329  -3.495  1.00 13.29  ? 79  TYR A OH  1 
ATOM   588  N  N   . VAL A 1 80  ? 2.352   4.956   -4.208  1.00 7.96   ? 80  VAL A N   1 
ATOM   589  C  CA  . VAL A 1 80  ? 1.382   4.568   -5.240  1.00 8.63   ? 80  VAL A CA  1 
ATOM   590  C  C   . VAL A 1 80  ? 1.540   5.373   -6.503  1.00 8.80   ? 80  VAL A C   1 
ATOM   591  O  O   . VAL A 1 80  ? 1.042   4.977   -7.559  1.00 11.83  ? 80  VAL A O   1 
ATOM   592  C  CB  . VAL A 1 80  ? -0.085  4.496   -4.837  1.00 19.22  ? 80  VAL A CB  1 
ATOM   593  C  CG1 . VAL A 1 80  ? -0.266  3.682   -3.567  1.00 17.87  ? 80  VAL A CG1 1 
ATOM   594  C  CG2 . VAL A 1 80  ? -0.683  5.891   -4.640  1.00 15.40  ? 80  VAL A CG2 1 
ATOM   595  N  N   . THR A 1 81  ? 2.217   6.506   -6.388  1.00 11.63  ? 81  THR A N   1 
ATOM   596  C  CA  . THR A 1 81  ? 2.429   7.322   -7.558  1.00 13.08  ? 81  THR A CA  1 
ATOM   597  C  C   . THR A 1 81  ? 3.260   6.496   -8.538  1.00 18.38  ? 81  THR A C   1 
ATOM   598  O  O   . THR A 1 81  ? 2.998   6.472   -9.737  1.00 12.31  ? 81  THR A O   1 
ATOM   599  C  CB  . THR A 1 81  ? 3.149   8.634   -7.211  1.00 10.78  ? 81  THR A CB  1 
ATOM   600  O  OG1 . THR A 1 81  ? 2.342   9.375   -6.320  1.00 9.73   ? 81  THR A OG1 1 
ATOM   601  C  CG2 . THR A 1 81  ? 3.371   9.431   -8.490  1.00 10.21  ? 81  THR A CG2 1 
ATOM   602  N  N   . ASP A 1 82  ? 4.257   5.800   -8.008  1.00 10.11  ? 82  ASP A N   1 
ATOM   603  C  CA  . ASP A 1 82  ? 5.136   4.952   -8.790  1.00 11.75  ? 82  ASP A CA  1 
ATOM   604  C  C   . ASP A 1 82  ? 6.082   4.279   -7.825  1.00 5.45   ? 82  ASP A C   1 
ATOM   605  O  O   . ASP A 1 82  ? 7.030   4.881   -7.329  1.00 10.50  ? 82  ASP A O   1 
ATOM   606  C  CB  . ASP A 1 82  ? 5.950   5.693   -9.865  1.00 12.41  ? 82  ASP A CB  1 
ATOM   607  C  CG  . ASP A 1 82  ? 6.685   4.782   -10.808 1.00 21.44  ? 82  ASP A CG  1 
ATOM   608  O  OD1 . ASP A 1 82  ? 6.746   3.521   -10.450 1.00 16.75  ? 82  ASP A OD1 1 
ATOM   609  O  OD2 . ASP A 1 82  ? 7.192   5.191   -11.829 1.00 19.44  ? 82  ASP A OD2 1 
ATOM   610  N  N   . PRO A 1 83  ? 5.793   3.028   -7.547  1.00 9.80   ? 83  PRO A N   1 
ATOM   611  C  CA  . PRO A 1 83  ? 6.601   2.276   -6.611  1.00 10.54  ? 83  PRO A CA  1 
ATOM   612  C  C   . PRO A 1 83  ? 8.086   2.220   -6.897  1.00 15.68  ? 83  PRO A C   1 
ATOM   613  O  O   . PRO A 1 83  ? 8.918   2.273   -5.982  1.00 13.54  ? 83  PRO A O   1 
ATOM   614  C  CB  . PRO A 1 83  ? 6.007   0.864   -6.627  1.00 9.76   ? 83  PRO A CB  1 
ATOM   615  C  CG  . PRO A 1 83  ? 4.576   1.032   -7.105  1.00 14.77  ? 83  PRO A CG  1 
ATOM   616  C  CD  . PRO A 1 83  ? 4.599   2.258   -7.988  1.00 13.28  ? 83  PRO A CD  1 
ATOM   617  N  N   . LYS A 1 84  ? 8.422   2.115   -8.176  1.00 13.71  ? 84  LYS A N   1 
ATOM   618  C  CA  . LYS A 1 84  ? 9.794   2.023   -8.626  1.00 14.47  ? 84  LYS A CA  1 
ATOM   619  C  C   . LYS A 1 84  ? 10.757  3.043   -8.058  1.00 15.45  ? 84  LYS A C   1 
ATOM   620  O  O   . LYS A 1 84  ? 11.700  2.711   -7.335  1.00 16.56  ? 84  LYS A O   1 
ATOM   621  C  CB  . LYS A 1 84  ? 9.930   1.782   -10.120 1.00 12.73  ? 84  LYS A CB  1 
ATOM   622  C  CG  . LYS A 1 84  ? 11.373  1.596   -10.578 1.00 26.25  ? 84  LYS A CG  1 
ATOM   623  C  CD  . LYS A 1 84  ? 12.152  0.429   -9.969  1.00 54.38  ? 84  LYS A CD  1 
ATOM   624  C  CE  . LYS A 1 84  ? 13.625  0.391   -10.354 1.00 41.61  ? 84  LYS A CE  1 
ATOM   625  N  NZ  . LYS A 1 84  ? 14.026  -0.816  -11.086 1.00 78.09  ? 84  LYS A NZ  1 
ATOM   626  N  N   . PRO A 1 85  ? 10.543  4.305   -8.375  1.00 11.17  ? 85  PRO A N   1 
ATOM   627  C  CA  . PRO A 1 85  ? 11.425  5.349   -7.887  1.00 14.38  ? 85  PRO A CA  1 
ATOM   628  C  C   . PRO A 1 85  ? 11.457  5.440   -6.373  1.00 11.74  ? 85  PRO A C   1 
ATOM   629  O  O   . PRO A 1 85  ? 12.469  5.783   -5.758  1.00 13.22  ? 85  PRO A O   1 
ATOM   630  C  CB  . PRO A 1 85  ? 10.887  6.647   -8.485  1.00 14.22  ? 85  PRO A CB  1 
ATOM   631  C  CG  . PRO A 1 85  ? 9.676   6.302   -9.345  1.00 14.27  ? 85  PRO A CG  1 
ATOM   632  C  CD  . PRO A 1 85  ? 9.540   4.786   -9.356  1.00 13.07  ? 85  PRO A CD  1 
ATOM   633  N  N   . TRP A 1 86  ? 10.323  5.136   -5.759  1.00 14.54  ? 86  TRP A N   1 
ATOM   634  C  CA  . TRP A 1 86  ? 10.237  5.185   -4.324  1.00 13.14  ? 86  TRP A CA  1 
ATOM   635  C  C   . TRP A 1 86  ? 11.194  4.156   -3.735  1.00 14.62  ? 86  TRP A C   1 
ATOM   636  O  O   . TRP A 1 86  ? 11.953  4.444   -2.801  1.00 14.78  ? 86  TRP A O   1 
ATOM   637  C  CB  . TRP A 1 86  ? 8.813   4.901   -3.864  1.00 11.05  ? 86  TRP A CB  1 
ATOM   638  C  CG  . TRP A 1 86  ? 8.614   5.220   -2.418  1.00 15.86  ? 86  TRP A CG  1 
ATOM   639  C  CD1 . TRP A 1 86  ? 8.399   6.452   -1.894  1.00 15.96  ? 86  TRP A CD1 1 
ATOM   640  C  CD2 . TRP A 1 86  ? 8.603   4.310   -1.304  1.00 14.41  ? 86  TRP A CD2 1 
ATOM   641  N  NE1 . TRP A 1 86  ? 8.251   6.366   -0.541  1.00 18.38  ? 86  TRP A NE1 1 
ATOM   642  C  CE2 . TRP A 1 86  ? 8.367   5.061   -0.139  1.00 14.55  ? 86  TRP A CE2 1 
ATOM   643  C  CE3 . TRP A 1 86  ? 8.763   2.930   -1.192  1.00 15.41  ? 86  TRP A CE3 1 
ATOM   644  C  CZ2 . TRP A 1 86  ? 8.298   4.477   1.127   1.00 17.83  ? 86  TRP A CZ2 1 
ATOM   645  C  CZ3 . TRP A 1 86  ? 8.693   2.352   0.056   1.00 24.45  ? 86  TRP A CZ3 1 
ATOM   646  C  CH2 . TRP A 1 86  ? 8.461   3.112   1.209   1.00 15.17  ? 86  TRP A CH2 1 
ATOM   647  N  N   . LEU A 1 87  ? 11.143  2.948   -4.294  1.00 14.81  ? 87  LEU A N   1 
ATOM   648  C  CA  . LEU A 1 87  ? 12.006  1.869   -3.850  1.00 13.20  ? 87  LEU A CA  1 
ATOM   649  C  C   . LEU A 1 87  ? 13.476  2.233   -4.096  1.00 16.12  ? 87  LEU A C   1 
ATOM   650  O  O   . LEU A 1 87  ? 14.321  1.983   -3.239  1.00 16.07  ? 87  LEU A O   1 
ATOM   651  C  CB  . LEU A 1 87  ? 11.641  0.540   -4.544  1.00 12.25  ? 87  LEU A CB  1 
ATOM   652  C  CG  . LEU A 1 87  ? 10.311  -0.045  -4.081  1.00 12.63  ? 87  LEU A CG  1 
ATOM   653  C  CD1 . LEU A 1 87  ? 9.982   -1.245  -4.963  1.00 15.79  ? 87  LEU A CD1 1 
ATOM   654  C  CD2 . LEU A 1 87  ? 10.436  -0.484  -2.627  1.00 14.99  ? 87  LEU A CD2 1 
ATOM   655  N  N   . VAL A 1 88  ? 13.805  2.840   -5.248  1.00 15.06  ? 88  VAL A N   1 
ATOM   656  C  CA  . VAL A 1 88  ? 15.186  3.223   -5.521  1.00 11.59  ? 88  VAL A CA  1 
ATOM   657  C  C   . VAL A 1 88  ? 15.638  4.213   -4.467  1.00 17.55  ? 88  VAL A C   1 
ATOM   658  O  O   . VAL A 1 88  ? 16.745  4.153   -3.922  1.00 19.34  ? 88  VAL A O   1 
ATOM   659  C  CB  . VAL A 1 88  ? 15.354  3.827   -6.908  1.00 25.06  ? 88  VAL A CB  1 
ATOM   660  C  CG1 . VAL A 1 88  ? 16.775  4.339   -7.078  1.00 16.14  ? 88  VAL A CG1 1 
ATOM   661  C  CG2 . VAL A 1 88  ? 15.032  2.771   -7.968  1.00 18.30  ? 88  VAL A CG2 1 
ATOM   662  N  N   . LYS A 1 89  ? 14.756  5.148   -4.184  1.00 17.96  ? 89  LYS A N   1 
ATOM   663  C  CA  . LYS A 1 89  ? 15.019  6.159   -3.190  1.00 13.56  ? 89  LYS A CA  1 
ATOM   664  C  C   . LYS A 1 89  ? 15.321  5.600   -1.803  1.00 19.80  ? 89  LYS A C   1 
ATOM   665  O  O   . LYS A 1 89  ? 16.310  5.962   -1.166  1.00 22.97  ? 89  LYS A O   1 
ATOM   666  C  CB  . LYS A 1 89  ? 13.842  7.124   -3.137  1.00 18.95  ? 89  LYS A CB  1 
ATOM   667  C  CG  . LYS A 1 89  ? 13.914  8.039   -1.926  1.00 35.19  ? 89  LYS A CG  1 
ATOM   668  C  CD  . LYS A 1 89  ? 12.908  9.179   -1.939  1.00 32.94  ? 89  LYS A CD  1 
ATOM   669  C  CE  . LYS A 1 89  ? 11.518  8.812   -1.443  1.00 18.99  ? 89  LYS A CE  1 
ATOM   670  N  NZ  . LYS A 1 89  ? 10.866  9.955   -0.785  1.00 17.07  ? 89  LYS A NZ  1 
ATOM   671  N  N   . MET A 1 90  ? 14.452  4.710   -1.328  1.00 15.98  ? 90  MET A N   1 
ATOM   672  C  CA  . MET A 1 90  ? 14.553  4.093   -0.007  1.00 19.86  ? 90  MET A CA  1 
ATOM   673  C  C   . MET A 1 90  ? 15.618  3.025   0.197   1.00 23.18  ? 90  MET A C   1 
ATOM   674  O  O   . MET A 1 90  ? 15.945  2.665   1.330   1.00 31.68  ? 90  MET A O   1 
ATOM   675  C  CB  . MET A 1 90  ? 13.176  3.546   0.419   1.00 18.96  ? 90  MET A CB  1 
ATOM   676  C  CG  . MET A 1 90  ? 12.087  4.604   0.381   1.00 15.59  ? 90  MET A CG  1 
ATOM   677  S  SD  . MET A 1 90  ? 12.403  5.953   1.539   1.00 22.73  ? 90  MET A SD  1 
ATOM   678  C  CE  . MET A 1 90  ? 12.620  5.042   3.091   1.00 41.44  ? 90  MET A CE  1 
ATOM   679  N  N   . THR A 1 91  ? 16.137  2.511   -0.901  1.00 29.16  ? 91  THR A N   1 
ATOM   680  C  CA  . THR A 1 91  ? 17.150  1.487   -0.828  1.00 24.60  ? 91  THR A CA  1 
ATOM   681  C  C   . THR A 1 91  ? 18.443  1.999   -1.410  1.00 31.51  ? 91  THR A C   1 
ATOM   682  O  O   . THR A 1 91  ? 19.499  1.402   -1.228  1.00 25.18  ? 91  THR A O   1 
ATOM   683  C  CB  . THR A 1 91  ? 16.761  0.305   -1.728  1.00 22.36  ? 91  THR A CB  1 
ATOM   684  O  OG1 . THR A 1 91  ? 16.717  0.716   -3.085  1.00 17.82  ? 91  THR A OG1 1 
ATOM   685  C  CG2 . THR A 1 91  ? 15.441  -0.311  -1.273  1.00 20.45  ? 91  THR A CG2 1 
ATOM   686  N  N   . ASP A 1 92  ? 18.335  3.104   -2.126  1.00 26.59  ? 92  ASP A N   1 
ATOM   687  C  CA  . ASP A 1 92  ? 19.498  3.677   -2.763  1.00 27.20  ? 92  ASP A CA  1 
ATOM   688  C  C   . ASP A 1 92  ? 19.999  2.651   -3.761  1.00 28.68  ? 92  ASP A C   1 
ATOM   689  O  O   . ASP A 1 92  ? 21.187  2.605   -4.062  1.00 32.69  ? 92  ASP A O   1 
ATOM   690  C  CB  . ASP A 1 92  ? 20.631  3.945   -1.763  1.00 31.57  ? 92  ASP A CB  1 
ATOM   691  C  CG  . ASP A 1 92  ? 20.859  5.403   -1.548  1.00 42.27  ? 92  ASP A CG  1 
ATOM   692  O  OD1 . ASP A 1 92  ? 21.484  6.102   -2.322  1.00 100.00 ? 92  ASP A OD1 1 
ATOM   693  O  OD2 . ASP A 1 92  ? 20.309  5.835   -0.440  1.00 100.00 ? 92  ASP A OD2 1 
ATOM   694  N  N   . ASP A 1 93  ? 19.089  1.818   -4.252  1.00 25.66  ? 93  ASP A N   1 
ATOM   695  C  CA  . ASP A 1 93  ? 19.456  0.781   -5.199  1.00 23.44  ? 93  ASP A CA  1 
ATOM   696  C  C   . ASP A 1 93  ? 18.707  0.931   -6.499  1.00 32.20  ? 93  ASP A C   1 
ATOM   697  O  O   . ASP A 1 93  ? 17.510  0.669   -6.612  1.00 27.49  ? 93  ASP A O   1 
ATOM   698  C  CB  . ASP A 1 93  ? 19.318  -0.630  -4.621  1.00 28.13  ? 93  ASP A CB  1 
ATOM   699  C  CG  . ASP A 1 93  ? 19.494  -1.799  -5.569  1.00 40.28  ? 93  ASP A CG  1 
ATOM   700  O  OD1 . ASP A 1 93  ? 19.925  -1.501  -6.775  1.00 26.21  ? 93  ASP A OD1 1 
ATOM   701  O  OD2 . ASP A 1 93  ? 19.258  -2.947  -5.224  1.00 42.03  ? 93  ASP A OD2 1 
ATOM   702  N  N   . LYS A 1 94  ? 19.475  1.335   -7.487  1.00 28.98  ? 94  LYS A N   1 
ATOM   703  C  CA  . LYS A 1 94  ? 18.975  1.555   -8.812  1.00 22.01  ? 94  LYS A CA  1 
ATOM   704  C  C   . LYS A 1 94  ? 18.245  0.366   -9.369  1.00 20.72  ? 94  LYS A C   1 
ATOM   705  O  O   . LYS A 1 94  ? 17.329  0.472   -10.185 1.00 26.27  ? 94  LYS A O   1 
ATOM   706  C  CB  . LYS A 1 94  ? 20.160  1.873   -9.709  1.00 57.64  ? 94  LYS A CB  1 
ATOM   707  C  CG  . LYS A 1 94  ? 19.781  2.149   -11.156 1.00 65.71  ? 94  LYS A CG  1 
ATOM   708  C  CD  . LYS A 1 94  ? 20.997  2.289   -12.072 1.00 100.00 ? 94  LYS A CD  1 
ATOM   709  C  CE  . LYS A 1 94  ? 20.708  2.521   -13.550 1.00 100.00 ? 94  LYS A CE  1 
ATOM   710  N  NZ  . LYS A 1 94  ? 21.848  3.007   -14.341 1.00 100.00 ? 94  LYS A NZ  1 
ATOM   711  N  N   . GLY A 1 95  ? 18.683  -0.776  -8.904  1.00 25.43  ? 95  GLY A N   1 
ATOM   712  C  CA  . GLY A 1 95  ? 18.053  -1.962  -9.390  1.00 19.84  ? 95  GLY A CA  1 
ATOM   713  C  C   . GLY A 1 95  ? 16.951  -2.456  -8.478  1.00 35.52  ? 95  GLY A C   1 
ATOM   714  O  O   . GLY A 1 95  ? 16.494  -3.562  -8.736  1.00 27.66  ? 95  GLY A O   1 
ATOM   715  N  N   . ALA A 1 96  ? 16.553  -1.701  -7.439  1.00 23.55  ? 96  ALA A N   1 
ATOM   716  C  CA  . ALA A 1 96  ? 15.483  -2.111  -6.520  1.00 22.76  ? 96  ALA A CA  1 
ATOM   717  C  C   . ALA A 1 96  ? 14.307  -2.711  -7.286  1.00 23.41  ? 96  ALA A C   1 
ATOM   718  O  O   . ALA A 1 96  ? 13.787  -2.083  -8.200  1.00 24.80  ? 96  ALA A O   1 
ATOM   719  C  CB  . ALA A 1 96  ? 15.012  -0.924  -5.698  1.00 22.22  ? 96  ALA A CB  1 
ATOM   720  N  N   . LYS A 1 97  ? 13.906  -3.933  -6.978  1.00 18.83  ? 97  LYS A N   1 
ATOM   721  C  CA  . LYS A 1 97  ? 12.804  -4.536  -7.700  1.00 14.39  ? 97  LYS A CA  1 
ATOM   722  C  C   . LYS A 1 97  ? 11.490  -4.384  -6.995  1.00 17.71  ? 97  LYS A C   1 
ATOM   723  O  O   . LYS A 1 97  ? 11.407  -4.525  -5.778  1.00 16.98  ? 97  LYS A O   1 
ATOM   724  C  CB  . LYS A 1 97  ? 12.939  -6.051  -7.814  1.00 21.44  ? 97  LYS A CB  1 
ATOM   725  C  CG  . LYS A 1 97  ? 14.110  -6.520  -8.637  1.00 35.98  ? 97  LYS A CG  1 
ATOM   726  C  CD  . LYS A 1 97  ? 14.451  -7.965  -8.332  1.00 94.00  ? 97  LYS A CD  1 
ATOM   727  C  CE  . LYS A 1 97  ? 15.159  -8.636  -9.495  1.00 100.00 ? 97  LYS A CE  1 
ATOM   728  N  NZ  . LYS A 1 97  ? 15.147  -10.103 -9.407  1.00 100.00 ? 97  LYS A NZ  1 
ATOM   729  N  N   . THR A 1 98  ? 10.462  -4.125  -7.786  1.00 18.20  ? 98  THR A N   1 
ATOM   730  C  CA  . THR A 1 98  ? 9.132   -3.967  -7.264  1.00 16.15  ? 98  THR A CA  1 
ATOM   731  C  C   . THR A 1 98  ? 8.226   -5.045  -7.835  1.00 16.93  ? 98  THR A C   1 
ATOM   732  O  O   . THR A 1 98  ? 8.344   -5.373  -9.014  1.00 20.09  ? 98  THR A O   1 
ATOM   733  C  CB  . THR A 1 98  ? 8.560   -2.578  -7.660  1.00 20.50  ? 98  THR A CB  1 
ATOM   734  O  OG1 . THR A 1 98  ? 7.278   -2.419  -7.088  1.00 14.94  ? 98  THR A OG1 1 
ATOM   735  C  CG2 . THR A 1 98  ? 8.443   -2.462  -9.171  1.00 19.01  ? 98  THR A CG2 1 
ATOM   736  N  N   . LYS A 1 99  ? 7.326   -5.618  -7.035  1.00 13.22  ? 99  LYS A N   1 
ATOM   737  C  CA  . LYS A 1 99  ? 6.414   -6.616  -7.580  1.00 15.37  ? 99  LYS A CA  1 
ATOM   738  C  C   . LYS A 1 99  ? 5.157   -5.893  -8.063  1.00 10.59  ? 99  LYS A C   1 
ATOM   739  O  O   . LYS A 1 99  ? 4.331   -6.453  -8.768  1.00 14.38  ? 99  LYS A O   1 
ATOM   740  C  CB  . LYS A 1 99  ? 6.008   -7.686  -6.590  1.00 14.96  ? 99  LYS A CB  1 
ATOM   741  C  CG  . LYS A 1 99  ? 7.035   -8.798  -6.374  1.00 27.78  ? 99  LYS A CG  1 
ATOM   742  C  CD  . LYS A 1 99  ? 6.431   -9.901  -5.525  1.00 33.09  ? 99  LYS A CD  1 
ATOM   743  C  CE  . LYS A 1 99  ? 6.748   -11.321 -5.968  1.00 63.11  ? 99  LYS A CE  1 
ATOM   744  N  NZ  . LYS A 1 99  ? 5.956   -12.328 -5.230  1.00 50.03  ? 99  LYS A NZ  1 
ATOM   745  N  N   . MET A 1 100 ? 5.004   -4.646  -7.606  1.00 8.11   ? 100 MET A N   1 
ATOM   746  C  CA  . MET A 1 100 ? 3.874   -3.795  -7.960  1.00 11.03  ? 100 MET A CA  1 
ATOM   747  C  C   . MET A 1 100 ? 4.349   -2.782  -8.983  1.00 13.60  ? 100 MET A C   1 
ATOM   748  O  O   . MET A 1 100 ? 5.064   -1.840  -8.650  1.00 13.88  ? 100 MET A O   1 
ATOM   749  C  CB  . MET A 1 100 ? 3.303   -3.036  -6.752  1.00 9.82   ? 100 MET A CB  1 
ATOM   750  C  CG  . MET A 1 100 ? 2.045   -2.272  -7.129  1.00 9.96   ? 100 MET A CG  1 
ATOM   751  S  SD  . MET A 1 100 ? 1.347   -1.441  -5.685  1.00 10.44  ? 100 MET A SD  1 
ATOM   752  C  CE  . MET A 1 100 ? 0.801   0.141   -6.376  1.00 11.62  ? 100 MET A CE  1 
ATOM   753  N  N   . THR A 1 101 ? 3.956   -2.972  -10.240 1.00 9.97   ? 101 THR A N   1 
ATOM   754  C  CA  . THR A 1 101 ? 4.350   -2.059  -11.302 1.00 12.32  ? 101 THR A CA  1 
ATOM   755  C  C   . THR A 1 101 ? 3.274   -1.012  -11.543 1.00 13.47  ? 101 THR A C   1 
ATOM   756  O  O   . THR A 1 101 ? 3.492   -0.029  -12.243 1.00 12.50  ? 101 THR A O   1 
ATOM   757  C  CB  . THR A 1 101 ? 4.563   -2.812  -12.627 1.00 10.81  ? 101 THR A CB  1 
ATOM   758  O  OG1 . THR A 1 101 ? 3.382   -3.502  -12.977 1.00 11.04  ? 101 THR A OG1 1 
ATOM   759  C  CG2 . THR A 1 101 ? 5.735   -3.784  -12.516 1.00 13.49  ? 101 THR A CG2 1 
ATOM   760  N  N   . PHE A 1 102 ? 2.096   -1.229  -10.968 1.00 9.73   ? 102 PHE A N   1 
ATOM   761  C  CA  . PHE A 1 102 ? 0.995   -0.302  -11.142 1.00 12.59  ? 102 PHE A CA  1 
ATOM   762  C  C   . PHE A 1 102 ? 1.329   1.076   -10.614 1.00 13.87  ? 102 PHE A C   1 
ATOM   763  O  O   . PHE A 1 102 ? 1.896   1.205   -9.528  1.00 14.12  ? 102 PHE A O   1 
ATOM   764  C  CB  . PHE A 1 102 ? -0.209  -0.820  -10.363 1.00 14.10  ? 102 PHE A CB  1 
ATOM   765  C  CG  . PHE A 1 102 ? -1.487  -0.149  -10.772 1.00 13.33  ? 102 PHE A CG  1 
ATOM   766  C  CD1 . PHE A 1 102 ? -2.102  -0.527  -11.968 1.00 17.57  ? 102 PHE A CD1 1 
ATOM   767  C  CD2 . PHE A 1 102 ? -2.044  0.824   -9.944  1.00 13.60  ? 102 PHE A CD2 1 
ATOM   768  C  CE1 . PHE A 1 102 ? -3.301  0.051   -12.375 1.00 16.78  ? 102 PHE A CE1 1 
ATOM   769  C  CE2 . PHE A 1 102 ? -3.237  1.428   -10.330 1.00 14.79  ? 102 PHE A CE2 1 
ATOM   770  C  CZ  . PHE A 1 102 ? -3.835  1.020   -11.526 1.00 17.89  ? 102 PHE A CZ  1 
ATOM   771  N  N   . LYS A 1 103 ? 0.972   2.102   -11.376 1.00 10.58  ? 103 LYS A N   1 
ATOM   772  C  CA  . LYS A 1 103 ? 1.251   3.465   -10.975 1.00 15.64  ? 103 LYS A CA  1 
ATOM   773  C  C   . LYS A 1 103 ? -0.035  4.251   -10.973 1.00 17.20  ? 103 LYS A C   1 
ATOM   774  O  O   . LYS A 1 103 ? -0.900  4.045   -11.822 1.00 22.17  ? 103 LYS A O   1 
ATOM   775  C  CB  . LYS A 1 103 ? 2.132   4.164   -12.009 1.00 13.48  ? 103 LYS A CB  1 
ATOM   776  C  CG  . LYS A 1 103 ? 3.465   3.475   -12.251 1.00 23.96  ? 103 LYS A CG  1 
ATOM   777  C  CD  . LYS A 1 103 ? 4.097   3.826   -13.600 1.00 28.25  ? 103 LYS A CD  1 
ATOM   778  C  CE  . LYS A 1 103 ? 4.808   2.658   -14.235 1.00 67.81  ? 103 LYS A CE  1 
ATOM   779  N  NZ  . LYS A 1 103 ? 4.435   2.410   -15.630 1.00 64.78  ? 103 LYS A NZ  1 
ATOM   780  N  N   . MET A 1 104 ? -0.134  5.167   -10.023 1.00 12.21  ? 104 MET A N   1 
ATOM   781  C  CA  . MET A 1 104 ? -1.305  6.008   -9.932  1.00 24.92  ? 104 MET A CA  1 
ATOM   782  C  C   . MET A 1 104 ? -0.846  7.451   -10.008 1.00 11.62  ? 104 MET A C   1 
ATOM   783  O  O   . MET A 1 104 ? -0.268  7.969   -9.055  1.00 19.00  ? 104 MET A O   1 
ATOM   784  C  CB  . MET A 1 104 ? -2.119  5.721   -8.666  1.00 24.12  ? 104 MET A CB  1 
ATOM   785  C  CG  . MET A 1 104 ? -3.594  5.847   -8.928  1.00 53.85  ? 104 MET A CG  1 
ATOM   786  S  SD  . MET A 1 104 ? -4.430  6.338   -7.408  1.00 68.87  ? 104 MET A SD  1 
ATOM   787  C  CE  . MET A 1 104 ? -6.151  6.190   -7.936  1.00 31.61  ? 104 MET A CE  1 
ATOM   788  N  N   . GLY A 1 105 ? -1.086  8.090   -11.151 1.00 13.17  ? 105 GLY A N   1 
ATOM   789  C  CA  . GLY A 1 105 ? -0.657  9.466   -11.362 1.00 17.58  ? 105 GLY A CA  1 
ATOM   790  C  C   . GLY A 1 105 ? -1.584  10.568  -10.889 1.00 23.27  ? 105 GLY A C   1 
ATOM   791  O  O   . GLY A 1 105 ? -1.220  11.744  -10.935 1.00 26.10  ? 105 GLY A O   1 
ATOM   792  N  N   . LYS A 1 106 ? -2.778  10.226  -10.460 1.00 14.01  ? 106 LYS A N   1 
ATOM   793  C  CA  . LYS A 1 106 ? -3.659  11.272  -10.003 1.00 19.67  ? 106 LYS A CA  1 
ATOM   794  C  C   . LYS A 1 106 ? -4.631  10.680  -8.998  1.00 17.25  ? 106 LYS A C   1 
ATOM   795  O  O   . LYS A 1 106 ? -4.832  9.469   -8.966  1.00 16.47  ? 106 LYS A O   1 
ATOM   796  C  CB  . LYS A 1 106 ? -4.394  11.952  -11.148 1.00 26.99  ? 106 LYS A CB  1 
ATOM   797  C  CG  . LYS A 1 106 ? -5.387  11.000  -11.797 1.00 22.12  ? 106 LYS A CG  1 
ATOM   798  C  CD  . LYS A 1 106 ? -6.032  11.471  -13.091 1.00 100.00 ? 106 LYS A CD  1 
ATOM   799  C  CE  . LYS A 1 106 ? -7.298  10.708  -13.456 1.00 100.00 ? 106 LYS A CE  1 
ATOM   800  N  NZ  . LYS A 1 106 ? -8.149  11.408  -14.432 1.00 100.00 ? 106 LYS A NZ  1 
ATOM   801  N  N   . ASN A 1 107 ? -5.210  11.534  -8.166  1.00 13.59  ? 107 ASN A N   1 
ATOM   802  C  CA  . ASN A 1 107 ? -6.162  11.088  -7.160  1.00 15.49  ? 107 ASN A CA  1 
ATOM   803  C  C   . ASN A 1 107 ? -5.595  10.179  -6.093  1.00 15.18  ? 107 ASN A C   1 
ATOM   804  O  O   . ASN A 1 107 ? -6.320  9.428   -5.451  1.00 16.40  ? 107 ASN A O   1 
ATOM   805  C  CB  . ASN A 1 107 ? -7.392  10.407  -7.780  1.00 10.65  ? 107 ASN A CB  1 
ATOM   806  C  CG  . ASN A 1 107 ? -8.061  11.365  -8.732  1.00 24.24  ? 107 ASN A CG  1 
ATOM   807  O  OD1 . ASN A 1 107 ? -8.196  12.562  -8.443  1.00 30.59  ? 107 ASN A OD1 1 
ATOM   808  N  ND2 . ASN A 1 107 ? -8.462  10.841  -9.886  1.00 22.81  ? 107 ASN A ND2 1 
ATOM   809  N  N   . GLN A 1 108 ? -4.279  10.269  -5.915  1.00 14.73  ? 108 GLN A N   1 
ATOM   810  C  CA  . GLN A 1 108 ? -3.594  9.459   -4.917  1.00 15.56  ? 108 GLN A CA  1 
ATOM   811  C  C   . GLN A 1 108 ? -4.125  9.723   -3.509  1.00 12.74  ? 108 GLN A C   1 
ATOM   812  O  O   . GLN A 1 108 ? -4.348  8.803   -2.734  1.00 11.77  ? 108 GLN A O   1 
ATOM   813  C  CB  . GLN A 1 108 ? -2.053  9.607   -4.967  1.00 13.26  ? 108 GLN A CB  1 
ATOM   814  C  CG  . GLN A 1 108 ? -1.408  9.293   -6.332  1.00 9.71   ? 108 GLN A CG  1 
ATOM   815  C  CD  . GLN A 1 108 ? -1.185  10.580  -7.079  1.00 14.73  ? 108 GLN A CD  1 
ATOM   816  O  OE1 . GLN A 1 108 ? -2.100  11.395  -7.218  1.00 18.06  ? 108 GLN A OE1 1 
ATOM   817  N  NE2 . GLN A 1 108 ? 0.033   10.785  -7.565  1.00 16.18  ? 108 GLN A NE2 1 
ATOM   818  N  N   . ALA A 1 109 ? -4.328  10.988  -3.165  1.00 12.96  ? 109 ALA A N   1 
ATOM   819  C  CA  . ALA A 1 109 ? -4.825  11.331  -1.843  1.00 12.96  ? 109 ALA A CA  1 
ATOM   820  C  C   . ALA A 1 109 ? -6.197  10.745  -1.514  1.00 14.37  ? 109 ALA A C   1 
ATOM   821  O  O   . ALA A 1 109 ? -6.467  10.393  -0.371  1.00 13.80  ? 109 ALA A O   1 
ATOM   822  C  CB  . ALA A 1 109 ? -4.850  12.839  -1.654  1.00 13.41  ? 109 ALA A CB  1 
ATOM   823  N  N   . ASP A 1 110 ? -7.064  10.641  -2.518  1.00 13.20  ? 110 ASP A N   1 
ATOM   824  C  CA  . ASP A 1 110 ? -8.386  10.096  -2.293  1.00 10.02  ? 110 ASP A CA  1 
ATOM   825  C  C   . ASP A 1 110 ? -8.302  8.627   -1.953  1.00 11.57  ? 110 ASP A C   1 
ATOM   826  O  O   . ASP A 1 110 ? -8.890  8.155   -0.993  1.00 11.61  ? 110 ASP A O   1 
ATOM   827  C  CB  . ASP A 1 110 ? -9.218  10.231  -3.565  1.00 9.38   ? 110 ASP A CB  1 
ATOM   828  C  CG  . ASP A 1 110 ? -9.507  11.647  -3.940  1.00 16.84  ? 110 ASP A CG  1 
ATOM   829  O  OD1 . ASP A 1 110 ? -9.471  12.500  -2.954  1.00 15.09  ? 110 ASP A OD1 1 
ATOM   830  O  OD2 . ASP A 1 110 ? -9.760  11.966  -5.080  1.00 22.24  ? 110 ASP A OD2 1 
ATOM   831  N  N   . VAL A 1 111 ? -7.548  7.892   -2.772  1.00 11.67  ? 111 VAL A N   1 
ATOM   832  C  CA  . VAL A 1 111 ? -7.427  6.477   -2.496  1.00 13.72  ? 111 VAL A CA  1 
ATOM   833  C  C   . VAL A 1 111 ? -6.768  6.272   -1.137  1.00 11.80  ? 111 VAL A C   1 
ATOM   834  O  O   . VAL A 1 111 ? -7.150  5.387   -0.374  1.00 12.03  ? 111 VAL A O   1 
ATOM   835  C  CB  . VAL A 1 111 ? -6.840  5.648   -3.641  1.00 16.21  ? 111 VAL A CB  1 
ATOM   836  C  CG1 . VAL A 1 111 ? -5.322  5.779   -3.696  1.00 14.83  ? 111 VAL A CG1 1 
ATOM   837  C  CG2 . VAL A 1 111 ? -7.231  4.187   -3.478  1.00 17.70  ? 111 VAL A CG2 1 
ATOM   838  N  N   . VAL A 1 112 ? -5.775  7.101   -0.811  1.00 9.94   ? 112 VAL A N   1 
ATOM   839  C  CA  . VAL A 1 112 ? -5.116  6.963   0.473   1.00 14.73  ? 112 VAL A CA  1 
ATOM   840  C  C   . VAL A 1 112 ? -6.085  7.256   1.617   1.00 16.84  ? 112 VAL A C   1 
ATOM   841  O  O   . VAL A 1 112 ? -6.070  6.594   2.654   1.00 12.20  ? 112 VAL A O   1 
ATOM   842  C  CB  . VAL A 1 112 ? -3.790  7.714   0.527   1.00 14.40  ? 112 VAL A CB  1 
ATOM   843  C  CG1 . VAL A 1 112 ? -3.268  7.779   1.958   1.00 14.45  ? 112 VAL A CG1 1 
ATOM   844  C  CG2 . VAL A 1 112 ? -2.783  7.016   -0.366  1.00 12.22  ? 112 VAL A CG2 1 
ATOM   845  N  N   . ALA A 1 113 ? -6.951  8.243   1.417   1.00 11.49  ? 113 ALA A N   1 
ATOM   846  C  CA  . ALA A 1 113 ? -7.937  8.598   2.427   1.00 11.21  ? 113 ALA A CA  1 
ATOM   847  C  C   . ALA A 1 113 ? -8.850  7.403   2.712   1.00 14.07  ? 113 ALA A C   1 
ATOM   848  O  O   . ALA A 1 113 ? -9.243  7.139   3.845   1.00 12.46  ? 113 ALA A O   1 
ATOM   849  C  CB  . ALA A 1 113 ? -8.761  9.800   1.975   1.00 11.25  ? 113 ALA A CB  1 
ATOM   850  N  N   . PHE A 1 114 ? -9.194  6.671   1.671   1.00 10.79  ? 114 PHE A N   1 
ATOM   851  C  CA  . PHE A 1 114 ? -10.041 5.524   1.827   1.00 10.75  ? 114 PHE A CA  1 
ATOM   852  C  C   . PHE A 1 114 ? -9.283  4.429   2.555   1.00 13.01  ? 114 PHE A C   1 
ATOM   853  O  O   . PHE A 1 114 ? -9.861  3.706   3.358   1.00 11.89  ? 114 PHE A O   1 
ATOM   854  C  CB  . PHE A 1 114 ? -10.393 5.033   0.436   1.00 11.29  ? 114 PHE A CB  1 
ATOM   855  C  CG  . PHE A 1 114 ? -11.224 3.797   0.445   1.00 10.92  ? 114 PHE A CG  1 
ATOM   856  C  CD1 . PHE A 1 114 ? -12.524 3.823   0.953   1.00 13.06  ? 114 PHE A CD1 1 
ATOM   857  C  CD2 . PHE A 1 114 ? -10.691 2.642   -0.117  1.00 7.83   ? 114 PHE A CD2 1 
ATOM   858  C  CE1 . PHE A 1 114 ? -13.324 2.678   0.927   1.00 12.40  ? 114 PHE A CE1 1 
ATOM   859  C  CE2 . PHE A 1 114 ? -11.487 1.497   -0.161  1.00 14.10  ? 114 PHE A CE2 1 
ATOM   860  C  CZ  . PHE A 1 114 ? -12.779 1.529   0.361   1.00 13.81  ? 114 PHE A CZ  1 
ATOM   861  N  N   . LEU A 1 115 ? -7.987  4.281   2.263   1.00 11.37  ? 115 LEU A N   1 
ATOM   862  C  CA  . LEU A 1 115 ? -7.221  3.264   2.951   1.00 9.34   ? 115 LEU A CA  1 
ATOM   863  C  C   . LEU A 1 115 ? -7.189  3.629   4.430   1.00 11.89  ? 115 LEU A C   1 
ATOM   864  O  O   . LEU A 1 115 ? -7.247  2.762   5.298   1.00 12.38  ? 115 LEU A O   1 
ATOM   865  C  CB  . LEU A 1 115 ? -5.785  3.229   2.418   1.00 13.46  ? 115 LEU A CB  1 
ATOM   866  C  CG  . LEU A 1 115 ? -5.750  2.720   0.988   1.00 12.06  ? 115 LEU A CG  1 
ATOM   867  C  CD1 . LEU A 1 115 ? -4.309  2.741   0.502   1.00 16.29  ? 115 LEU A CD1 1 
ATOM   868  C  CD2 . LEU A 1 115 ? -6.282  1.290   0.930   1.00 14.09  ? 115 LEU A CD2 1 
ATOM   869  N  N   . ALA A 1 116 ? -7.107  4.921   4.711   1.00 9.91   ? 116 ALA A N   1 
ATOM   870  C  CA  . ALA A 1 116 ? -7.076  5.391   6.073   1.00 11.46  ? 116 ALA A CA  1 
ATOM   871  C  C   . ALA A 1 116 ? -8.391  5.114   6.795   1.00 13.50  ? 116 ALA A C   1 
ATOM   872  O  O   . ALA A 1 116 ? -8.438  4.758   7.967   1.00 12.71  ? 116 ALA A O   1 
ATOM   873  C  CB  . ALA A 1 116 ? -6.771  6.876   6.096   1.00 9.79   ? 116 ALA A CB  1 
ATOM   874  N  N   . GLN A 1 117 ? -9.484  5.266   6.075   1.00 12.19  ? 117 GLN A N   1 
ATOM   875  C  CA  . GLN A 1 117 ? -10.771 5.015   6.655   1.00 12.47  ? 117 GLN A CA  1 
ATOM   876  C  C   . GLN A 1 117 ? -10.830 3.554   7.098   1.00 17.06  ? 117 GLN A C   1 
ATOM   877  O  O   . GLN A 1 117 ? -11.462 3.186   8.082   1.00 13.25  ? 117 GLN A O   1 
ATOM   878  C  CB  . GLN A 1 117 ? -11.820 5.323   5.572   1.00 9.34   ? 117 GLN A CB  1 
ATOM   879  C  CG  . GLN A 1 117 ? -13.223 4.764   5.880   1.00 13.76  ? 117 GLN A CG  1 
ATOM   880  C  CD  . GLN A 1 117 ? -14.251 5.169   4.846   1.00 12.89  ? 117 GLN A CD  1 
ATOM   881  O  OE1 . GLN A 1 117 ? -14.595 6.356   4.725   1.00 17.92  ? 117 GLN A OE1 1 
ATOM   882  N  NE2 . GLN A 1 117 ? -14.763 4.187   4.106   1.00 16.01  ? 117 GLN A NE2 1 
ATOM   883  N  N   . ASN A 1 118 ? -10.142 2.716   6.328   1.00 10.37  ? 118 ASN A N   1 
ATOM   884  C  CA  . ASN A 1 118 ? -10.080 1.290   6.579   1.00 10.31  ? 118 ASN A CA  1 
ATOM   885  C  C   . ASN A 1 118 ? -8.864  0.869   7.419   1.00 10.83  ? 118 ASN A C   1 
ATOM   886  O  O   . ASN A 1 118 ? -8.461  -0.293  7.390   1.00 11.52  ? 118 ASN A O   1 
ATOM   887  C  CB  . ASN A 1 118 ? -10.211 0.493   5.272   1.00 11.90  ? 118 ASN A CB  1 
ATOM   888  C  CG  . ASN A 1 118 ? -11.611 0.666   4.722   1.00 19.17  ? 118 ASN A CG  1 
ATOM   889  O  OD1 . ASN A 1 118 ? -12.571 0.105   5.276   1.00 17.62  ? 118 ASN A OD1 1 
ATOM   890  N  ND2 . ASN A 1 118 ? -11.752 1.459   3.666   1.00 18.79  ? 118 ASN A ND2 1 
ATOM   891  N  N   . SER A 1 119 ? -8.318  1.806   8.197   1.00 9.81   ? 119 SER A N   1 
ATOM   892  C  CA  . SER A 1 119 ? -7.178  1.611   9.095   1.00 8.55   ? 119 SER A CA  1 
ATOM   893  C  C   . SER A 1 119 ? -7.638  2.279   10.371  1.00 9.30   ? 119 SER A C   1 
ATOM   894  O  O   . SER A 1 119 ? -7.044  3.241   10.843  1.00 11.85  ? 119 SER A O   1 
ATOM   895  C  CB  . SER A 1 119 ? -5.944  2.328   8.569   1.00 11.24  ? 119 SER A CB  1 
ATOM   896  O  OG  . SER A 1 119 ? -5.539  1.642   7.404   1.00 11.07  ? 119 SER A OG  1 
ATOM   897  N  N   . PRO A 1 120 ? -8.736  1.745   10.906  1.00 12.95  ? 120 PRO A N   1 
ATOM   898  C  CA  . PRO A 1 120 ? -9.335  2.308   12.099  1.00 17.03  ? 120 PRO A CA  1 
ATOM   899  C  C   . PRO A 1 120 ? -8.518  2.471   13.351  1.00 25.26  ? 120 PRO A C   1 
ATOM   900  O  O   . PRO A 1 120 ? -8.731  3.384   14.154  1.00 22.04  ? 120 PRO A O   1 
ATOM   901  C  CB  . PRO A 1 120 ? -10.615 1.512   12.356  1.00 17.67  ? 120 PRO A CB  1 
ATOM   902  C  CG  . PRO A 1 120 ? -10.418 0.188   11.650  1.00 13.70  ? 120 PRO A CG  1 
ATOM   903  C  CD  . PRO A 1 120 ? -9.352  0.427   10.592  1.00 10.17  ? 120 PRO A CD  1 
ATOM   904  N  N   . ASP A 1 121 ? -7.573  1.576   13.505  1.00 15.17  ? 121 ASP A N   1 
ATOM   905  C  CA  . ASP A 1 121 ? -6.735  1.621   14.664  1.00 14.99  ? 121 ASP A CA  1 
ATOM   906  C  C   . ASP A 1 121 ? -5.410  2.248   14.353  1.00 30.49  ? 121 ASP A C   1 
ATOM   907  O  O   . ASP A 1 121 ? -4.468  2.130   15.135  1.00 29.47  ? 121 ASP A O   1 
ATOM   908  C  CB  . ASP A 1 121 ? -6.577  0.192   15.170  1.00 15.65  ? 121 ASP A CB  1 
ATOM   909  C  CG  . ASP A 1 121 ? -7.881  -0.165  15.804  1.00 17.70  ? 121 ASP A CG  1 
ATOM   910  O  OD1 . ASP A 1 121 ? -8.306  0.430   16.770  1.00 22.30  ? 121 ASP A OD1 1 
ATOM   911  O  OD2 . ASP A 1 121 ? -8.520  -1.131  15.194  1.00 19.04  ? 121 ASP A OD2 1 
ATOM   912  N  N   . ALA A 1 122 ? -5.342  2.902   13.207  1.00 19.42  ? 122 ALA A N   1 
ATOM   913  C  CA  . ALA A 1 122 ? -4.089  3.527   12.867  1.00 25.00  ? 122 ALA A CA  1 
ATOM   914  C  C   . ALA A 1 122 ? -3.857  4.588   13.924  1.00 99.25  ? 122 ALA A C   1 
ATOM   915  O  O   . ALA A 1 122 ? -4.832  5.318   14.212  1.00 62.33  ? 122 ALA A O   1 
ATOM   916  C  CB  . ALA A 1 122 ? -4.160  4.166   11.489  1.00 20.37  ? 122 ALA A CB  1 
HETATM 917  FE FE  . HEC B 2 .   ? -0.466  -2.673  -4.815  1.00 11.12  ? 130 HEC A FE  1 
HETATM 918  C  CHA . HEC B 2 .   ? 1.876   -3.733  -2.651  1.00 9.37   ? 130 HEC A CHA 1 
HETATM 919  C  CHB . HEC B 2 .   ? -1.183  -0.072  -2.809  1.00 14.03  ? 130 HEC A CHB 1 
HETATM 920  C  CHC . HEC B 2 .   ? -2.827  -1.599  -7.008  1.00 9.34   ? 130 HEC A CHC 1 
HETATM 921  C  CHD . HEC B 2 .   ? 0.121   -5.343  -6.808  1.00 11.80  ? 130 HEC A CHD 1 
HETATM 922  N  NA  . HEC B 2 .   ? 0.205   -2.008  -3.090  1.00 8.46   ? 130 HEC A NA  1 
HETATM 923  C  C1A . HEC B 2 .   ? 1.200   -2.615  -2.332  1.00 8.80   ? 130 HEC A C1A 1 
HETATM 924  C  C2A . HEC B 2 .   ? 1.408   -1.847  -1.125  1.00 10.51  ? 130 HEC A C2A 1 
HETATM 925  C  C3A . HEC B 2 .   ? 0.556   -0.806  -1.146  1.00 12.26  ? 130 HEC A C3A 1 
HETATM 926  C  C4A . HEC B 2 .   ? -0.187  -0.915  -2.361  1.00 9.42   ? 130 HEC A C4A 1 
HETATM 927  C  CMA . HEC B 2 .   ? 0.390   0.290   -0.120  1.00 10.82  ? 130 HEC A CMA 1 
HETATM 928  C  CAA . HEC B 2 .   ? 2.414   -2.184  -0.058  1.00 7.76   ? 130 HEC A CAA 1 
HETATM 929  C  CBA . HEC B 2 .   ? 1.731   -3.048  1.012   1.00 14.97  ? 130 HEC A CBA 1 
HETATM 930  C  CGA . HEC B 2 .   ? 2.569   -3.407  2.243   1.00 10.37  ? 130 HEC A CGA 1 
HETATM 931  O  O1A . HEC B 2 .   ? 2.105   -4.361  2.806   1.00 14.30  ? 130 HEC A O1A 1 
HETATM 932  O  O2A . HEC B 2 .   ? 3.558   -2.837  2.633   1.00 11.72  ? 130 HEC A O2A 1 
HETATM 933  N  NB  . HEC B 2 .   ? -1.722  -1.162  -4.926  1.00 10.52  ? 130 HEC A NB  1 
HETATM 934  C  C1B . HEC B 2 .   ? -1.891  -0.231  -3.948  1.00 9.51   ? 130 HEC A C1B 1 
HETATM 935  C  C2B . HEC B 2 .   ? -2.926  0.666   -4.363  1.00 9.38   ? 130 HEC A C2B 1 
HETATM 936  C  C3B . HEC B 2 .   ? -3.361  0.233   -5.536  1.00 12.95  ? 130 HEC A C3B 1 
HETATM 937  C  C4B . HEC B 2 .   ? -2.608  -0.893  -5.883  1.00 11.42  ? 130 HEC A C4B 1 
HETATM 938  C  CMB . HEC B 2 .   ? -3.357  1.893   -3.539  1.00 9.42   ? 130 HEC A CMB 1 
HETATM 939  C  CAB . HEC B 2 .   ? -4.348  0.911   -6.399  1.00 15.18  ? 130 HEC A CAB 1 
HETATM 940  C  CBB . HEC B 2 .   ? -4.167  2.333   -6.846  1.00 10.36  ? 130 HEC A CBB 1 
HETATM 941  N  NC  . HEC B 2 .   ? -1.185  -3.285  -6.523  1.00 10.15  ? 130 HEC A NC  1 
HETATM 942  C  C1C . HEC B 2 .   ? -2.172  -2.741  -7.300  1.00 10.49  ? 130 HEC A C1C 1 
HETATM 943  C  C2C . HEC B 2 .   ? -2.413  -3.558  -8.470  1.00 10.71  ? 130 HEC A C2C 1 
HETATM 944  C  C3C . HEC B 2 .   ? -1.583  -4.621  -8.394  1.00 10.48  ? 130 HEC A C3C 1 
HETATM 945  C  C4C . HEC B 2 .   ? -0.840  -4.455  -7.184  1.00 8.19   ? 130 HEC A C4C 1 
HETATM 946  C  CMC . HEC B 2 .   ? -3.425  -3.242  -9.566  1.00 13.40  ? 130 HEC A CMC 1 
HETATM 947  C  CAC . HEC B 2 .   ? -1.424  -5.789  -9.330  1.00 12.59  ? 130 HEC A CAC 1 
HETATM 948  C  CBC . HEC B 2 .   ? -1.569  -5.817  -10.818 1.00 9.65   ? 130 HEC A CBC 1 
HETATM 949  N  ND  . HEC B 2 .   ? 0.783   -4.217  -4.766  1.00 11.41  ? 130 HEC A ND  1 
HETATM 950  C  C1D . HEC B 2 .   ? 0.856   -5.228  -5.689  1.00 8.97   ? 130 HEC A C1D 1 
HETATM 951  C  C2D . HEC B 2 .   ? 1.875   -6.173  -5.269  1.00 8.71   ? 130 HEC A C2D 1 
HETATM 952  C  C3D . HEC B 2 .   ? 2.334   -5.705  -4.093  1.00 8.09   ? 130 HEC A C3D 1 
HETATM 953  C  C4D . HEC B 2 .   ? 1.675   -4.487  -3.789  1.00 13.02  ? 130 HEC A C4D 1 
HETATM 954  C  CMD . HEC B 2 .   ? 2.304   -7.413  -6.021  1.00 11.55  ? 130 HEC A CMD 1 
HETATM 955  C  CAD . HEC B 2 .   ? 3.461   -6.262  -3.312  1.00 11.73  ? 130 HEC A CAD 1 
HETATM 956  C  CBD . HEC B 2 .   ? 4.667   -5.413  -3.822  1.00 14.11  ? 130 HEC A CBD 1 
HETATM 957  C  CGD . HEC B 2 .   ? 6.032   -5.941  -3.591  1.00 21.69  ? 130 HEC A CGD 1 
HETATM 958  O  O1D . HEC B 2 .   ? 6.286   -6.921  -2.933  1.00 12.72  ? 130 HEC A O1D 1 
HETATM 959  O  O2D . HEC B 2 .   ? 6.948   -5.264  -4.126  1.00 13.49  ? 130 HEC A O2D 1 
HETATM 960  O  O   . HOH C 3 .   ? -4.737  14.827  -8.151  1.00 40.38  ? 131 HOH A O   1 
HETATM 961  O  O   . HOH C 3 .   ? -11.881 -7.641  13.010  1.00 40.04  ? 132 HOH A O   1 
HETATM 962  O  O   . HOH C 3 .   ? -1.238  0.897   12.907  1.00 41.21  ? 133 HOH A O   1 
HETATM 963  O  O   . HOH C 3 .   ? 3.333   -9.407  10.665  1.00 36.48  ? 134 HOH A O   1 
HETATM 964  O  O   . HOH C 3 .   ? 9.709   -5.298  -3.706  1.00 13.66  ? 135 HOH A O   1 
HETATM 965  O  O   . HOH C 3 .   ? 2.737   -3.908  5.475   1.00 13.69  ? 136 HOH A O   1 
HETATM 966  O  O   . HOH C 3 .   ? 15.682  -5.337  -5.340  1.00 23.34  ? 137 HOH A O   1 
HETATM 967  O  O   . HOH C 3 .   ? 1.515   -6.780  -9.562  1.00 16.04  ? 138 HOH A O   1 
HETATM 968  O  O   . HOH C 3 .   ? -9.866  9.106   5.632   1.00 24.07  ? 139 HOH A O   1 
HETATM 969  O  O   . HOH C 3 .   ? -13.951 8.347   6.570   1.00 28.49  ? 140 HOH A O   1 
HETATM 970  O  O   . HOH C 3 .   ? -13.946 -0.104  -4.513  1.00 25.74  ? 141 HOH A O   1 
HETATM 971  O  O   . HOH C 3 .   ? -17.912 5.911   -2.827  1.00 33.02  ? 142 HOH A O   1 
HETATM 972  O  O   . HOH C 3 .   ? -5.116  -8.929  -1.234  1.00 13.10  ? 143 HOH A O   1 
HETATM 973  O  O   . HOH C 3 .   ? -3.393  0.474   11.149  1.00 19.61  ? 144 HOH A O   1 
HETATM 974  O  O   . HOH C 3 .   ? 6.834   -2.422  -4.320  1.00 14.03  ? 145 HOH A O   1 
HETATM 975  O  O   . HOH C 3 .   ? 1.350   11.592  6.327   1.00 24.92  ? 146 HOH A O   1 
HETATM 976  O  O   . HOH C 3 .   ? -14.985 -6.077  -5.212  1.00 39.79  ? 147 HOH A O   1 
HETATM 977  O  O   . HOH C 3 .   ? 6.419   9.964   -6.768  1.00 13.22  ? 148 HOH A O   1 
HETATM 978  O  O   . HOH C 3 .   ? -6.217  -0.248  11.674  1.00 14.08  ? 149 HOH A O   1 
HETATM 979  O  O   . HOH C 3 .   ? -16.258 12.202  1.419   1.00 21.17  ? 150 HOH A O   1 
HETATM 980  O  O   . HOH C 3 .   ? -17.201 10.121  2.879   1.00 20.50  ? 151 HOH A O   1 
HETATM 981  O  O   . HOH C 3 .   ? -8.709  -3.489  -10.309 1.00 21.86  ? 152 HOH A O   1 
HETATM 982  O  O   . HOH C 3 .   ? -2.161  -12.433 -0.826  1.00 36.58  ? 153 HOH A O   1 
HETATM 983  O  O   . HOH C 3 .   ? 6.937   -9.836  5.937   1.00 40.87  ? 154 HOH A O   1 
HETATM 984  O  O   . HOH C 3 .   ? 7.300   -7.753  9.632   1.00 20.82  ? 155 HOH A O   1 
HETATM 985  O  O   . HOH C 3 .   ? 9.817   -1.208  8.329   1.00 16.75  ? 156 HOH A O   1 
HETATM 986  O  O   . HOH C 3 .   ? 4.978   15.895  -2.334  1.00 35.89  ? 157 HOH A O   1 
HETATM 987  O  O   . HOH C 3 .   ? 4.122   16.666  1.496   1.00 36.96  ? 158 HOH A O   1 
HETATM 988  O  O   . HOH C 3 .   ? 2.973   7.896   -12.193 1.00 26.44  ? 159 HOH A O   1 
HETATM 989  O  O   . HOH C 3 .   ? -7.797  -2.433  13.010  1.00 22.00  ? 160 HOH A O   1 
HETATM 990  O  O   . HOH C 3 .   ? -16.260 7.304   2.699   1.00 18.69  ? 161 HOH A O   1 
HETATM 991  O  O   . HOH C 3 .   ? -4.745  -6.352  6.633   1.00 27.21  ? 162 HOH A O   1 
HETATM 992  O  O   . HOH C 3 .   ? 8.606   -5.639  7.920   1.00 21.33  ? 163 HOH A O   1 
HETATM 993  O  O   . HOH C 3 .   ? 12.526  -7.007  5.717   1.00 32.69  ? 164 HOH A O   1 
HETATM 994  O  O   . HOH C 3 .   ? 1.834   2.558   13.727  1.00 36.48  ? 165 HOH A O   1 
HETATM 995  O  O   . HOH C 3 .   ? 2.097   5.574   10.498  1.00 42.27  ? 166 HOH A O   1 
HETATM 996  O  O   . HOH C 3 .   ? 1.410   -4.308  -10.133 1.00 14.55  ? 167 HOH A O   1 
HETATM 997  O  O   . HOH C 3 .   ? -6.669  -13.390 -7.206  1.00 26.44  ? 168 HOH A O   1 
HETATM 998  O  O   . HOH C 3 .   ? -5.008  11.347  1.983   1.00 50.27  ? 169 HOH A O   1 
HETATM 999  O  O   . HOH C 3 .   ? -11.655 -10.749 -0.518  1.00 31.10  ? 170 HOH A O   1 
HETATM 1000 O  O   . HOH C 3 .   ? -6.696  -7.860  8.240   1.00 27.29  ? 171 HOH A O   1 
HETATM 1001 O  O   . HOH C 3 .   ? -16.672 -5.701  -2.285  1.00 34.77  ? 172 HOH A O   1 
HETATM 1002 O  O   . HOH C 3 .   ? 7.936   -11.813 2.194   1.00 39.41  ? 173 HOH A O   1 
HETATM 1003 O  O   . HOH C 3 .   ? 2.152   -13.917 -1.365  1.00 35.08  ? 174 HOH A O   1 
HETATM 1004 O  O   . HOH C 3 .   ? -1.475  14.521  -10.732 1.00 47.22  ? 175 HOH A O   1 
HETATM 1005 O  O   . HOH C 3 .   ? -10.319 15.252  -3.129  1.00 36.77  ? 176 HOH A O   1 
HETATM 1006 O  O   . HOH C 3 .   ? -9.930  -14.678 2.105   1.00 51.43  ? 177 HOH A O   1 
HETATM 1007 O  O   . HOH C 3 .   ? -12.030 3.540   -10.750 1.00 40.31  ? 178 HOH A O   1 
HETATM 1008 O  O   . HOH C 3 .   ? -8.301  -11.268 7.440   1.00 47.40  ? 179 HOH A O   1 
HETATM 1009 O  O   . HOH C 3 .   ? -11.981 -3.294  12.490  1.00 32.15  ? 180 HOH A O   1 
HETATM 1010 O  O   . HOH C 3 .   ? -17.501 -10.969 5.002   1.00 44.81  ? 181 HOH A O   1 
HETATM 1011 O  O   . HOH C 3 .   ? -3.351  -9.184  -11.122 1.00 25.58  ? 182 HOH A O   1 
HETATM 1012 O  O   . HOH C 3 .   ? 15.504  -7.877  0.250   1.00 35.81  ? 183 HOH A O   1 
HETATM 1013 O  O   . HOH C 3 .   ? 12.681  -4.346  9.523   1.00 24.23  ? 184 HOH A O   1 
HETATM 1014 O  O   . HOH C 3 .   ? -0.151  2.568   -7.850  1.00 23.63  ? 185 HOH A O   1 
HETATM 1015 O  O   . HOH C 3 .   ? 9.528   0.682   -15.816 1.00 51.59  ? 186 HOH A O   1 
HETATM 1016 O  O   . HOH C 3 .   ? 11.346  -3.768  -10.685 1.00 35.59  ? 187 HOH A O   1 
HETATM 1017 O  O   . HOH C 3 .   ? 2.115   -11.582 -5.637  1.00 41.06  ? 188 HOH A O   1 
HETATM 1018 O  O   . HOH C 3 .   ? -12.820 11.907  3.356   1.00 32.00  ? 189 HOH A O   1 
HETATM 1019 O  O   . HOH C 3 .   ? -16.759 4.047   2.662   1.00 43.99  ? 190 HOH A O   1 
HETATM 1020 O  O   . HOH C 3 .   ? -15.059 1.230   4.231   1.00 28.18  ? 191 HOH A O   1 
HETATM 1021 O  O   . HOH C 3 .   ? -16.383 0.585   2.010   1.00 33.35  ? 192 HOH A O   1 
HETATM 1022 O  O   . HOH C 3 .   ? -16.345 -0.383  6.183   1.00 40.95  ? 193 HOH A O   1 
HETATM 1023 O  O   . HOH C 3 .   ? -17.596 1.765   -6.832  1.00 47.85  ? 194 HOH A O   1 
HETATM 1024 O  O   . HOH C 3 .   ? -15.254 3.300   -11.672 1.00 86.05  ? 195 HOH A O   1 
HETATM 1025 O  O   . HOH C 3 .   ? -11.149 10.838  -7.187  1.00 31.91  ? 196 HOH A O   1 
HETATM 1026 O  O   . HOH C 3 .   ? -2.237  -7.948  6.231   1.00 25.43  ? 197 HOH A O   1 
HETATM 1027 O  O   . HOH C 3 .   ? 9.583   -12.761 -0.119  1.00 36.66  ? 198 HOH A O   1 
HETATM 1028 O  O   . HOH C 3 .   ? 11.332  -11.527 -1.974  1.00 56.40  ? 199 HOH A O   1 
HETATM 1029 O  O   . HOH C 3 .   ? 6.639   6.049   9.502   1.00 34.30  ? 200 HOH A O   1 
HETATM 1030 O  O   . HOH C 3 .   ? 7.067   7.891   7.060   1.00 46.28  ? 201 HOH A O   1 
HETATM 1031 O  O   . HOH C 3 .   ? 10.443  -7.094  -14.497 1.00 33.27  ? 202 HOH A O   1 
HETATM 1032 O  O   . HOH C 3 .   ? 2.709   10.688  -11.842 1.00 26.72  ? 203 HOH A O   1 
HETATM 1033 O  O   . HOH C 3 .   ? 0.779   12.870  -9.554  1.00 32.34  ? 204 HOH A O   1 
HETATM 1034 O  O   . HOH C 3 .   ? -11.609 -1.433  15.007  1.00 43.97  ? 205 HOH A O   1 
HETATM 1035 O  O   . HOH C 3 .   ? 10.059  -7.481  6.583   1.00 29.15  ? 206 HOH A O   1 
HETATM 1036 O  O   . HOH C 3 .   ? -4.808  -10.664 5.512   1.00 50.36  ? 207 HOH A O   1 
HETATM 1037 O  O   . HOH C 3 .   ? -2.920  -5.157  8.630   1.00 37.84  ? 208 HOH A O   1 
HETATM 1038 O  O   . HOH C 3 .   ? -0.554  -9.828  8.819   1.00 43.62  ? 209 HOH A O   1 
HETATM 1039 O  O   . HOH C 3 .   ? 11.656  -9.686  -6.038  1.00 38.47  ? 210 HOH A O   1 
HETATM 1040 O  O   . HOH C 3 .   ? 3.158   12.474  -0.426  1.00 31.70  ? 211 HOH A O   1 
HETATM 1041 O  O   . HOH C 3 .   ? 7.062   7.343   -6.268  1.00 10.57  ? 212 HOH A O   1 
HETATM 1042 O  O   . HOH C 3 .   ? -0.690  -13.131 3.213   1.00 41.53  ? 213 HOH A O   1 
HETATM 1043 O  O   . HOH C 3 .   ? -8.868  -10.755 -8.762  1.00 76.95  ? 214 HOH A O   1 
HETATM 1044 O  O   . HOH C 3 .   ? -4.145  -10.866 0.713   1.00 43.49  ? 215 HOH A O   1 
HETATM 1045 O  O   . HOH C 3 .   ? 8.152   -7.449  -11.527 1.00 47.76  ? 216 HOH A O   1 
HETATM 1046 O  O   . HOH C 3 .   ? -15.587 18.039  -4.090  1.00 37.53  ? 217 HOH A O   1 
HETATM 1047 O  O   . HOH C 3 .   ? -11.159 -7.585  -9.136  1.00 45.08  ? 218 HOH A O   1 
HETATM 1048 O  O   . HOH C 3 .   ? 3.257   -10.830 -8.892  1.00 40.19  ? 219 HOH A O   1 
HETATM 1049 O  O   . HOH C 3 .   ? 16.597  3.605   3.538   1.00 47.57  ? 220 HOH A O   1 
HETATM 1050 O  O   . HOH C 3 .   ? 12.180  5.386   7.743   1.00 72.76  ? 221 HOH A O   1 
HETATM 1051 O  O   . HOH C 3 .   ? -0.233  -13.681 -3.398  1.00 56.53  ? 222 HOH A O   1 
HETATM 1052 O  O   . HOH C 3 .   ? 5.606   5.732   5.720   1.00 31.33  ? 223 HOH A O   1 
HETATM 1053 O  O   . HOH C 3 .   ? 10.367  10.014  1.925   1.00 66.77  ? 224 HOH A O   1 
HETATM 1054 O  O   . HOH C 3 .   ? 16.472  6.804   1.651   1.00 64.76  ? 225 HOH A O   1 
HETATM 1055 O  O   . HOH C 3 .   ? -17.697 -6.582  0.402   1.00 47.36  ? 226 HOH A O   1 
HETATM 1056 O  O   . HOH C 3 .   ? -15.065 13.838  2.935   1.00 61.55  ? 227 HOH A O   1 
HETATM 1057 O  O   . HOH C 3 .   ? -7.105  8.419   -10.606 1.00 53.46  ? 228 HOH A O   1 
HETATM 1058 O  O   . HOH C 3 .   ? -18.826 -11.434 1.883   1.00 75.55  ? 229 HOH A O   1 
HETATM 1059 O  O   . HOH C 3 .   ? 8.038   8.071   1.628   1.00 53.18  ? 230 HOH A O   1 
HETATM 1060 O  O   . HOH C 3 .   ? 9.265   -3.152  -13.053 1.00 48.70  ? 231 HOH A O   1 
HETATM 1061 O  O   . HOH C 3 .   ? 17.096  -3.305  -3.832  1.00 52.32  ? 232 HOH A O   1 
HETATM 1062 O  O   . HOH C 3 .   ? -9.450  -13.465 -3.833  1.00 59.84  ? 233 HOH A O   1 
# 
